data_7HMA
# 
_entry.id   7HMA 
# 
_audit_conform.dict_name       mmcif_pdbx.dic 
_audit_conform.dict_version    5.399 
_audit_conform.dict_location   http://mmcif.pdb.org/dictionaries/ascii/mmcif_pdbx.dic 
# 
loop_
_database_2.database_id 
_database_2.database_code 
_database_2.pdbx_database_accession 
_database_2.pdbx_DOI 
PDB   7HMA         pdb_00007hma 10.2210/pdb7hma/pdb 
WWPDB D_1001407652 ?            ?                   
# 
_pdbx_audit_revision_history.ordinal             1 
_pdbx_audit_revision_history.data_content_type   'Structure model' 
_pdbx_audit_revision_history.major_revision      1 
_pdbx_audit_revision_history.minor_revision      0 
_pdbx_audit_revision_history.revision_date       2024-11-27 
# 
_pdbx_audit_revision_details.ordinal             1 
_pdbx_audit_revision_details.revision_ordinal    1 
_pdbx_audit_revision_details.data_content_type   'Structure model' 
_pdbx_audit_revision_details.provider            repository 
_pdbx_audit_revision_details.type                'Initial release' 
_pdbx_audit_revision_details.description         ? 
_pdbx_audit_revision_details.details             ? 
# 
_pdbx_database_status.entry_id                        7HMA 
_pdbx_database_status.status_code                     REL 
_pdbx_database_status.status_code_sf                  REL 
_pdbx_database_status.status_code_mr                  ? 
_pdbx_database_status.status_code_cs                  ? 
_pdbx_database_status.recvd_initial_deposition_date   2024-11-04 
_pdbx_database_status.status_code_nmr_data            ? 
_pdbx_database_status.deposit_site                    RCSB 
_pdbx_database_status.process_site                    RCSB 
_pdbx_database_status.SG_entry                        ? 
_pdbx_database_status.pdb_format_compatible           Y 
_pdbx_database_status.methods_development_category    ? 
# 
_pdbx_contact_author.id                 1 
_pdbx_contact_author.email              knapp@pharmchem.uni-frankfurt.de 
_pdbx_contact_author.name_first         Stefan 
_pdbx_contact_author.name_last          Knapp 
_pdbx_contact_author.role               'principal investigator/group leader' 
_pdbx_contact_author.identifier_ORCID   0000-0001-5995-6494 
_pdbx_contact_author.name_mi            ? 
# 
loop_
_audit_author.name 
_audit_author.pdbx_ordinal 
'Kim, Y.'                              1 
'Marples, P.'                          2 
'Fearon, D.'                           3 
'von Delft, F.'                        4 
'Knapp, S.'                            5 
'Kraemer, A.'                          6 
'Structural Genomics Consortium (SGC)' 7 
# 
_citation.id                        primary 
_citation.title                     'PanDDA analysis group deposition' 
_citation.journal_abbrev            'To Be Published' 
_citation.journal_volume            ? 
_citation.page_first                ? 
_citation.page_last                 ? 
_citation.year                      ? 
_citation.journal_id_ASTM           ? 
_citation.country                   ? 
_citation.journal_id_ISSN           ? 
_citation.journal_id_CSD            0353 
_citation.book_publisher            ? 
_citation.pdbx_database_id_PubMed   ? 
_citation.pdbx_database_id_DOI      ? 
# 
loop_
_citation_author.citation_id 
_citation_author.name 
_citation_author.identifier_ORCID 
_citation_author.ordinal 
primary 'Kim, Y.'                              ? 1 
primary 'Marples, P.'                          ? 2 
primary 'Fearon, D.'                           ? 3 
primary 'von Delft, F.'                        ? 4 
primary 'Knapp, S.'                            ? 5 
primary 'Kraemer, A.'                          ? 6 
primary 'Structural Genomics Consortium (SGC)' ? 7 
# 
loop_
_entity.id 
_entity.type 
_entity.src_method 
_entity.pdbx_description 
_entity.formula_weight 
_entity.pdbx_number_of_molecules 
_entity.pdbx_ec 
_entity.pdbx_mutation 
_entity.pdbx_fragment 
_entity.details 
1 polymer     man 'E3 ubiquitin-protein ligase TRIM21'       21596.361 1  2.3.2.27 ? ? ? 
2 non-polymer syn 1,2-ETHANEDIOL                             62.068    2  ?        ? ? ? 
3 non-polymer syn '1-[2-(trifluoromethyloxy)phenyl]thiourea' 236.214   1  ?        ? ? ? 
4 non-polymer syn 'SULFATE ION'                              96.063    1  ?        ? ? ? 
5 water       nat water                                      18.015    35 ?        ? ? ? 
# 
_entity_name_com.entity_id   1 
_entity_name_com.name        
;52 kDa Ro protein,52 kDa ribonucleoprotein autoantigen Ro/SS-A,Ro(SS-A),Sjoegren syndrome type A antigen,SS-A,Tripartite motif-containing protein 21
;
# 
_entity_poly.entity_id                      1 
_entity_poly.type                           'polypeptide(L)' 
_entity_poly.nstd_linkage                   no 
_entity_poly.nstd_monomer                   no 
_entity_poly.pdbx_seq_one_letter_code       
;MHHHHHHMVHITLDRNTANSWLIISKDRRQVRMGDTHQNVSDNKERFSNYPMVLGAQRFSSGKMYWEVDVTQKEAWDLGV
CRDSVQRKGQFSLSPENGFWTIWLWQDSYEAGTSPQTTLHIQVPPCQIGIFVDYEAGVVSFYNITDHGSLIYTFSECVFA
GPLRPFFNVGFNYSGGNAAPLKLCPLKM
;
_entity_poly.pdbx_seq_one_letter_code_can   
;MHHHHHHMVHITLDRNTANSWLIISKDRRQVRMGDTHQNVSDNKERFSNYPMVLGAQRFSSGKMYWEVDVTQKEAWDLGV
CRDSVQRKGQFSLSPENGFWTIWLWQDSYEAGTSPQTTLHIQVPPCQIGIFVDYEAGVVSFYNITDHGSLIYTFSECVFA
GPLRPFFNVGFNYSGGNAAPLKLCPLKM
;
_entity_poly.pdbx_strand_id                 B 
_entity_poly.pdbx_target_identifier         ? 
# 
loop_
_pdbx_entity_nonpoly.entity_id 
_pdbx_entity_nonpoly.name 
_pdbx_entity_nonpoly.comp_id 
2 1,2-ETHANEDIOL                             EDO 
3 '1-[2-(trifluoromethyloxy)phenyl]thiourea' LV4 
4 'SULFATE ION'                              SO4 
5 water                                      HOH 
# 
loop_
_entity_poly_seq.entity_id 
_entity_poly_seq.num 
_entity_poly_seq.mon_id 
_entity_poly_seq.hetero 
1 1   MET n 
1 2   HIS n 
1 3   HIS n 
1 4   HIS n 
1 5   HIS n 
1 6   HIS n 
1 7   HIS n 
1 8   MET n 
1 9   VAL n 
1 10  HIS n 
1 11  ILE n 
1 12  THR n 
1 13  LEU n 
1 14  ASP n 
1 15  ARG n 
1 16  ASN n 
1 17  THR n 
1 18  ALA n 
1 19  ASN n 
1 20  SER n 
1 21  TRP n 
1 22  LEU n 
1 23  ILE n 
1 24  ILE n 
1 25  SER n 
1 26  LYS n 
1 27  ASP n 
1 28  ARG n 
1 29  ARG n 
1 30  GLN n 
1 31  VAL n 
1 32  ARG n 
1 33  MET n 
1 34  GLY n 
1 35  ASP n 
1 36  THR n 
1 37  HIS n 
1 38  GLN n 
1 39  ASN n 
1 40  VAL n 
1 41  SER n 
1 42  ASP n 
1 43  ASN n 
1 44  LYS n 
1 45  GLU n 
1 46  ARG n 
1 47  PHE n 
1 48  SER n 
1 49  ASN n 
1 50  TYR n 
1 51  PRO n 
1 52  MET n 
1 53  VAL n 
1 54  LEU n 
1 55  GLY n 
1 56  ALA n 
1 57  GLN n 
1 58  ARG n 
1 59  PHE n 
1 60  SER n 
1 61  SER n 
1 62  GLY n 
1 63  LYS n 
1 64  MET n 
1 65  TYR n 
1 66  TRP n 
1 67  GLU n 
1 68  VAL n 
1 69  ASP n 
1 70  VAL n 
1 71  THR n 
1 72  GLN n 
1 73  LYS n 
1 74  GLU n 
1 75  ALA n 
1 76  TRP n 
1 77  ASP n 
1 78  LEU n 
1 79  GLY n 
1 80  VAL n 
1 81  CYS n 
1 82  ARG n 
1 83  ASP n 
1 84  SER n 
1 85  VAL n 
1 86  GLN n 
1 87  ARG n 
1 88  LYS n 
1 89  GLY n 
1 90  GLN n 
1 91  PHE n 
1 92  SER n 
1 93  LEU n 
1 94  SER n 
1 95  PRO n 
1 96  GLU n 
1 97  ASN n 
1 98  GLY n 
1 99  PHE n 
1 100 TRP n 
1 101 THR n 
1 102 ILE n 
1 103 TRP n 
1 104 LEU n 
1 105 TRP n 
1 106 GLN n 
1 107 ASP n 
1 108 SER n 
1 109 TYR n 
1 110 GLU n 
1 111 ALA n 
1 112 GLY n 
1 113 THR n 
1 114 SER n 
1 115 PRO n 
1 116 GLN n 
1 117 THR n 
1 118 THR n 
1 119 LEU n 
1 120 HIS n 
1 121 ILE n 
1 122 GLN n 
1 123 VAL n 
1 124 PRO n 
1 125 PRO n 
1 126 CYS n 
1 127 GLN n 
1 128 ILE n 
1 129 GLY n 
1 130 ILE n 
1 131 PHE n 
1 132 VAL n 
1 133 ASP n 
1 134 TYR n 
1 135 GLU n 
1 136 ALA n 
1 137 GLY n 
1 138 VAL n 
1 139 VAL n 
1 140 SER n 
1 141 PHE n 
1 142 TYR n 
1 143 ASN n 
1 144 ILE n 
1 145 THR n 
1 146 ASP n 
1 147 HIS n 
1 148 GLY n 
1 149 SER n 
1 150 LEU n 
1 151 ILE n 
1 152 TYR n 
1 153 THR n 
1 154 PHE n 
1 155 SER n 
1 156 GLU n 
1 157 CYS n 
1 158 VAL n 
1 159 PHE n 
1 160 ALA n 
1 161 GLY n 
1 162 PRO n 
1 163 LEU n 
1 164 ARG n 
1 165 PRO n 
1 166 PHE n 
1 167 PHE n 
1 168 ASN n 
1 169 VAL n 
1 170 GLY n 
1 171 PHE n 
1 172 ASN n 
1 173 TYR n 
1 174 SER n 
1 175 GLY n 
1 176 GLY n 
1 177 ASN n 
1 178 ALA n 
1 179 ALA n 
1 180 PRO n 
1 181 LEU n 
1 182 LYS n 
1 183 LEU n 
1 184 CYS n 
1 185 PRO n 
1 186 LEU n 
1 187 LYS n 
1 188 MET n 
# 
_entity_src_gen.entity_id                          1 
_entity_src_gen.pdbx_src_id                        1 
_entity_src_gen.pdbx_alt_source_flag               sample 
_entity_src_gen.pdbx_seq_type                      'Biological sequence' 
_entity_src_gen.pdbx_beg_seq_num                   1 
_entity_src_gen.pdbx_end_seq_num                   188 
_entity_src_gen.gene_src_common_name               'house mouse' 
_entity_src_gen.gene_src_genus                     ? 
_entity_src_gen.pdbx_gene_src_gene                 'Trim21, Ro52, Ssa1' 
_entity_src_gen.gene_src_species                   ? 
_entity_src_gen.gene_src_strain                    ? 
_entity_src_gen.gene_src_tissue                    ? 
_entity_src_gen.gene_src_tissue_fraction           ? 
_entity_src_gen.gene_src_details                   ? 
_entity_src_gen.pdbx_gene_src_fragment             ? 
_entity_src_gen.pdbx_gene_src_scientific_name      'Mus musculus' 
_entity_src_gen.pdbx_gene_src_ncbi_taxonomy_id     10090 
_entity_src_gen.pdbx_gene_src_variant              ? 
_entity_src_gen.pdbx_gene_src_cell_line            ? 
_entity_src_gen.pdbx_gene_src_atcc                 ? 
_entity_src_gen.pdbx_gene_src_organ                ? 
_entity_src_gen.pdbx_gene_src_organelle            ? 
_entity_src_gen.pdbx_gene_src_cell                 ? 
_entity_src_gen.pdbx_gene_src_cellular_location    ? 
_entity_src_gen.host_org_common_name               ? 
_entity_src_gen.pdbx_host_org_scientific_name      'Escherichia coli' 
_entity_src_gen.pdbx_host_org_ncbi_taxonomy_id     562 
_entity_src_gen.host_org_genus                     ? 
_entity_src_gen.pdbx_host_org_gene                 ? 
_entity_src_gen.pdbx_host_org_organ                ? 
_entity_src_gen.host_org_species                   ? 
_entity_src_gen.pdbx_host_org_tissue               ? 
_entity_src_gen.pdbx_host_org_tissue_fraction      ? 
_entity_src_gen.pdbx_host_org_strain               ? 
_entity_src_gen.pdbx_host_org_variant              ? 
_entity_src_gen.pdbx_host_org_cell_line            ? 
_entity_src_gen.pdbx_host_org_atcc                 ? 
_entity_src_gen.pdbx_host_org_culture_collection   ? 
_entity_src_gen.pdbx_host_org_cell                 ? 
_entity_src_gen.pdbx_host_org_organelle            ? 
_entity_src_gen.pdbx_host_org_cellular_location    ? 
_entity_src_gen.pdbx_host_org_vector_type          ? 
_entity_src_gen.pdbx_host_org_vector               ? 
_entity_src_gen.host_org_details                   ? 
_entity_src_gen.expression_system_id               ? 
_entity_src_gen.plasmid_name                       ? 
_entity_src_gen.plasmid_details                    ? 
_entity_src_gen.pdbx_description                   ? 
# 
loop_
_chem_comp.id 
_chem_comp.type 
_chem_comp.mon_nstd_flag 
_chem_comp.name 
_chem_comp.pdbx_synonyms 
_chem_comp.formula 
_chem_comp.formula_weight 
ALA 'L-peptide linking' y ALANINE                                    ?                 'C3 H7 N O2'      89.093  
ARG 'L-peptide linking' y ARGININE                                   ?                 'C6 H15 N4 O2 1'  175.209 
ASN 'L-peptide linking' y ASPARAGINE                                 ?                 'C4 H8 N2 O3'     132.118 
ASP 'L-peptide linking' y 'ASPARTIC ACID'                            ?                 'C4 H7 N O4'      133.103 
CYS 'L-peptide linking' y CYSTEINE                                   ?                 'C3 H7 N O2 S'    121.158 
EDO non-polymer         . 1,2-ETHANEDIOL                             'ETHYLENE GLYCOL' 'C2 H6 O2'        62.068  
GLN 'L-peptide linking' y GLUTAMINE                                  ?                 'C5 H10 N2 O3'    146.144 
GLU 'L-peptide linking' y 'GLUTAMIC ACID'                            ?                 'C5 H9 N O4'      147.129 
GLY 'peptide linking'   y GLYCINE                                    ?                 'C2 H5 N O2'      75.067  
HIS 'L-peptide linking' y HISTIDINE                                  ?                 'C6 H10 N3 O2 1'  156.162 
HOH non-polymer         . WATER                                      ?                 'H2 O'            18.015  
ILE 'L-peptide linking' y ISOLEUCINE                                 ?                 'C6 H13 N O2'     131.173 
LEU 'L-peptide linking' y LEUCINE                                    ?                 'C6 H13 N O2'     131.173 
LV4 non-polymer         . '1-[2-(trifluoromethyloxy)phenyl]thiourea' ?                 'C8 H7 F3 N2 O S' 236.214 
LYS 'L-peptide linking' y LYSINE                                     ?                 'C6 H15 N2 O2 1'  147.195 
MET 'L-peptide linking' y METHIONINE                                 ?                 'C5 H11 N O2 S'   149.211 
PHE 'L-peptide linking' y PHENYLALANINE                              ?                 'C9 H11 N O2'     165.189 
PRO 'L-peptide linking' y PROLINE                                    ?                 'C5 H9 N O2'      115.130 
SER 'L-peptide linking' y SERINE                                     ?                 'C3 H7 N O3'      105.093 
SO4 non-polymer         . 'SULFATE ION'                              ?                 'O4 S -2'         96.063  
THR 'L-peptide linking' y THREONINE                                  ?                 'C4 H9 N O3'      119.119 
TRP 'L-peptide linking' y TRYPTOPHAN                                 ?                 'C11 H12 N2 O2'   204.225 
TYR 'L-peptide linking' y TYROSINE                                   ?                 'C9 H11 N O3'     181.189 
VAL 'L-peptide linking' y VALINE                                     ?                 'C5 H11 N O2'     117.146 
# 
loop_
_pdbx_poly_seq_scheme.asym_id 
_pdbx_poly_seq_scheme.entity_id 
_pdbx_poly_seq_scheme.seq_id 
_pdbx_poly_seq_scheme.mon_id 
_pdbx_poly_seq_scheme.ndb_seq_num 
_pdbx_poly_seq_scheme.pdb_seq_num 
_pdbx_poly_seq_scheme.auth_seq_num 
_pdbx_poly_seq_scheme.pdb_mon_id 
_pdbx_poly_seq_scheme.auth_mon_id 
_pdbx_poly_seq_scheme.pdb_strand_id 
_pdbx_poly_seq_scheme.pdb_ins_code 
_pdbx_poly_seq_scheme.hetero 
A 1 1   MET 1   7   ?   ?   ?   B . n 
A 1 2   HIS 2   8   8   HIS HIS B . n 
A 1 3   HIS 3   9   9   HIS HIS B . n 
A 1 4   HIS 4   10  10  HIS HIS B . n 
A 1 5   HIS 5   11  11  HIS HIS B . n 
A 1 6   HIS 6   12  12  HIS HIS B . n 
A 1 7   HIS 7   13  13  HIS HIS B . n 
A 1 8   MET 8   14  14  MET MET B . n 
A 1 9   VAL 9   15  15  VAL VAL B . n 
A 1 10  HIS 10  16  16  HIS HIS B . n 
A 1 11  ILE 11  17  17  ILE ILE B . n 
A 1 12  THR 12  18  18  THR THR B . n 
A 1 13  LEU 13  19  19  LEU LEU B . n 
A 1 14  ASP 14  20  20  ASP ASP B . n 
A 1 15  ARG 15  21  21  ARG ARG B . n 
A 1 16  ASN 16  22  22  ASN ASN B . n 
A 1 17  THR 17  23  23  THR THR B . n 
A 1 18  ALA 18  24  24  ALA ALA B . n 
A 1 19  ASN 19  25  25  ASN ASN B . n 
A 1 20  SER 20  26  26  SER SER B . n 
A 1 21  TRP 21  27  27  TRP TRP B . n 
A 1 22  LEU 22  28  28  LEU LEU B . n 
A 1 23  ILE 23  29  29  ILE ILE B . n 
A 1 24  ILE 24  30  30  ILE ILE B . n 
A 1 25  SER 25  31  31  SER SER B . n 
A 1 26  LYS 26  32  32  LYS LYS B . n 
A 1 27  ASP 27  33  33  ASP ASP B . n 
A 1 28  ARG 28  34  34  ARG ARG B . n 
A 1 29  ARG 29  35  35  ARG ARG B . n 
A 1 30  GLN 30  36  36  GLN GLN B . n 
A 1 31  VAL 31  37  37  VAL VAL B . n 
A 1 32  ARG 32  38  38  ARG ARG B . n 
A 1 33  MET 33  39  39  MET MET B . n 
A 1 34  GLY 34  40  40  GLY GLY B . n 
A 1 35  ASP 35  41  41  ASP ASP B . n 
A 1 36  THR 36  42  42  THR THR B . n 
A 1 37  HIS 37  43  43  HIS HIS B . n 
A 1 38  GLN 38  44  44  GLN GLN B . n 
A 1 39  ASN 39  45  45  ASN ASN B . n 
A 1 40  VAL 40  46  46  VAL VAL B . n 
A 1 41  SER 41  47  47  SER SER B . n 
A 1 42  ASP 42  48  48  ASP ASP B . n 
A 1 43  ASN 43  49  49  ASN ASN B . n 
A 1 44  LYS 44  50  50  LYS LYS B . n 
A 1 45  GLU 45  51  51  GLU GLU B . n 
A 1 46  ARG 46  52  52  ARG ARG B . n 
A 1 47  PHE 47  53  53  PHE PHE B . n 
A 1 48  SER 48  54  54  SER SER B . n 
A 1 49  ASN 49  55  55  ASN ASN B . n 
A 1 50  TYR 50  56  56  TYR TYR B . n 
A 1 51  PRO 51  57  57  PRO PRO B . n 
A 1 52  MET 52  58  58  MET MET B . n 
A 1 53  VAL 53  59  59  VAL VAL B . n 
A 1 54  LEU 54  60  60  LEU LEU B . n 
A 1 55  GLY 55  61  61  GLY GLY B . n 
A 1 56  ALA 56  62  62  ALA ALA B . n 
A 1 57  GLN 57  63  63  GLN GLN B . n 
A 1 58  ARG 58  64  64  ARG ARG B . n 
A 1 59  PHE 59  65  65  PHE PHE B . n 
A 1 60  SER 60  66  66  SER SER B . n 
A 1 61  SER 61  67  67  SER SER B . n 
A 1 62  GLY 62  68  68  GLY GLY B . n 
A 1 63  LYS 63  69  69  LYS LYS B . n 
A 1 64  MET 64  70  70  MET MET B . n 
A 1 65  TYR 65  71  71  TYR TYR B . n 
A 1 66  TRP 66  72  72  TRP TRP B . n 
A 1 67  GLU 67  73  73  GLU GLU B . n 
A 1 68  VAL 68  74  74  VAL VAL B . n 
A 1 69  ASP 69  75  75  ASP ASP B . n 
A 1 70  VAL 70  76  76  VAL VAL B . n 
A 1 71  THR 71  77  77  THR THR B . n 
A 1 72  GLN 72  78  78  GLN GLN B . n 
A 1 73  LYS 73  79  79  LYS LYS B . n 
A 1 74  GLU 74  80  80  GLU GLU B . n 
A 1 75  ALA 75  81  81  ALA ALA B . n 
A 1 76  TRP 76  82  82  TRP TRP B . n 
A 1 77  ASP 77  83  83  ASP ASP B . n 
A 1 78  LEU 78  84  84  LEU LEU B . n 
A 1 79  GLY 79  85  85  GLY GLY B . n 
A 1 80  VAL 80  86  86  VAL VAL B . n 
A 1 81  CYS 81  87  87  CYS CYS B . n 
A 1 82  ARG 82  88  88  ARG ARG B . n 
A 1 83  ASP 83  89  89  ASP ASP B . n 
A 1 84  SER 84  90  90  SER SER B . n 
A 1 85  VAL 85  91  91  VAL VAL B . n 
A 1 86  GLN 86  92  92  GLN GLN B . n 
A 1 87  ARG 87  93  93  ARG ARG B . n 
A 1 88  LYS 88  94  94  LYS LYS B . n 
A 1 89  GLY 89  95  95  GLY GLY B . n 
A 1 90  GLN 90  96  96  GLN GLN B . n 
A 1 91  PHE 91  97  97  PHE PHE B . n 
A 1 92  SER 92  98  98  SER SER B . n 
A 1 93  LEU 93  99  99  LEU LEU B . n 
A 1 94  SER 94  100 100 SER SER B . n 
A 1 95  PRO 95  101 101 PRO PRO B . n 
A 1 96  GLU 96  102 102 GLU GLU B . n 
A 1 97  ASN 97  103 103 ASN ASN B . n 
A 1 98  GLY 98  104 104 GLY GLY B . n 
A 1 99  PHE 99  105 105 PHE PHE B . n 
A 1 100 TRP 100 106 106 TRP TRP B . n 
A 1 101 THR 101 107 107 THR THR B . n 
A 1 102 ILE 102 108 108 ILE ILE B . n 
A 1 103 TRP 103 109 109 TRP TRP B . n 
A 1 104 LEU 104 110 110 LEU LEU B . n 
A 1 105 TRP 105 111 111 TRP TRP B . n 
A 1 106 GLN 106 112 112 GLN GLN B . n 
A 1 107 ASP 107 113 113 ASP ASP B . n 
A 1 108 SER 108 114 114 SER SER B . n 
A 1 109 TYR 109 115 115 TYR TYR B . n 
A 1 110 GLU 110 116 116 GLU GLU B . n 
A 1 111 ALA 111 117 117 ALA ALA B . n 
A 1 112 GLY 112 118 118 GLY GLY B . n 
A 1 113 THR 113 119 119 THR THR B . n 
A 1 114 SER 114 120 120 SER SER B . n 
A 1 115 PRO 115 121 121 PRO PRO B . n 
A 1 116 GLN 116 122 122 GLN GLN B . n 
A 1 117 THR 117 123 123 THR THR B . n 
A 1 118 THR 118 124 124 THR THR B . n 
A 1 119 LEU 119 125 125 LEU LEU B . n 
A 1 120 HIS 120 126 126 HIS HIS B . n 
A 1 121 ILE 121 127 127 ILE ILE B . n 
A 1 122 GLN 122 128 128 GLN GLN B . n 
A 1 123 VAL 123 129 129 VAL VAL B . n 
A 1 124 PRO 124 130 130 PRO PRO B . n 
A 1 125 PRO 125 131 131 PRO PRO B . n 
A 1 126 CYS 126 132 132 CYS CYS B . n 
A 1 127 GLN 127 133 133 GLN GLN B . n 
A 1 128 ILE 128 134 134 ILE ILE B . n 
A 1 129 GLY 129 135 135 GLY GLY B . n 
A 1 130 ILE 130 136 136 ILE ILE B . n 
A 1 131 PHE 131 137 137 PHE PHE B . n 
A 1 132 VAL 132 138 138 VAL VAL B . n 
A 1 133 ASP 133 139 139 ASP ASP B . n 
A 1 134 TYR 134 140 140 TYR TYR B . n 
A 1 135 GLU 135 141 141 GLU GLU B . n 
A 1 136 ALA 136 142 142 ALA ALA B . n 
A 1 137 GLY 137 143 143 GLY GLY B . n 
A 1 138 VAL 138 144 144 VAL VAL B . n 
A 1 139 VAL 139 145 145 VAL VAL B . n 
A 1 140 SER 140 146 146 SER SER B . n 
A 1 141 PHE 141 147 147 PHE PHE B . n 
A 1 142 TYR 142 148 148 TYR TYR B . n 
A 1 143 ASN 143 149 149 ASN ASN B . n 
A 1 144 ILE 144 150 150 ILE ILE B . n 
A 1 145 THR 145 151 151 THR THR B . n 
A 1 146 ASP 146 152 152 ASP ASP B . n 
A 1 147 HIS 147 153 153 HIS HIS B . n 
A 1 148 GLY 148 154 154 GLY GLY B . n 
A 1 149 SER 149 155 155 SER SER B . n 
A 1 150 LEU 150 156 156 LEU LEU B . n 
A 1 151 ILE 151 157 157 ILE ILE B . n 
A 1 152 TYR 152 158 158 TYR TYR B . n 
A 1 153 THR 153 159 159 THR THR B . n 
A 1 154 PHE 154 160 160 PHE PHE B . n 
A 1 155 SER 155 161 161 SER SER B . n 
A 1 156 GLU 156 162 162 GLU GLU B . n 
A 1 157 CYS 157 163 163 CYS CYS B . n 
A 1 158 VAL 158 164 164 VAL VAL B . n 
A 1 159 PHE 159 165 165 PHE PHE B . n 
A 1 160 ALA 160 166 166 ALA ALA B . n 
A 1 161 GLY 161 167 167 GLY GLY B . n 
A 1 162 PRO 162 168 168 PRO PRO B . n 
A 1 163 LEU 163 169 169 LEU LEU B . n 
A 1 164 ARG 164 170 170 ARG ARG B . n 
A 1 165 PRO 165 171 171 PRO PRO B . n 
A 1 166 PHE 166 172 172 PHE PHE B . n 
A 1 167 PHE 167 173 173 PHE PHE B . n 
A 1 168 ASN 168 174 174 ASN ASN B . n 
A 1 169 VAL 169 175 175 VAL VAL B . n 
A 1 170 GLY 170 176 176 GLY GLY B . n 
A 1 171 PHE 171 177 177 PHE PHE B . n 
A 1 172 ASN 172 178 178 ASN ASN B . n 
A 1 173 TYR 173 179 179 TYR TYR B . n 
A 1 174 SER 174 180 180 SER SER B . n 
A 1 175 GLY 175 181 181 GLY GLY B . n 
A 1 176 GLY 176 182 182 GLY GLY B . n 
A 1 177 ASN 177 183 183 ASN ASN B . n 
A 1 178 ALA 178 184 184 ALA ALA B . n 
A 1 179 ALA 179 185 185 ALA ALA B . n 
A 1 180 PRO 180 186 186 PRO PRO B . n 
A 1 181 LEU 181 187 187 LEU LEU B . n 
A 1 182 LYS 182 188 188 LYS LYS B . n 
A 1 183 LEU 183 189 189 LEU LEU B . n 
A 1 184 CYS 184 190 190 CYS CYS B . n 
A 1 185 PRO 185 191 191 PRO PRO B . n 
A 1 186 LEU 186 192 192 LEU LEU B . n 
A 1 187 LYS 187 193 ?   ?   ?   B . n 
A 1 188 MET 188 194 ?   ?   ?   B . n 
# 
_pdbx_entity_instance_feature.ordinal        1 
_pdbx_entity_instance_feature.comp_id        LV4 
_pdbx_entity_instance_feature.asym_id        ? 
_pdbx_entity_instance_feature.seq_num        ? 
_pdbx_entity_instance_feature.auth_comp_id   LV4 
_pdbx_entity_instance_feature.auth_asym_id   ? 
_pdbx_entity_instance_feature.auth_seq_num   ? 
_pdbx_entity_instance_feature.feature_type   'SUBJECT OF INVESTIGATION' 
_pdbx_entity_instance_feature.details        ? 
# 
loop_
_pdbx_nonpoly_scheme.asym_id 
_pdbx_nonpoly_scheme.entity_id 
_pdbx_nonpoly_scheme.mon_id 
_pdbx_nonpoly_scheme.ndb_seq_num 
_pdbx_nonpoly_scheme.pdb_seq_num 
_pdbx_nonpoly_scheme.auth_seq_num 
_pdbx_nonpoly_scheme.pdb_mon_id 
_pdbx_nonpoly_scheme.auth_mon_id 
_pdbx_nonpoly_scheme.pdb_strand_id 
_pdbx_nonpoly_scheme.pdb_ins_code 
B 2 EDO 1  201 202 EDO EDO B . 
C 3 LV4 1  202 302 LV4 LIG B . 
D 2 EDO 1  203 305 EDO EDO B . 
E 4 SO4 1  204 1   SO4 SO4 B . 
F 5 HOH 1  301 63  HOH HOH B . 
F 5 HOH 2  302 99  HOH HOH B . 
F 5 HOH 3  303 3   HOH HOH B . 
F 5 HOH 4  304 27  HOH HOH B . 
F 5 HOH 5  305 90  HOH HOH B . 
F 5 HOH 6  306 95  HOH HOH B . 
F 5 HOH 7  307 31  HOH HOH B . 
F 5 HOH 8  308 100 HOH HOH B . 
F 5 HOH 9  309 27  HOH HOH B . 
F 5 HOH 10 310 126 HOH HOH B . 
F 5 HOH 11 311 22  HOH HOH B . 
F 5 HOH 12 312 1   HOH HOH B . 
F 5 HOH 13 313 66  HOH HOH B . 
F 5 HOH 14 314 50  HOH HOH B . 
F 5 HOH 15 315 28  HOH HOH B . 
F 5 HOH 16 316 59  HOH HOH B . 
F 5 HOH 17 317 304 HOH HOH B . 
F 5 HOH 18 318 14  HOH HOH B . 
F 5 HOH 19 319 4   HOH HOH B . 
F 5 HOH 20 320 25  HOH HOH B . 
F 5 HOH 21 321 85  HOH HOH B . 
F 5 HOH 22 322 24  HOH HOH B . 
F 5 HOH 23 323 45  HOH HOH B . 
F 5 HOH 24 324 264 HOH HOH B . 
F 5 HOH 25 325 137 HOH HOH B . 
F 5 HOH 26 326 8   HOH HOH B . 
F 5 HOH 27 327 23  HOH HOH B . 
F 5 HOH 28 328 30  HOH HOH B . 
F 5 HOH 29 329 120 HOH HOH B . 
F 5 HOH 30 330 9   HOH HOH B . 
F 5 HOH 31 331 41  HOH HOH B . 
F 5 HOH 32 332 53  HOH HOH B . 
F 5 HOH 33 333 5   HOH HOH B . 
F 5 HOH 34 334 107 HOH HOH B . 
F 5 HOH 35 335 259 HOH HOH B . 
# 
loop_
_pdbx_unobs_or_zero_occ_atoms.id 
_pdbx_unobs_or_zero_occ_atoms.PDB_model_num 
_pdbx_unobs_or_zero_occ_atoms.polymer_flag 
_pdbx_unobs_or_zero_occ_atoms.occupancy_flag 
_pdbx_unobs_or_zero_occ_atoms.auth_asym_id 
_pdbx_unobs_or_zero_occ_atoms.auth_comp_id 
_pdbx_unobs_or_zero_occ_atoms.auth_seq_id 
_pdbx_unobs_or_zero_occ_atoms.PDB_ins_code 
_pdbx_unobs_or_zero_occ_atoms.auth_atom_id 
_pdbx_unobs_or_zero_occ_atoms.label_alt_id 
_pdbx_unobs_or_zero_occ_atoms.label_asym_id 
_pdbx_unobs_or_zero_occ_atoms.label_comp_id 
_pdbx_unobs_or_zero_occ_atoms.label_seq_id 
_pdbx_unobs_or_zero_occ_atoms.label_atom_id 
1 1 Y 1 B LEU 192 ? CG  ? A LEU 186 CG  
2 1 Y 1 B LEU 192 ? CD1 ? A LEU 186 CD1 
3 1 Y 1 B LEU 192 ? CD2 ? A LEU 186 CD2 
# 
loop_
_software.pdbx_ordinal 
_software.name 
_software.version 
_software.date 
_software.type 
_software.contact_author 
_software.contact_author_email 
_software.classification 
_software.location 
_software.language 
_software.citation_id 
1 REFMAC      5.8.0267 ?               program 'Garib N. Murshudov' garib@ysbl.york.ac.uk    refinement        
http://www.ccp4.ac.uk/dist/html/refmac5.html        Fortran_77 ? 
2 Aimless     0.7.7    23/04/21        program 'Phil Evans'         ?                        'data scaling'    
http://www.mrc-lmb.cam.ac.uk/harry/pre/aimless.html ?          ? 
3 PDB_EXTRACT 3.23     'SEP. 23, 2016' package PDB                  deposit@deposit.rcsb.org 'data extraction' 
http://sw-tools.pdb.org/apps/PDB_EXTRACT/           C++        ? 
4 XDS         .        ?               program ?                    ?                        'data reduction'  ? ?          ? 
5 REFMAC      .        ?               program ?                    ?                        phasing           ? ?          ? 
# 
_cell.entry_id           7HMA 
_cell.length_a           95.471 
_cell.length_b           95.471 
_cell.length_c           45.711 
_cell.angle_alpha        90.000 
_cell.angle_beta         90.000 
_cell.angle_gamma        90.000 
_cell.Z_PDB              8 
_cell.pdbx_unique_axis   ? 
# 
_symmetry.entry_id                         7HMA 
_symmetry.space_group_name_H-M             'I 4' 
_symmetry.pdbx_full_space_group_name_H-M   ? 
_symmetry.cell_setting                     ? 
_symmetry.Int_Tables_number                79 
# 
_exptl.crystals_number   1 
_exptl.entry_id          7HMA 
_exptl.method            'X-RAY DIFFRACTION' 
# 
_exptl_crystal.id                    1 
_exptl_crystal.pdbx_mosaicity        0.000 
_exptl_crystal.pdbx_mosaicity_esd    ? 
_exptl_crystal.density_Matthews      2.41 
_exptl_crystal.density_diffrn        ? 
_exptl_crystal.density_meas          ? 
_exptl_crystal.density_meas_temp     ? 
_exptl_crystal.density_percent_sol   49.00 
_exptl_crystal.size_max              ? 
_exptl_crystal.size_mid              ? 
_exptl_crystal.size_min              ? 
_exptl_crystal.size_rad              ? 
_exptl_crystal.description           ? 
# 
_exptl_crystal_grow.crystal_id      1 
_exptl_crystal_grow.method          'VAPOR DIFFUSION, SITTING DROP' 
_exptl_crystal_grow.pH              8 
_exptl_crystal_grow.temp            293 
_exptl_crystal_grow.pdbx_details    '4 % PEG 400, 2 M AmmSO4, 0.1 M HEPES pH 8' 
_exptl_crystal_grow.temp_details    ? 
_exptl_crystal_grow.pdbx_pH_range   ? 
# 
_diffrn.id                     1 
_diffrn.ambient_temp           100 
_diffrn.crystal_id             1 
_diffrn.ambient_temp_details   ? 
# 
_diffrn_detector.detector               PIXEL 
_diffrn_detector.type                   'DECTRIS EIGER2 XE 9M' 
_diffrn_detector.pdbx_collection_date   2024-05-23 
_diffrn_detector.diffrn_id              1 
_diffrn_detector.details                ? 
# 
_diffrn_radiation.diffrn_id                        1 
_diffrn_radiation.wavelength_id                    1 
_diffrn_radiation.pdbx_diffrn_protocol             'SINGLE WAVELENGTH' 
_diffrn_radiation.pdbx_monochromatic_or_laue_m_l   ? 
_diffrn_radiation.monochromator                    ? 
_diffrn_radiation.pdbx_scattering_type             x-ray 
# 
_diffrn_radiation_wavelength.id           1 
_diffrn_radiation_wavelength.wavelength   0.92124 
_diffrn_radiation_wavelength.wt           1.0 
# 
_diffrn_source.diffrn_id                   1 
_diffrn_source.source                      SYNCHROTRON 
_diffrn_source.type                        'DIAMOND BEAMLINE I04-1' 
_diffrn_source.pdbx_wavelength_list        0.92124 
_diffrn_source.pdbx_synchrotron_site       Diamond 
_diffrn_source.pdbx_synchrotron_beamline   I04-1 
_diffrn_source.pdbx_wavelength             ? 
# 
_reflns.entry_id                     7HMA 
_reflns.pdbx_diffrn_id               1 
_reflns.pdbx_ordinal                 1 
_reflns.observed_criterion_sigma_I   ? 
_reflns.observed_criterion_sigma_F   ? 
_reflns.d_resolution_low             47.730 
_reflns.d_resolution_high            1.150 
_reflns.number_obs                   61858 
_reflns.number_all                   ? 
_reflns.percent_possible_obs         84.600 
_reflns.pdbx_Rmerge_I_obs            0.043 
_reflns.pdbx_Rsym_value              ? 
_reflns.pdbx_netI_over_sigmaI        26.400 
_reflns.B_iso_Wilson_estimate        ? 
_reflns.pdbx_redundancy              9.500 
_reflns.pdbx_Rrim_I_all              0.045 
_reflns.pdbx_Rpim_I_all              0.013 
_reflns.pdbx_CC_half                 0.999 
_reflns.pdbx_netI_over_av_sigmaI     ? 
_reflns.pdbx_number_measured_all     588478 
_reflns.pdbx_scaling_rejects         0 
_reflns.pdbx_chi_squared             ? 
_reflns.Rmerge_F_all                 ? 
_reflns.Rmerge_F_obs                 ? 
_reflns.observed_criterion_F_max     ? 
_reflns.observed_criterion_F_min     ? 
_reflns.observed_criterion_I_max     ? 
_reflns.observed_criterion_I_min     ? 
_reflns.pdbx_d_res_high_opt          ? 
_reflns.pdbx_d_res_low_opt           ? 
_reflns.details                      ? 
# 
loop_
_reflns_shell.pdbx_diffrn_id 
_reflns_shell.pdbx_ordinal 
_reflns_shell.d_res_high 
_reflns_shell.d_res_low 
_reflns_shell.number_measured_obs 
_reflns_shell.number_measured_all 
_reflns_shell.number_unique_obs 
_reflns_shell.pdbx_rejects 
_reflns_shell.Rmerge_I_obs 
_reflns_shell.meanI_over_sigI_obs 
_reflns_shell.pdbx_Rsym_value 
_reflns_shell.pdbx_chi_squared 
_reflns_shell.pdbx_redundancy 
_reflns_shell.percent_possible_obs 
_reflns_shell.pdbx_netI_over_sigmaI_obs 
_reflns_shell.number_possible 
_reflns_shell.number_unique_all 
_reflns_shell.Rmerge_F_all 
_reflns_shell.Rmerge_F_obs 
_reflns_shell.Rmerge_I_all 
_reflns_shell.meanI_over_sigI_all 
_reflns_shell.percent_possible_all 
_reflns_shell.pdbx_Rrim_I_all 
_reflns_shell.pdbx_Rpim_I_all 
_reflns_shell.pdbx_CC_half 
1 1 1.150 1.170  ? 470  448 ? 0.460 ? ? ? 1.000  ? 0.800  ? ? ? ? ? ? 12.500 0.651 0.460 0.471 
1 2 6.300 47.730 ? 6088 482 ? 0.054 ? ? ? 12.600 ? 88.200 ? ? ? ? ? ? 99.800 0.057 0.018 0.985 
# 
_refine.entry_id                                 7HMA 
_refine.pdbx_refine_id                           'X-RAY DIFFRACTION' 
_refine.ls_d_res_high                            1.1500 
_refine.ls_d_res_low                             47.7800 
_refine.pdbx_ls_sigma_F                          0.000 
_refine.pdbx_data_cutoff_high_absF               ? 
_refine.pdbx_data_cutoff_low_absF                ? 
_refine.ls_percent_reflns_obs                    84.6700 
_refine.ls_number_reflns_obs                     58858 
_refine.ls_number_reflns_all                     ? 
_refine.pdbx_ls_cross_valid_method               THROUGHOUT 
_refine.ls_matrix_type                           ? 
_refine.pdbx_R_Free_selection_details            RANDOM 
_refine.details                                  
'HYDROGENS HAVE BEEN ADDED IN THE RIDING POSITIONS U VALUES      : REFINED INDIVIDUALLY' 
_refine.ls_R_factor_all                          ? 
_refine.ls_R_factor_obs                          0.1769 
_refine.ls_R_factor_R_work                       0.1762 
_refine.ls_wR_factor_R_work                      ? 
_refine.ls_R_factor_R_free                       0.1891 
_refine.ls_wR_factor_R_free                      ? 
_refine.ls_percent_reflns_R_free                 4.8000 
_refine.ls_number_reflns_R_free                  3000 
_refine.ls_number_reflns_R_work                  ? 
_refine.ls_R_factor_R_free_error                 ? 
_refine.B_iso_mean                               16.4400 
_refine.solvent_model_param_bsol                 ? 
_refine.solvent_model_param_ksol                 ? 
_refine.pdbx_isotropic_thermal_model             ? 
_refine.aniso_B[1][1]                            0.0200 
_refine.aniso_B[2][2]                            0.0200 
_refine.aniso_B[3][3]                            -0.0400 
_refine.aniso_B[1][2]                            -0.0000 
_refine.aniso_B[1][3]                            -0.0000 
_refine.aniso_B[2][3]                            -0.0000 
_refine.correlation_coeff_Fo_to_Fc               0.9690 
_refine.correlation_coeff_Fo_to_Fc_free          0.9650 
_refine.overall_SU_R_Cruickshank_DPI             ? 
_refine.pdbx_overall_SU_R_free_Cruickshank_DPI   ? 
_refine.pdbx_overall_SU_R_Blow_DPI               ? 
_refine.pdbx_overall_SU_R_free_Blow_DPI          ? 
_refine.overall_SU_R_free                        ? 
_refine.pdbx_overall_ESU_R                       0.0440 
_refine.pdbx_overall_ESU_R_Free                  0.0440 
_refine.overall_SU_ML                            0.0310 
_refine.overall_SU_B                             0.7000 
_refine.solvent_model_details                    MASK 
_refine.pdbx_solvent_vdw_probe_radii             1.2000 
_refine.pdbx_solvent_ion_probe_radii             0.8000 
_refine.pdbx_solvent_shrinkage_radii             0.8000 
_refine.ls_number_parameters                     ? 
_refine.ls_number_restraints                     ? 
_refine.pdbx_starting_model                      ? 
_refine.pdbx_method_to_determine_struct          'FOURIER SYNTHESIS' 
_refine.pdbx_stereochemistry_target_values       'MAXIMUM LIKELIHOOD' 
_refine.pdbx_stereochem_target_val_spec_case     ? 
_refine.overall_FOM_work_R_set                   ? 
_refine.B_iso_max                                83.570 
_refine.B_iso_min                                7.960 
_refine.pdbx_overall_phase_error                 ? 
_refine.occupancy_max                            ? 
_refine.occupancy_min                            ? 
_refine.pdbx_diffrn_id                           1 
_refine.pdbx_TLS_residual_ADP_flag               ? 
_refine.pdbx_ls_sigma_I                          ? 
_refine.pdbx_data_cutoff_high_rms_absF           ? 
_refine.ls_R_factor_R_free_error_details         ? 
# 
_refine_hist.cycle_id                         final 
_refine_hist.pdbx_refine_id                   'X-RAY DIFFRACTION' 
_refine_hist.d_res_high                       1.1500 
_refine_hist.d_res_low                        47.7800 
_refine_hist.pdbx_number_atoms_ligand         28 
_refine_hist.number_atoms_solvent             35 
_refine_hist.number_atoms_total               1556 
_refine_hist.pdbx_number_residues_total       185 
_refine_hist.pdbx_B_iso_mean_ligand           38.40 
_refine_hist.pdbx_B_iso_mean_solvent          23.28 
_refine_hist.pdbx_number_atoms_protein        1493 
_refine_hist.pdbx_number_atoms_nucleic_acid   0 
# 
loop_
_refine_ls_restr.pdbx_refine_id 
_refine_ls_restr.type 
_refine_ls_restr.number 
_refine_ls_restr.dev_ideal 
_refine_ls_restr.dev_ideal_target 
_refine_ls_restr.weight 
_refine_ls_restr.pdbx_restraint_function 
'X-RAY DIFFRACTION' r_bond_refined_d       2147 0.013  0.014  ? ? 
'X-RAY DIFFRACTION' r_bond_other_d         1618 0.001  0.015  ? ? 
'X-RAY DIFFRACTION' r_angle_refined_deg    2553 1.894  1.641  ? ? 
'X-RAY DIFFRACTION' r_angle_other_deg      3732 1.446  1.581  ? ? 
'X-RAY DIFFRACTION' r_dihedral_angle_1_deg 241  7.270  5.000  ? ? 
'X-RAY DIFFRACTION' r_dihedral_angle_2_deg 110  28.788 21.455 ? ? 
'X-RAY DIFFRACTION' r_dihedral_angle_3_deg 291  11.585 15.000 ? ? 
'X-RAY DIFFRACTION' r_dihedral_angle_4_deg 15   22.197 15.000 ? ? 
'X-RAY DIFFRACTION' r_chiral_restr         222  0.088  0.200  ? ? 
'X-RAY DIFFRACTION' r_gen_planes_refined   2294 0.011  0.020  ? ? 
'X-RAY DIFFRACTION' r_gen_planes_other     512  0.002  0.020  ? ? 
'X-RAY DIFFRACTION' r_mcbond_it            1080 1.352  1.547  ? ? 
'X-RAY DIFFRACTION' r_mcbond_other         965  1.411  1.395  ? ? 
'X-RAY DIFFRACTION' r_mcangle_it           1153 2.294  2.104  ? ? 
# 
_refine_ls_shell.d_res_high                       1.1500 
_refine_ls_shell.d_res_low                        1.1800 
_refine_ls_shell.pdbx_total_number_of_bins_used   20 
_refine_ls_shell.percent_reflns_obs               15.6400 
_refine_ls_shell.number_reflns_R_work             809 
_refine_ls_shell.R_factor_all                     ? 
_refine_ls_shell.R_factor_R_work                  0.3120 
_refine_ls_shell.R_factor_R_free                  0.2750 
_refine_ls_shell.percent_reflns_R_free            ? 
_refine_ls_shell.number_reflns_R_free             30 
_refine_ls_shell.R_factor_R_free_error            ? 
_refine_ls_shell.number_reflns_all                839 
_refine_ls_shell.number_reflns_obs                ? 
_refine_ls_shell.pdbx_refine_id                   'X-RAY DIFFRACTION' 
# 
_struct.entry_id                  7HMA 
_struct.title                     'PanDDA analysis group deposition -- Crystal Structure of TRIM21 in complex with Z291279160' 
_struct.pdbx_model_details        ? 
_struct.pdbx_CASP_flag            ? 
_struct.pdbx_model_type_details   ? 
# 
_struct_keywords.entry_id        7HMA 
_struct_keywords.text            'SGC - Diamond I04-1 fragment screening, PanDDA, XChemExplorer, TRIM21, LIGASE' 
_struct_keywords.pdbx_keywords   LIGASE 
# 
loop_
_struct_asym.id 
_struct_asym.pdbx_blank_PDB_chainid_flag 
_struct_asym.pdbx_modified 
_struct_asym.entity_id 
_struct_asym.details 
A N N 1 ? 
B N N 2 ? 
C N N 3 ? 
D N N 2 ? 
E N N 4 ? 
F N N 5 ? 
# 
_struct_ref.id                         1 
_struct_ref.db_name                    UNP 
_struct_ref.db_code                    RO52_MOUSE 
_struct_ref.pdbx_db_accession          Q62191 
_struct_ref.pdbx_db_isoform            ? 
_struct_ref.entity_id                  1 
_struct_ref.pdbx_seq_one_letter_code   
;VHITLDRNTANSWLIISKDRRQVRMGDTHQNVSDNKERFSNYPMVLGAQRFSSGKMYWEVDVTQKEAWDLGVCRDSVQRK
GQFSLSPENGFWTIWLWQDSYEAGTSPQTTLHIQVPPCQIGIFVDYEAGVVSFYNITDHGSLIYTFSECVFAGPLRPFFN
VGFNYSGGNAAPLKLCPLKM
;
_struct_ref.pdbx_align_begin           291 
# 
_struct_ref_seq.align_id                      1 
_struct_ref_seq.ref_id                        1 
_struct_ref_seq.pdbx_PDB_id_code              7HMA 
_struct_ref_seq.pdbx_strand_id                B 
_struct_ref_seq.seq_align_beg                 9 
_struct_ref_seq.pdbx_seq_align_beg_ins_code   ? 
_struct_ref_seq.seq_align_end                 188 
_struct_ref_seq.pdbx_seq_align_end_ins_code   ? 
_struct_ref_seq.pdbx_db_accession             Q62191 
_struct_ref_seq.db_align_beg                  291 
_struct_ref_seq.pdbx_db_align_beg_ins_code    ? 
_struct_ref_seq.db_align_end                  470 
_struct_ref_seq.pdbx_db_align_end_ins_code    ? 
_struct_ref_seq.pdbx_auth_seq_align_beg       15 
_struct_ref_seq.pdbx_auth_seq_align_end       194 
# 
loop_
_struct_ref_seq_dif.align_id 
_struct_ref_seq_dif.pdbx_pdb_id_code 
_struct_ref_seq_dif.mon_id 
_struct_ref_seq_dif.pdbx_pdb_strand_id 
_struct_ref_seq_dif.seq_num 
_struct_ref_seq_dif.pdbx_pdb_ins_code 
_struct_ref_seq_dif.pdbx_seq_db_name 
_struct_ref_seq_dif.pdbx_seq_db_accession_code 
_struct_ref_seq_dif.db_mon_id 
_struct_ref_seq_dif.pdbx_seq_db_seq_num 
_struct_ref_seq_dif.details 
_struct_ref_seq_dif.pdbx_auth_seq_num 
_struct_ref_seq_dif.pdbx_ordinal 
1 7HMA MET B 1 ? UNP Q62191 ? ? 'initiating methionine' 7  1 
1 7HMA HIS B 2 ? UNP Q62191 ? ? 'expression tag'        8  2 
1 7HMA HIS B 3 ? UNP Q62191 ? ? 'expression tag'        9  3 
1 7HMA HIS B 4 ? UNP Q62191 ? ? 'expression tag'        10 4 
1 7HMA HIS B 5 ? UNP Q62191 ? ? 'expression tag'        11 5 
1 7HMA HIS B 6 ? UNP Q62191 ? ? 'expression tag'        12 6 
1 7HMA HIS B 7 ? UNP Q62191 ? ? 'expression tag'        13 7 
1 7HMA MET B 8 ? UNP Q62191 ? ? 'expression tag'        14 8 
# 
_pdbx_struct_assembly.id                   1 
_pdbx_struct_assembly.details              author_defined_assembly 
_pdbx_struct_assembly.method_details       ? 
_pdbx_struct_assembly.oligomeric_details   monomeric 
_pdbx_struct_assembly.oligomeric_count     1 
# 
_pdbx_struct_assembly_gen.assembly_id       1 
_pdbx_struct_assembly_gen.oper_expression   1 
_pdbx_struct_assembly_gen.asym_id_list      A,B,C,D,E,F 
# 
_pdbx_struct_oper_list.id                   1 
_pdbx_struct_oper_list.type                 'identity operation' 
_pdbx_struct_oper_list.name                 1_555 
_pdbx_struct_oper_list.symmetry_operation   x,y,z 
_pdbx_struct_oper_list.matrix[1][1]         1.0000000000 
_pdbx_struct_oper_list.matrix[1][2]         0.0000000000 
_pdbx_struct_oper_list.matrix[1][3]         0.0000000000 
_pdbx_struct_oper_list.vector[1]            0.0000000000 
_pdbx_struct_oper_list.matrix[2][1]         0.0000000000 
_pdbx_struct_oper_list.matrix[2][2]         1.0000000000 
_pdbx_struct_oper_list.matrix[2][3]         0.0000000000 
_pdbx_struct_oper_list.vector[2]            0.0000000000 
_pdbx_struct_oper_list.matrix[3][1]         0.0000000000 
_pdbx_struct_oper_list.matrix[3][2]         0.0000000000 
_pdbx_struct_oper_list.matrix[3][3]         1.0000000000 
_pdbx_struct_oper_list.vector[3]            0.0000000000 
# 
loop_
_struct_conf.conf_type_id 
_struct_conf.id 
_struct_conf.pdbx_PDB_helix_id 
_struct_conf.beg_label_comp_id 
_struct_conf.beg_label_asym_id 
_struct_conf.beg_label_seq_id 
_struct_conf.pdbx_beg_PDB_ins_code 
_struct_conf.end_label_comp_id 
_struct_conf.end_label_asym_id 
_struct_conf.end_label_seq_id 
_struct_conf.pdbx_end_PDB_ins_code 
_struct_conf.beg_auth_comp_id 
_struct_conf.beg_auth_asym_id 
_struct_conf.beg_auth_seq_id 
_struct_conf.end_auth_comp_id 
_struct_conf.end_auth_asym_id 
_struct_conf.end_auth_seq_id 
_struct_conf.pdbx_PDB_helix_class 
_struct_conf.details 
_struct_conf.pdbx_PDB_helix_length 
HELX_P HELX_P1 AA1 HIS A 4  ? MET A 8  ? HIS B 10  MET B 14  5 ? 5 
HELX_P HELX_P2 AA2 ASP A 14 ? ALA A 18 ? ASP B 20  ALA B 24  5 ? 5 
HELX_P HELX_P3 AA3 SER A 94 ? ASN A 97 ? SER B 100 ASN B 103 5 ? 4 
# 
_struct_conf_type.id          HELX_P 
_struct_conf_type.criteria    ? 
_struct_conf_type.reference   ? 
# 
_struct_mon_prot_cis.pdbx_id                1 
_struct_mon_prot_cis.label_comp_id          SER 
_struct_mon_prot_cis.label_seq_id           114 
_struct_mon_prot_cis.label_asym_id          A 
_struct_mon_prot_cis.label_alt_id           . 
_struct_mon_prot_cis.pdbx_PDB_ins_code      ? 
_struct_mon_prot_cis.auth_comp_id           SER 
_struct_mon_prot_cis.auth_seq_id            120 
_struct_mon_prot_cis.auth_asym_id           B 
_struct_mon_prot_cis.pdbx_label_comp_id_2   PRO 
_struct_mon_prot_cis.pdbx_label_seq_id_2    115 
_struct_mon_prot_cis.pdbx_label_asym_id_2   A 
_struct_mon_prot_cis.pdbx_PDB_ins_code_2    ? 
_struct_mon_prot_cis.pdbx_auth_comp_id_2    PRO 
_struct_mon_prot_cis.pdbx_auth_seq_id_2     121 
_struct_mon_prot_cis.pdbx_auth_asym_id_2    B 
_struct_mon_prot_cis.pdbx_PDB_model_num     1 
_struct_mon_prot_cis.pdbx_omega_angle       -0.79 
# 
loop_
_struct_sheet.id 
_struct_sheet.type 
_struct_sheet.number_strands 
_struct_sheet.details 
AA1 ? 7 ? 
AA2 ? 6 ? 
# 
loop_
_struct_sheet_order.sheet_id 
_struct_sheet_order.range_id_1 
_struct_sheet_order.range_id_2 
_struct_sheet_order.offset 
_struct_sheet_order.sense 
AA1 1 2 ? anti-parallel 
AA1 2 3 ? anti-parallel 
AA1 3 4 ? anti-parallel 
AA1 4 5 ? anti-parallel 
AA1 5 6 ? anti-parallel 
AA1 6 7 ? anti-parallel 
AA2 1 2 ? anti-parallel 
AA2 2 3 ? anti-parallel 
AA2 3 4 ? anti-parallel 
AA2 4 5 ? anti-parallel 
AA2 5 6 ? anti-parallel 
# 
loop_
_struct_sheet_range.sheet_id 
_struct_sheet_range.id 
_struct_sheet_range.beg_label_comp_id 
_struct_sheet_range.beg_label_asym_id 
_struct_sheet_range.beg_label_seq_id 
_struct_sheet_range.pdbx_beg_PDB_ins_code 
_struct_sheet_range.end_label_comp_id 
_struct_sheet_range.end_label_asym_id 
_struct_sheet_range.end_label_seq_id 
_struct_sheet_range.pdbx_end_PDB_ins_code 
_struct_sheet_range.beg_auth_comp_id 
_struct_sheet_range.beg_auth_asym_id 
_struct_sheet_range.beg_auth_seq_id 
_struct_sheet_range.end_auth_comp_id 
_struct_sheet_range.end_auth_asym_id 
_struct_sheet_range.end_auth_seq_id 
AA1 1 LEU A 22  ? ILE A 24  ? LEU B 28  ILE B 30  
AA1 2 GLN A 30  ? MET A 33  ? GLN B 36  MET B 39  
AA1 3 LEU A 181 ? LEU A 183 ? LEU B 187 LEU B 189 
AA1 4 LYS A 63  ? ASP A 69  ? LYS B 69  ASP B 75  
AA1 5 GLN A 127 ? ASP A 133 ? GLN B 133 ASP B 139 
AA1 6 VAL A 138 ? ASN A 143 ? VAL B 144 ASN B 149 
AA1 7 SER A 149 ? PHE A 154 ? SER B 155 PHE B 160 
AA2 1 MET A 52  ? LEU A 54  ? MET B 58  LEU B 60  
AA2 2 LEU A 163 ? ASN A 168 ? LEU B 169 ASN B 174 
AA2 3 TRP A 76  ? ARG A 82  ? TRP B 82  ARG B 88  
AA2 4 PHE A 99  ? TRP A 105 ? PHE B 105 TRP B 111 
AA2 5 SER A 108 ? ALA A 111 ? SER B 114 ALA B 117 
AA2 6 THR A 117 ? THR A 118 ? THR B 123 THR B 124 
# 
loop_
_pdbx_struct_sheet_hbond.sheet_id 
_pdbx_struct_sheet_hbond.range_id_1 
_pdbx_struct_sheet_hbond.range_id_2 
_pdbx_struct_sheet_hbond.range_1_label_atom_id 
_pdbx_struct_sheet_hbond.range_1_label_comp_id 
_pdbx_struct_sheet_hbond.range_1_label_asym_id 
_pdbx_struct_sheet_hbond.range_1_label_seq_id 
_pdbx_struct_sheet_hbond.range_1_PDB_ins_code 
_pdbx_struct_sheet_hbond.range_1_auth_atom_id 
_pdbx_struct_sheet_hbond.range_1_auth_comp_id 
_pdbx_struct_sheet_hbond.range_1_auth_asym_id 
_pdbx_struct_sheet_hbond.range_1_auth_seq_id 
_pdbx_struct_sheet_hbond.range_2_label_atom_id 
_pdbx_struct_sheet_hbond.range_2_label_comp_id 
_pdbx_struct_sheet_hbond.range_2_label_asym_id 
_pdbx_struct_sheet_hbond.range_2_label_seq_id 
_pdbx_struct_sheet_hbond.range_2_PDB_ins_code 
_pdbx_struct_sheet_hbond.range_2_auth_atom_id 
_pdbx_struct_sheet_hbond.range_2_auth_comp_id 
_pdbx_struct_sheet_hbond.range_2_auth_asym_id 
_pdbx_struct_sheet_hbond.range_2_auth_seq_id 
AA1 1 2 N ILE A 23  ? N ILE B 29  O ARG A 32  ? O ARG B 38  
AA1 2 3 N VAL A 31  ? N VAL B 37  O LEU A 181 ? O LEU B 187 
AA1 3 4 O LYS A 182 ? O LYS B 188 N ASP A 69  ? N ASP B 75  
AA1 4 5 N TRP A 66  ? N TRP B 72  O ILE A 130 ? O ILE B 136 
AA1 5 6 N PHE A 131 ? N PHE B 137 O SER A 140 ? O SER B 146 
AA1 6 7 N PHE A 141 ? N PHE B 147 O ILE A 151 ? O ILE B 157 
AA2 1 2 N VAL A 53  ? N VAL B 59  O PHE A 167 ? O PHE B 173 
AA2 2 3 O ARG A 164 ? O ARG B 170 N CYS A 81  ? N CYS B 87  
AA2 3 4 N VAL A 80  ? N VAL B 86  O TRP A 100 ? O TRP B 106 
AA2 4 5 N TRP A 105 ? N TRP B 111 O SER A 108 ? O SER B 114 
AA2 5 6 N ALA A 111 ? N ALA B 117 O THR A 117 ? O THR B 123 
# 
_pdbx_entry_details.entry_id                   7HMA 
_pdbx_entry_details.compound_details           ? 
_pdbx_entry_details.source_details             ? 
_pdbx_entry_details.nonpolymer_details         ? 
_pdbx_entry_details.sequence_details           ? 
_pdbx_entry_details.has_ligand_of_interest     Y 
_pdbx_entry_details.has_protein_modification   N 
# 
_pdbx_validate_rmsd_bond.id                        1 
_pdbx_validate_rmsd_bond.PDB_model_num             1 
_pdbx_validate_rmsd_bond.auth_atom_id_1            CD 
_pdbx_validate_rmsd_bond.auth_asym_id_1            B 
_pdbx_validate_rmsd_bond.auth_comp_id_1            GLU 
_pdbx_validate_rmsd_bond.auth_seq_id_1             141 
_pdbx_validate_rmsd_bond.PDB_ins_code_1            ? 
_pdbx_validate_rmsd_bond.label_alt_id_1            ? 
_pdbx_validate_rmsd_bond.auth_atom_id_2            OE1 
_pdbx_validate_rmsd_bond.auth_asym_id_2            B 
_pdbx_validate_rmsd_bond.auth_comp_id_2            GLU 
_pdbx_validate_rmsd_bond.auth_seq_id_2             141 
_pdbx_validate_rmsd_bond.PDB_ins_code_2            ? 
_pdbx_validate_rmsd_bond.label_alt_id_2            ? 
_pdbx_validate_rmsd_bond.bond_value                1.185 
_pdbx_validate_rmsd_bond.bond_target_value         1.252 
_pdbx_validate_rmsd_bond.bond_deviation            -0.067 
_pdbx_validate_rmsd_bond.bond_standard_deviation   0.011 
_pdbx_validate_rmsd_bond.linker_flag               N 
# 
loop_
_pdbx_validate_rmsd_angle.id 
_pdbx_validate_rmsd_angle.PDB_model_num 
_pdbx_validate_rmsd_angle.auth_atom_id_1 
_pdbx_validate_rmsd_angle.auth_asym_id_1 
_pdbx_validate_rmsd_angle.auth_comp_id_1 
_pdbx_validate_rmsd_angle.auth_seq_id_1 
_pdbx_validate_rmsd_angle.PDB_ins_code_1 
_pdbx_validate_rmsd_angle.label_alt_id_1 
_pdbx_validate_rmsd_angle.auth_atom_id_2 
_pdbx_validate_rmsd_angle.auth_asym_id_2 
_pdbx_validate_rmsd_angle.auth_comp_id_2 
_pdbx_validate_rmsd_angle.auth_seq_id_2 
_pdbx_validate_rmsd_angle.PDB_ins_code_2 
_pdbx_validate_rmsd_angle.label_alt_id_2 
_pdbx_validate_rmsd_angle.auth_atom_id_3 
_pdbx_validate_rmsd_angle.auth_asym_id_3 
_pdbx_validate_rmsd_angle.auth_comp_id_3 
_pdbx_validate_rmsd_angle.auth_seq_id_3 
_pdbx_validate_rmsd_angle.PDB_ins_code_3 
_pdbx_validate_rmsd_angle.label_alt_id_3 
_pdbx_validate_rmsd_angle.angle_value 
_pdbx_validate_rmsd_angle.angle_target_value 
_pdbx_validate_rmsd_angle.angle_deviation 
_pdbx_validate_rmsd_angle.angle_standard_deviation 
_pdbx_validate_rmsd_angle.linker_flag 
1 1 NE B ARG 38 ? ? CZ B ARG 38 ? ? NH2 B ARG 38 ? ? 117.16 120.30 -3.14 0.50 N 
2 1 CG B ARG 64 ? ? CD B ARG 64 ? ? NE  B ARG 64 ? ? 127.51 111.80 15.71 2.10 N 
# 
loop_
_pdbx_validate_torsion.id 
_pdbx_validate_torsion.PDB_model_num 
_pdbx_validate_torsion.auth_comp_id 
_pdbx_validate_torsion.auth_asym_id 
_pdbx_validate_torsion.auth_seq_id 
_pdbx_validate_torsion.PDB_ins_code 
_pdbx_validate_torsion.label_alt_id 
_pdbx_validate_torsion.phi 
_pdbx_validate_torsion.psi 
1 1 ASN B 45  ? ? 71.44   36.72 
2 1 ASP B 152 ? ? -104.18 51.31 
# 
_phasing.method   MR 
# 
loop_
_pdbx_unobs_or_zero_occ_residues.id 
_pdbx_unobs_or_zero_occ_residues.PDB_model_num 
_pdbx_unobs_or_zero_occ_residues.polymer_flag 
_pdbx_unobs_or_zero_occ_residues.occupancy_flag 
_pdbx_unobs_or_zero_occ_residues.auth_asym_id 
_pdbx_unobs_or_zero_occ_residues.auth_comp_id 
_pdbx_unobs_or_zero_occ_residues.auth_seq_id 
_pdbx_unobs_or_zero_occ_residues.PDB_ins_code 
_pdbx_unobs_or_zero_occ_residues.label_asym_id 
_pdbx_unobs_or_zero_occ_residues.label_comp_id 
_pdbx_unobs_or_zero_occ_residues.label_seq_id 
1 1 Y 1 B MET 7   ? A MET 1   
2 1 Y 1 B LYS 193 ? A LYS 187 
3 1 Y 1 B MET 194 ? A MET 188 
# 
loop_
_chem_comp_atom.comp_id 
_chem_comp_atom.atom_id 
_chem_comp_atom.type_symbol 
_chem_comp_atom.pdbx_aromatic_flag 
_chem_comp_atom.pdbx_stereo_config 
_chem_comp_atom.pdbx_ordinal 
ALA N    N N N 1   
ALA CA   C N S 2   
ALA C    C N N 3   
ALA O    O N N 4   
ALA CB   C N N 5   
ALA OXT  O N N 6   
ALA H    H N N 7   
ALA H2   H N N 8   
ALA HA   H N N 9   
ALA HB1  H N N 10  
ALA HB2  H N N 11  
ALA HB3  H N N 12  
ALA HXT  H N N 13  
ARG N    N N N 14  
ARG CA   C N S 15  
ARG C    C N N 16  
ARG O    O N N 17  
ARG CB   C N N 18  
ARG CG   C N N 19  
ARG CD   C N N 20  
ARG NE   N N N 21  
ARG CZ   C N N 22  
ARG NH1  N N N 23  
ARG NH2  N N N 24  
ARG OXT  O N N 25  
ARG H    H N N 26  
ARG H2   H N N 27  
ARG HA   H N N 28  
ARG HB2  H N N 29  
ARG HB3  H N N 30  
ARG HG2  H N N 31  
ARG HG3  H N N 32  
ARG HD2  H N N 33  
ARG HD3  H N N 34  
ARG HE   H N N 35  
ARG HH11 H N N 36  
ARG HH12 H N N 37  
ARG HH21 H N N 38  
ARG HH22 H N N 39  
ARG HXT  H N N 40  
ASN N    N N N 41  
ASN CA   C N S 42  
ASN C    C N N 43  
ASN O    O N N 44  
ASN CB   C N N 45  
ASN CG   C N N 46  
ASN OD1  O N N 47  
ASN ND2  N N N 48  
ASN OXT  O N N 49  
ASN H    H N N 50  
ASN H2   H N N 51  
ASN HA   H N N 52  
ASN HB2  H N N 53  
ASN HB3  H N N 54  
ASN HD21 H N N 55  
ASN HD22 H N N 56  
ASN HXT  H N N 57  
ASP N    N N N 58  
ASP CA   C N S 59  
ASP C    C N N 60  
ASP O    O N N 61  
ASP CB   C N N 62  
ASP CG   C N N 63  
ASP OD1  O N N 64  
ASP OD2  O N N 65  
ASP OXT  O N N 66  
ASP H    H N N 67  
ASP H2   H N N 68  
ASP HA   H N N 69  
ASP HB2  H N N 70  
ASP HB3  H N N 71  
ASP HD2  H N N 72  
ASP HXT  H N N 73  
CYS N    N N N 74  
CYS CA   C N R 75  
CYS C    C N N 76  
CYS O    O N N 77  
CYS CB   C N N 78  
CYS SG   S N N 79  
CYS OXT  O N N 80  
CYS H    H N N 81  
CYS H2   H N N 82  
CYS HA   H N N 83  
CYS HB2  H N N 84  
CYS HB3  H N N 85  
CYS HG   H N N 86  
CYS HXT  H N N 87  
EDO C1   C N N 88  
EDO O1   O N N 89  
EDO C2   C N N 90  
EDO O2   O N N 91  
EDO H11  H N N 92  
EDO H12  H N N 93  
EDO HO1  H N N 94  
EDO H21  H N N 95  
EDO H22  H N N 96  
EDO HO2  H N N 97  
GLN N    N N N 98  
GLN CA   C N S 99  
GLN C    C N N 100 
GLN O    O N N 101 
GLN CB   C N N 102 
GLN CG   C N N 103 
GLN CD   C N N 104 
GLN OE1  O N N 105 
GLN NE2  N N N 106 
GLN OXT  O N N 107 
GLN H    H N N 108 
GLN H2   H N N 109 
GLN HA   H N N 110 
GLN HB2  H N N 111 
GLN HB3  H N N 112 
GLN HG2  H N N 113 
GLN HG3  H N N 114 
GLN HE21 H N N 115 
GLN HE22 H N N 116 
GLN HXT  H N N 117 
GLU N    N N N 118 
GLU CA   C N S 119 
GLU C    C N N 120 
GLU O    O N N 121 
GLU CB   C N N 122 
GLU CG   C N N 123 
GLU CD   C N N 124 
GLU OE1  O N N 125 
GLU OE2  O N N 126 
GLU OXT  O N N 127 
GLU H    H N N 128 
GLU H2   H N N 129 
GLU HA   H N N 130 
GLU HB2  H N N 131 
GLU HB3  H N N 132 
GLU HG2  H N N 133 
GLU HG3  H N N 134 
GLU HE2  H N N 135 
GLU HXT  H N N 136 
GLY N    N N N 137 
GLY CA   C N N 138 
GLY C    C N N 139 
GLY O    O N N 140 
GLY OXT  O N N 141 
GLY H    H N N 142 
GLY H2   H N N 143 
GLY HA2  H N N 144 
GLY HA3  H N N 145 
GLY HXT  H N N 146 
HIS N    N N N 147 
HIS CA   C N S 148 
HIS C    C N N 149 
HIS O    O N N 150 
HIS CB   C N N 151 
HIS CG   C Y N 152 
HIS ND1  N Y N 153 
HIS CD2  C Y N 154 
HIS CE1  C Y N 155 
HIS NE2  N Y N 156 
HIS OXT  O N N 157 
HIS H    H N N 158 
HIS H2   H N N 159 
HIS HA   H N N 160 
HIS HB2  H N N 161 
HIS HB3  H N N 162 
HIS HD1  H N N 163 
HIS HD2  H N N 164 
HIS HE1  H N N 165 
HIS HE2  H N N 166 
HIS HXT  H N N 167 
HOH O    O N N 168 
HOH H1   H N N 169 
HOH H2   H N N 170 
ILE N    N N N 171 
ILE CA   C N S 172 
ILE C    C N N 173 
ILE O    O N N 174 
ILE CB   C N S 175 
ILE CG1  C N N 176 
ILE CG2  C N N 177 
ILE CD1  C N N 178 
ILE OXT  O N N 179 
ILE H    H N N 180 
ILE H2   H N N 181 
ILE HA   H N N 182 
ILE HB   H N N 183 
ILE HG12 H N N 184 
ILE HG13 H N N 185 
ILE HG21 H N N 186 
ILE HG22 H N N 187 
ILE HG23 H N N 188 
ILE HD11 H N N 189 
ILE HD12 H N N 190 
ILE HD13 H N N 191 
ILE HXT  H N N 192 
LEU N    N N N 193 
LEU CA   C N S 194 
LEU C    C N N 195 
LEU O    O N N 196 
LEU CB   C N N 197 
LEU CG   C N N 198 
LEU CD1  C N N 199 
LEU CD2  C N N 200 
LEU OXT  O N N 201 
LEU H    H N N 202 
LEU H2   H N N 203 
LEU HA   H N N 204 
LEU HB2  H N N 205 
LEU HB3  H N N 206 
LEU HG   H N N 207 
LEU HD11 H N N 208 
LEU HD12 H N N 209 
LEU HD13 H N N 210 
LEU HD21 H N N 211 
LEU HD22 H N N 212 
LEU HD23 H N N 213 
LEU HXT  H N N 214 
LV4 N1   N N N 215 
LV4 C4   C Y N 216 
LV4 C5   C Y N 217 
LV4 C6   C N N 218 
LV4 C7   C N N 219 
LV4 N    N N N 220 
LV4 C    C Y N 221 
LV4 O    O N N 222 
LV4 C1   C Y N 223 
LV4 C2   C Y N 224 
LV4 C3   C Y N 225 
LV4 F    F N N 226 
LV4 F1   F N N 227 
LV4 F2   F N N 228 
LV4 S    S N N 229 
LV4 H1   H N N 230 
LV4 H2   H N N 231 
LV4 H3   H N N 232 
LV4 H4   H N N 233 
LV4 H5   H N N 234 
LV4 H6   H N N 235 
LV4 H7   H N N 236 
LYS N    N N N 237 
LYS CA   C N S 238 
LYS C    C N N 239 
LYS O    O N N 240 
LYS CB   C N N 241 
LYS CG   C N N 242 
LYS CD   C N N 243 
LYS CE   C N N 244 
LYS NZ   N N N 245 
LYS OXT  O N N 246 
LYS H    H N N 247 
LYS H2   H N N 248 
LYS HA   H N N 249 
LYS HB2  H N N 250 
LYS HB3  H N N 251 
LYS HG2  H N N 252 
LYS HG3  H N N 253 
LYS HD2  H N N 254 
LYS HD3  H N N 255 
LYS HE2  H N N 256 
LYS HE3  H N N 257 
LYS HZ1  H N N 258 
LYS HZ2  H N N 259 
LYS HZ3  H N N 260 
LYS HXT  H N N 261 
MET N    N N N 262 
MET CA   C N S 263 
MET C    C N N 264 
MET O    O N N 265 
MET CB   C N N 266 
MET CG   C N N 267 
MET SD   S N N 268 
MET CE   C N N 269 
MET OXT  O N N 270 
MET H    H N N 271 
MET H2   H N N 272 
MET HA   H N N 273 
MET HB2  H N N 274 
MET HB3  H N N 275 
MET HG2  H N N 276 
MET HG3  H N N 277 
MET HE1  H N N 278 
MET HE2  H N N 279 
MET HE3  H N N 280 
MET HXT  H N N 281 
PHE N    N N N 282 
PHE CA   C N S 283 
PHE C    C N N 284 
PHE O    O N N 285 
PHE CB   C N N 286 
PHE CG   C Y N 287 
PHE CD1  C Y N 288 
PHE CD2  C Y N 289 
PHE CE1  C Y N 290 
PHE CE2  C Y N 291 
PHE CZ   C Y N 292 
PHE OXT  O N N 293 
PHE H    H N N 294 
PHE H2   H N N 295 
PHE HA   H N N 296 
PHE HB2  H N N 297 
PHE HB3  H N N 298 
PHE HD1  H N N 299 
PHE HD2  H N N 300 
PHE HE1  H N N 301 
PHE HE2  H N N 302 
PHE HZ   H N N 303 
PHE HXT  H N N 304 
PRO N    N N N 305 
PRO CA   C N S 306 
PRO C    C N N 307 
PRO O    O N N 308 
PRO CB   C N N 309 
PRO CG   C N N 310 
PRO CD   C N N 311 
PRO OXT  O N N 312 
PRO H    H N N 313 
PRO HA   H N N 314 
PRO HB2  H N N 315 
PRO HB3  H N N 316 
PRO HG2  H N N 317 
PRO HG3  H N N 318 
PRO HD2  H N N 319 
PRO HD3  H N N 320 
PRO HXT  H N N 321 
SER N    N N N 322 
SER CA   C N S 323 
SER C    C N N 324 
SER O    O N N 325 
SER CB   C N N 326 
SER OG   O N N 327 
SER OXT  O N N 328 
SER H    H N N 329 
SER H2   H N N 330 
SER HA   H N N 331 
SER HB2  H N N 332 
SER HB3  H N N 333 
SER HG   H N N 334 
SER HXT  H N N 335 
SO4 S    S N N 336 
SO4 O1   O N N 337 
SO4 O2   O N N 338 
SO4 O3   O N N 339 
SO4 O4   O N N 340 
THR N    N N N 341 
THR CA   C N S 342 
THR C    C N N 343 
THR O    O N N 344 
THR CB   C N R 345 
THR OG1  O N N 346 
THR CG2  C N N 347 
THR OXT  O N N 348 
THR H    H N N 349 
THR H2   H N N 350 
THR HA   H N N 351 
THR HB   H N N 352 
THR HG1  H N N 353 
THR HG21 H N N 354 
THR HG22 H N N 355 
THR HG23 H N N 356 
THR HXT  H N N 357 
TRP N    N N N 358 
TRP CA   C N S 359 
TRP C    C N N 360 
TRP O    O N N 361 
TRP CB   C N N 362 
TRP CG   C Y N 363 
TRP CD1  C Y N 364 
TRP CD2  C Y N 365 
TRP NE1  N Y N 366 
TRP CE2  C Y N 367 
TRP CE3  C Y N 368 
TRP CZ2  C Y N 369 
TRP CZ3  C Y N 370 
TRP CH2  C Y N 371 
TRP OXT  O N N 372 
TRP H    H N N 373 
TRP H2   H N N 374 
TRP HA   H N N 375 
TRP HB2  H N N 376 
TRP HB3  H N N 377 
TRP HD1  H N N 378 
TRP HE1  H N N 379 
TRP HE3  H N N 380 
TRP HZ2  H N N 381 
TRP HZ3  H N N 382 
TRP HH2  H N N 383 
TRP HXT  H N N 384 
TYR N    N N N 385 
TYR CA   C N S 386 
TYR C    C N N 387 
TYR O    O N N 388 
TYR CB   C N N 389 
TYR CG   C Y N 390 
TYR CD1  C Y N 391 
TYR CD2  C Y N 392 
TYR CE1  C Y N 393 
TYR CE2  C Y N 394 
TYR CZ   C Y N 395 
TYR OH   O N N 396 
TYR OXT  O N N 397 
TYR H    H N N 398 
TYR H2   H N N 399 
TYR HA   H N N 400 
TYR HB2  H N N 401 
TYR HB3  H N N 402 
TYR HD1  H N N 403 
TYR HD2  H N N 404 
TYR HE1  H N N 405 
TYR HE2  H N N 406 
TYR HH   H N N 407 
TYR HXT  H N N 408 
VAL N    N N N 409 
VAL CA   C N S 410 
VAL C    C N N 411 
VAL O    O N N 412 
VAL CB   C N N 413 
VAL CG1  C N N 414 
VAL CG2  C N N 415 
VAL OXT  O N N 416 
VAL H    H N N 417 
VAL H2   H N N 418 
VAL HA   H N N 419 
VAL HB   H N N 420 
VAL HG11 H N N 421 
VAL HG12 H N N 422 
VAL HG13 H N N 423 
VAL HG21 H N N 424 
VAL HG22 H N N 425 
VAL HG23 H N N 426 
VAL HXT  H N N 427 
# 
loop_
_chem_comp_bond.comp_id 
_chem_comp_bond.atom_id_1 
_chem_comp_bond.atom_id_2 
_chem_comp_bond.value_order 
_chem_comp_bond.pdbx_aromatic_flag 
_chem_comp_bond.pdbx_stereo_config 
_chem_comp_bond.pdbx_ordinal 
ALA N   CA   sing N N 1   
ALA N   H    sing N N 2   
ALA N   H2   sing N N 3   
ALA CA  C    sing N N 4   
ALA CA  CB   sing N N 5   
ALA CA  HA   sing N N 6   
ALA C   O    doub N N 7   
ALA C   OXT  sing N N 8   
ALA CB  HB1  sing N N 9   
ALA CB  HB2  sing N N 10  
ALA CB  HB3  sing N N 11  
ALA OXT HXT  sing N N 12  
ARG N   CA   sing N N 13  
ARG N   H    sing N N 14  
ARG N   H2   sing N N 15  
ARG CA  C    sing N N 16  
ARG CA  CB   sing N N 17  
ARG CA  HA   sing N N 18  
ARG C   O    doub N N 19  
ARG C   OXT  sing N N 20  
ARG CB  CG   sing N N 21  
ARG CB  HB2  sing N N 22  
ARG CB  HB3  sing N N 23  
ARG CG  CD   sing N N 24  
ARG CG  HG2  sing N N 25  
ARG CG  HG3  sing N N 26  
ARG CD  NE   sing N N 27  
ARG CD  HD2  sing N N 28  
ARG CD  HD3  sing N N 29  
ARG NE  CZ   sing N N 30  
ARG NE  HE   sing N N 31  
ARG CZ  NH1  sing N N 32  
ARG CZ  NH2  doub N N 33  
ARG NH1 HH11 sing N N 34  
ARG NH1 HH12 sing N N 35  
ARG NH2 HH21 sing N N 36  
ARG NH2 HH22 sing N N 37  
ARG OXT HXT  sing N N 38  
ASN N   CA   sing N N 39  
ASN N   H    sing N N 40  
ASN N   H2   sing N N 41  
ASN CA  C    sing N N 42  
ASN CA  CB   sing N N 43  
ASN CA  HA   sing N N 44  
ASN C   O    doub N N 45  
ASN C   OXT  sing N N 46  
ASN CB  CG   sing N N 47  
ASN CB  HB2  sing N N 48  
ASN CB  HB3  sing N N 49  
ASN CG  OD1  doub N N 50  
ASN CG  ND2  sing N N 51  
ASN ND2 HD21 sing N N 52  
ASN ND2 HD22 sing N N 53  
ASN OXT HXT  sing N N 54  
ASP N   CA   sing N N 55  
ASP N   H    sing N N 56  
ASP N   H2   sing N N 57  
ASP CA  C    sing N N 58  
ASP CA  CB   sing N N 59  
ASP CA  HA   sing N N 60  
ASP C   O    doub N N 61  
ASP C   OXT  sing N N 62  
ASP CB  CG   sing N N 63  
ASP CB  HB2  sing N N 64  
ASP CB  HB3  sing N N 65  
ASP CG  OD1  doub N N 66  
ASP CG  OD2  sing N N 67  
ASP OD2 HD2  sing N N 68  
ASP OXT HXT  sing N N 69  
CYS N   CA   sing N N 70  
CYS N   H    sing N N 71  
CYS N   H2   sing N N 72  
CYS CA  C    sing N N 73  
CYS CA  CB   sing N N 74  
CYS CA  HA   sing N N 75  
CYS C   O    doub N N 76  
CYS C   OXT  sing N N 77  
CYS CB  SG   sing N N 78  
CYS CB  HB2  sing N N 79  
CYS CB  HB3  sing N N 80  
CYS SG  HG   sing N N 81  
CYS OXT HXT  sing N N 82  
EDO C1  O1   sing N N 83  
EDO C1  C2   sing N N 84  
EDO C1  H11  sing N N 85  
EDO C1  H12  sing N N 86  
EDO O1  HO1  sing N N 87  
EDO C2  O2   sing N N 88  
EDO C2  H21  sing N N 89  
EDO C2  H22  sing N N 90  
EDO O2  HO2  sing N N 91  
GLN N   CA   sing N N 92  
GLN N   H    sing N N 93  
GLN N   H2   sing N N 94  
GLN CA  C    sing N N 95  
GLN CA  CB   sing N N 96  
GLN CA  HA   sing N N 97  
GLN C   O    doub N N 98  
GLN C   OXT  sing N N 99  
GLN CB  CG   sing N N 100 
GLN CB  HB2  sing N N 101 
GLN CB  HB3  sing N N 102 
GLN CG  CD   sing N N 103 
GLN CG  HG2  sing N N 104 
GLN CG  HG3  sing N N 105 
GLN CD  OE1  doub N N 106 
GLN CD  NE2  sing N N 107 
GLN NE2 HE21 sing N N 108 
GLN NE2 HE22 sing N N 109 
GLN OXT HXT  sing N N 110 
GLU N   CA   sing N N 111 
GLU N   H    sing N N 112 
GLU N   H2   sing N N 113 
GLU CA  C    sing N N 114 
GLU CA  CB   sing N N 115 
GLU CA  HA   sing N N 116 
GLU C   O    doub N N 117 
GLU C   OXT  sing N N 118 
GLU CB  CG   sing N N 119 
GLU CB  HB2  sing N N 120 
GLU CB  HB3  sing N N 121 
GLU CG  CD   sing N N 122 
GLU CG  HG2  sing N N 123 
GLU CG  HG3  sing N N 124 
GLU CD  OE1  doub N N 125 
GLU CD  OE2  sing N N 126 
GLU OE2 HE2  sing N N 127 
GLU OXT HXT  sing N N 128 
GLY N   CA   sing N N 129 
GLY N   H    sing N N 130 
GLY N   H2   sing N N 131 
GLY CA  C    sing N N 132 
GLY CA  HA2  sing N N 133 
GLY CA  HA3  sing N N 134 
GLY C   O    doub N N 135 
GLY C   OXT  sing N N 136 
GLY OXT HXT  sing N N 137 
HIS N   CA   sing N N 138 
HIS N   H    sing N N 139 
HIS N   H2   sing N N 140 
HIS CA  C    sing N N 141 
HIS CA  CB   sing N N 142 
HIS CA  HA   sing N N 143 
HIS C   O    doub N N 144 
HIS C   OXT  sing N N 145 
HIS CB  CG   sing N N 146 
HIS CB  HB2  sing N N 147 
HIS CB  HB3  sing N N 148 
HIS CG  ND1  sing Y N 149 
HIS CG  CD2  doub Y N 150 
HIS ND1 CE1  doub Y N 151 
HIS ND1 HD1  sing N N 152 
HIS CD2 NE2  sing Y N 153 
HIS CD2 HD2  sing N N 154 
HIS CE1 NE2  sing Y N 155 
HIS CE1 HE1  sing N N 156 
HIS NE2 HE2  sing N N 157 
HIS OXT HXT  sing N N 158 
HOH O   H1   sing N N 159 
HOH O   H2   sing N N 160 
ILE N   CA   sing N N 161 
ILE N   H    sing N N 162 
ILE N   H2   sing N N 163 
ILE CA  C    sing N N 164 
ILE CA  CB   sing N N 165 
ILE CA  HA   sing N N 166 
ILE C   O    doub N N 167 
ILE C   OXT  sing N N 168 
ILE CB  CG1  sing N N 169 
ILE CB  CG2  sing N N 170 
ILE CB  HB   sing N N 171 
ILE CG1 CD1  sing N N 172 
ILE CG1 HG12 sing N N 173 
ILE CG1 HG13 sing N N 174 
ILE CG2 HG21 sing N N 175 
ILE CG2 HG22 sing N N 176 
ILE CG2 HG23 sing N N 177 
ILE CD1 HD11 sing N N 178 
ILE CD1 HD12 sing N N 179 
ILE CD1 HD13 sing N N 180 
ILE OXT HXT  sing N N 181 
LEU N   CA   sing N N 182 
LEU N   H    sing N N 183 
LEU N   H2   sing N N 184 
LEU CA  C    sing N N 185 
LEU CA  CB   sing N N 186 
LEU CA  HA   sing N N 187 
LEU C   O    doub N N 188 
LEU C   OXT  sing N N 189 
LEU CB  CG   sing N N 190 
LEU CB  HB2  sing N N 191 
LEU CB  HB3  sing N N 192 
LEU CG  CD1  sing N N 193 
LEU CG  CD2  sing N N 194 
LEU CG  HG   sing N N 195 
LEU CD1 HD11 sing N N 196 
LEU CD1 HD12 sing N N 197 
LEU CD1 HD13 sing N N 198 
LEU CD2 HD21 sing N N 199 
LEU CD2 HD22 sing N N 200 
LEU CD2 HD23 sing N N 201 
LEU OXT HXT  sing N N 202 
LV4 N1  C6   sing N N 203 
LV4 F2  C7   sing N N 204 
LV4 N   C6   sing N N 205 
LV4 N   C4   sing N N 206 
LV4 C6  S    doub N N 207 
LV4 C4  C5   doub Y N 208 
LV4 C4  C3   sing Y N 209 
LV4 C7  F    sing N N 210 
LV4 C7  O    sing N N 211 
LV4 C7  F1   sing N N 212 
LV4 C5  C    sing Y N 213 
LV4 O   C3   sing N N 214 
LV4 C3  C2   doub Y N 215 
LV4 C   C1   doub Y N 216 
LV4 C2  C1   sing Y N 217 
LV4 N1  H1   sing N N 218 
LV4 N1  H2   sing N N 219 
LV4 C5  H3   sing N N 220 
LV4 N   H4   sing N N 221 
LV4 C   H5   sing N N 222 
LV4 C1  H6   sing N N 223 
LV4 C2  H7   sing N N 224 
LYS N   CA   sing N N 225 
LYS N   H    sing N N 226 
LYS N   H2   sing N N 227 
LYS CA  C    sing N N 228 
LYS CA  CB   sing N N 229 
LYS CA  HA   sing N N 230 
LYS C   O    doub N N 231 
LYS C   OXT  sing N N 232 
LYS CB  CG   sing N N 233 
LYS CB  HB2  sing N N 234 
LYS CB  HB3  sing N N 235 
LYS CG  CD   sing N N 236 
LYS CG  HG2  sing N N 237 
LYS CG  HG3  sing N N 238 
LYS CD  CE   sing N N 239 
LYS CD  HD2  sing N N 240 
LYS CD  HD3  sing N N 241 
LYS CE  NZ   sing N N 242 
LYS CE  HE2  sing N N 243 
LYS CE  HE3  sing N N 244 
LYS NZ  HZ1  sing N N 245 
LYS NZ  HZ2  sing N N 246 
LYS NZ  HZ3  sing N N 247 
LYS OXT HXT  sing N N 248 
MET N   CA   sing N N 249 
MET N   H    sing N N 250 
MET N   H2   sing N N 251 
MET CA  C    sing N N 252 
MET CA  CB   sing N N 253 
MET CA  HA   sing N N 254 
MET C   O    doub N N 255 
MET C   OXT  sing N N 256 
MET CB  CG   sing N N 257 
MET CB  HB2  sing N N 258 
MET CB  HB3  sing N N 259 
MET CG  SD   sing N N 260 
MET CG  HG2  sing N N 261 
MET CG  HG3  sing N N 262 
MET SD  CE   sing N N 263 
MET CE  HE1  sing N N 264 
MET CE  HE2  sing N N 265 
MET CE  HE3  sing N N 266 
MET OXT HXT  sing N N 267 
PHE N   CA   sing N N 268 
PHE N   H    sing N N 269 
PHE N   H2   sing N N 270 
PHE CA  C    sing N N 271 
PHE CA  CB   sing N N 272 
PHE CA  HA   sing N N 273 
PHE C   O    doub N N 274 
PHE C   OXT  sing N N 275 
PHE CB  CG   sing N N 276 
PHE CB  HB2  sing N N 277 
PHE CB  HB3  sing N N 278 
PHE CG  CD1  doub Y N 279 
PHE CG  CD2  sing Y N 280 
PHE CD1 CE1  sing Y N 281 
PHE CD1 HD1  sing N N 282 
PHE CD2 CE2  doub Y N 283 
PHE CD2 HD2  sing N N 284 
PHE CE1 CZ   doub Y N 285 
PHE CE1 HE1  sing N N 286 
PHE CE2 CZ   sing Y N 287 
PHE CE2 HE2  sing N N 288 
PHE CZ  HZ   sing N N 289 
PHE OXT HXT  sing N N 290 
PRO N   CA   sing N N 291 
PRO N   CD   sing N N 292 
PRO N   H    sing N N 293 
PRO CA  C    sing N N 294 
PRO CA  CB   sing N N 295 
PRO CA  HA   sing N N 296 
PRO C   O    doub N N 297 
PRO C   OXT  sing N N 298 
PRO CB  CG   sing N N 299 
PRO CB  HB2  sing N N 300 
PRO CB  HB3  sing N N 301 
PRO CG  CD   sing N N 302 
PRO CG  HG2  sing N N 303 
PRO CG  HG3  sing N N 304 
PRO CD  HD2  sing N N 305 
PRO CD  HD3  sing N N 306 
PRO OXT HXT  sing N N 307 
SER N   CA   sing N N 308 
SER N   H    sing N N 309 
SER N   H2   sing N N 310 
SER CA  C    sing N N 311 
SER CA  CB   sing N N 312 
SER CA  HA   sing N N 313 
SER C   O    doub N N 314 
SER C   OXT  sing N N 315 
SER CB  OG   sing N N 316 
SER CB  HB2  sing N N 317 
SER CB  HB3  sing N N 318 
SER OG  HG   sing N N 319 
SER OXT HXT  sing N N 320 
SO4 S   O1   doub N N 321 
SO4 S   O2   doub N N 322 
SO4 S   O3   sing N N 323 
SO4 S   O4   sing N N 324 
THR N   CA   sing N N 325 
THR N   H    sing N N 326 
THR N   H2   sing N N 327 
THR CA  C    sing N N 328 
THR CA  CB   sing N N 329 
THR CA  HA   sing N N 330 
THR C   O    doub N N 331 
THR C   OXT  sing N N 332 
THR CB  OG1  sing N N 333 
THR CB  CG2  sing N N 334 
THR CB  HB   sing N N 335 
THR OG1 HG1  sing N N 336 
THR CG2 HG21 sing N N 337 
THR CG2 HG22 sing N N 338 
THR CG2 HG23 sing N N 339 
THR OXT HXT  sing N N 340 
TRP N   CA   sing N N 341 
TRP N   H    sing N N 342 
TRP N   H2   sing N N 343 
TRP CA  C    sing N N 344 
TRP CA  CB   sing N N 345 
TRP CA  HA   sing N N 346 
TRP C   O    doub N N 347 
TRP C   OXT  sing N N 348 
TRP CB  CG   sing N N 349 
TRP CB  HB2  sing N N 350 
TRP CB  HB3  sing N N 351 
TRP CG  CD1  doub Y N 352 
TRP CG  CD2  sing Y N 353 
TRP CD1 NE1  sing Y N 354 
TRP CD1 HD1  sing N N 355 
TRP CD2 CE2  doub Y N 356 
TRP CD2 CE3  sing Y N 357 
TRP NE1 CE2  sing Y N 358 
TRP NE1 HE1  sing N N 359 
TRP CE2 CZ2  sing Y N 360 
TRP CE3 CZ3  doub Y N 361 
TRP CE3 HE3  sing N N 362 
TRP CZ2 CH2  doub Y N 363 
TRP CZ2 HZ2  sing N N 364 
TRP CZ3 CH2  sing Y N 365 
TRP CZ3 HZ3  sing N N 366 
TRP CH2 HH2  sing N N 367 
TRP OXT HXT  sing N N 368 
TYR N   CA   sing N N 369 
TYR N   H    sing N N 370 
TYR N   H2   sing N N 371 
TYR CA  C    sing N N 372 
TYR CA  CB   sing N N 373 
TYR CA  HA   sing N N 374 
TYR C   O    doub N N 375 
TYR C   OXT  sing N N 376 
TYR CB  CG   sing N N 377 
TYR CB  HB2  sing N N 378 
TYR CB  HB3  sing N N 379 
TYR CG  CD1  doub Y N 380 
TYR CG  CD2  sing Y N 381 
TYR CD1 CE1  sing Y N 382 
TYR CD1 HD1  sing N N 383 
TYR CD2 CE2  doub Y N 384 
TYR CD2 HD2  sing N N 385 
TYR CE1 CZ   doub Y N 386 
TYR CE1 HE1  sing N N 387 
TYR CE2 CZ   sing Y N 388 
TYR CE2 HE2  sing N N 389 
TYR CZ  OH   sing N N 390 
TYR OH  HH   sing N N 391 
TYR OXT HXT  sing N N 392 
VAL N   CA   sing N N 393 
VAL N   H    sing N N 394 
VAL N   H2   sing N N 395 
VAL CA  C    sing N N 396 
VAL CA  CB   sing N N 397 
VAL CA  HA   sing N N 398 
VAL C   O    doub N N 399 
VAL C   OXT  sing N N 400 
VAL CB  CG1  sing N N 401 
VAL CB  CG2  sing N N 402 
VAL CB  HB   sing N N 403 
VAL CG1 HG11 sing N N 404 
VAL CG1 HG12 sing N N 405 
VAL CG1 HG13 sing N N 406 
VAL CG2 HG21 sing N N 407 
VAL CG2 HG22 sing N N 408 
VAL CG2 HG23 sing N N 409 
VAL OXT HXT  sing N N 410 
# 
_pdbx_audit_support.ordinal                1 
_pdbx_audit_support.funding_organization   'European Union (EU)' 
_pdbx_audit_support.grant_number           875510 
_pdbx_audit_support.country                'European Union' 
# 
_pdbx_deposit_group.group_id            G_1002320 
_pdbx_deposit_group.group_description   
;PRYSPRY domain of murine TRIM21 screened against the DSI-poised Fragment Library by X-ray Crystallography at the XChem facility of Diamon Light Source
;
_pdbx_deposit_group.group_title         'PanDDA analysis group deposition' 
_pdbx_deposit_group.group_type          'changed state' 
# 
_pdbx_initial_refinement_model.id               1 
_pdbx_initial_refinement_model.entity_id_list   ? 
_pdbx_initial_refinement_model.type             'experimental model' 
_pdbx_initial_refinement_model.source_name      PDB 
_pdbx_initial_refinement_model.accession_code   2VOK 
_pdbx_initial_refinement_model.details          ? 
# 
_atom_sites.entry_id                    7HMA 
_atom_sites.fract_transf_matrix[1][1]   -0.00301415 
_atom_sites.fract_transf_matrix[1][2]   -0.00108170 
_atom_sites.fract_transf_matrix[1][3]   0.00997244 
_atom_sites.fract_transf_matrix[2][1]   0.00371484 
_atom_sites.fract_transf_matrix[2][2]   -0.00979290 
_atom_sites.fract_transf_matrix[2][3]   0.00006057 
_atom_sites.fract_transf_matrix[3][1]   0.01946184 
_atom_sites.fract_transf_matrix[3][2]   0.00742402 
_atom_sites.fract_transf_matrix[3][3]   0.00668758 
_atom_sites.fract_transf_vector[1]      -0.298591 
_atom_sites.fract_transf_vector[2]      -0.117239 
_atom_sites.fract_transf_vector[3]      -0.503639 
# 
loop_
_atom_type.symbol 
C 
F 
N 
O 
S 
# 
loop_
_atom_site.group_PDB 
_atom_site.id 
_atom_site.type_symbol 
_atom_site.label_atom_id 
_atom_site.label_alt_id 
_atom_site.label_comp_id 
_atom_site.label_asym_id 
_atom_site.label_entity_id 
_atom_site.label_seq_id 
_atom_site.pdbx_PDB_ins_code 
_atom_site.Cartn_x 
_atom_site.Cartn_y 
_atom_site.Cartn_z 
_atom_site.occupancy 
_atom_site.B_iso_or_equiv 
_atom_site.pdbx_formal_charge 
_atom_site.auth_seq_id 
_atom_site.auth_comp_id 
_atom_site.auth_asym_id 
_atom_site.auth_atom_id 
_atom_site.pdbx_PDB_model_num 
ATOM   1    N N   . HIS A 1 2   ? 6.610   4.554   18.505  1.00 81.80 ? 8   HIS B N   1 
ATOM   2    C CA  . HIS A 1 2   ? 5.110   4.555   18.557  1.00 76.66 ? 8   HIS B CA  1 
ATOM   3    C C   . HIS A 1 2   ? 4.616   3.399   19.440  1.00 76.54 ? 8   HIS B C   1 
ATOM   4    O O   . HIS A 1 2   ? 5.381   2.426   19.634  1.00 80.96 ? 8   HIS B O   1 
ATOM   5    C CB  . HIS A 1 2   ? 4.518   4.500   17.137  1.00 69.23 ? 8   HIS B CB  1 
ATOM   6    C CG  . HIS A 1 2   ? 4.720   3.202   16.421  1.00 62.53 ? 8   HIS B CG  1 
ATOM   7    N ND1 . HIS A 1 2   ? 3.792   2.180   16.471  1.00 60.83 ? 8   HIS B ND1 1 
ATOM   8    C CD2 . HIS A 1 2   ? 5.717   2.762   15.623  1.00 59.10 ? 8   HIS B CD2 1 
ATOM   9    C CE1 . HIS A 1 2   ? 4.219   1.163   15.752  1.00 59.04 ? 8   HIS B CE1 1 
ATOM   10   N NE2 . HIS A 1 2   ? 5.395   1.492   15.217  1.00 56.49 ? 8   HIS B NE2 1 
ATOM   11   N N   . HIS A 1 3   ? 3.381   3.507   19.942  1.00 73.13 ? 9   HIS B N   1 
ATOM   12   C CA  . HIS A 1 3   ? 2.675   2.465   20.738  1.00 71.65 ? 9   HIS B CA  1 
ATOM   13   C C   . HIS A 1 3   ? 1.344   2.113   20.050  1.00 63.77 ? 9   HIS B C   1 
ATOM   14   O O   . HIS A 1 3   ? 0.331   1.973   20.763  1.00 64.99 ? 9   HIS B O   1 
ATOM   15   C CB  . HIS A 1 3   ? 2.531   2.939   22.199  1.00 76.77 ? 9   HIS B CB  1 
ATOM   16   C CG  . HIS A 1 3   ? 3.837   3.208   22.881  1.00 81.57 ? 9   HIS B CG  1 
ATOM   17   N ND1 . HIS A 1 3   ? 4.891   2.307   22.857  1.00 81.73 ? 9   HIS B ND1 1 
ATOM   18   C CD2 . HIS A 1 3   ? 4.262   4.260   23.616  1.00 83.08 ? 9   HIS B CD2 1 
ATOM   19   C CE1 . HIS A 1 3   ? 5.908   2.797   23.538  1.00 80.51 ? 9   HIS B CE1 1 
ATOM   20   N NE2 . HIS A 1 3   ? 5.546   3.996   24.016  1.00 83.57 ? 9   HIS B NE2 1 
ATOM   21   N N   . HIS A 1 4   ? 1.364   1.960   18.714  1.00 54.09 ? 10  HIS B N   1 
ATOM   22   C CA  . HIS A 1 4   ? 0.186   1.731   17.823  1.00 44.58 ? 10  HIS B CA  1 
ATOM   23   C C   . HIS A 1 4   ? -0.031  0.233   17.588  1.00 43.62 ? 10  HIS B C   1 
ATOM   24   O O   . HIS A 1 4   ? -1.135  -0.144  17.129  1.00 36.32 ? 10  HIS B O   1 
ATOM   25   C CB  . HIS A 1 4   ? 0.375   2.447   16.474  1.00 40.66 ? 10  HIS B CB  1 
ATOM   26   C CG  . HIS A 1 4   ? 0.372   3.935   16.574  1.00 39.41 ? 10  HIS B CG  1 
ATOM   27   N ND1 . HIS A 1 4   ? -0.564  4.634   17.334  1.00 36.50 ? 10  HIS B ND1 1 
ATOM   28   C CD2 . HIS A 1 4   ? 1.158   4.865   15.998  1.00 36.69 ? 10  HIS B CD2 1 
ATOM   29   C CE1 . HIS A 1 4   ? -0.341  5.928   17.221  1.00 42.14 ? 10  HIS B CE1 1 
ATOM   30   N NE2 . HIS A 1 4   ? 0.705   6.097   16.403  1.00 41.37 ? 10  HIS B NE2 1 
ATOM   31   N N   . HIS A 1 5   ? 0.981   -0.585  17.899  1.00 42.88 ? 11  HIS B N   1 
ATOM   32   C CA  . HIS A 1 5   ? 1.022   -2.048  17.631  1.00 45.83 ? 11  HIS B CA  1 
ATOM   33   C C   . HIS A 1 5   ? -0.274  -2.728  18.099  1.00 44.82 ? 11  HIS B C   1 
ATOM   34   O O   . HIS A 1 5   ? -0.742  -3.647  17.380  1.00 44.14 ? 11  HIS B O   1 
ATOM   35   C CB  . HIS A 1 5   ? 2.263   -2.686  18.278  1.00 54.25 ? 11  HIS B CB  1 
ATOM   36   C CG  . HIS A 1 5   ? 3.559   -2.085  17.841  1.00 64.18 ? 11  HIS B CG  1 
ATOM   37   N ND1 . HIS A 1 5   ? 4.298   -1.239  18.657  1.00 74.19 ? 11  HIS B ND1 1 
ATOM   38   C CD2 . HIS A 1 5   ? 4.257   -2.201  16.689  1.00 69.09 ? 11  HIS B CD2 1 
ATOM   39   C CE1 . HIS A 1 5   ? 5.393   -0.860  18.022  1.00 74.26 ? 11  HIS B CE1 1 
ATOM   40   N NE2 . HIS A 1 5   ? 5.390   -1.437  16.811  1.00 72.21 ? 11  HIS B NE2 1 
ATOM   41   N N   . HIS A 1 6   ? -0.848  -2.284  19.232  1.00 42.02 ? 12  HIS B N   1 
ATOM   42   C CA  . HIS A 1 6   ? -2.024  -2.909  19.905  1.00 39.92 ? 12  HIS B CA  1 
ATOM   43   C C   . HIS A 1 6   ? -3.329  -2.693  19.122  1.00 35.34 ? 12  HIS B C   1 
ATOM   44   O O   . HIS A 1 6   ? -4.308  -3.354  19.480  1.00 37.48 ? 12  HIS B O   1 
ATOM   45   C CB  . HIS A 1 6   ? -2.153  -2.415  21.353  1.00 46.63 ? 12  HIS B CB  1 
ATOM   46   C CG  . HIS A 1 6   ? -2.639  -1.012  21.485  1.00 48.80 ? 12  HIS B CG  1 
ATOM   47   N ND1 . HIS A 1 6   ? -3.935  -0.710  21.860  1.00 55.79 ? 12  HIS B ND1 1 
ATOM   48   C CD2 . HIS A 1 6   ? -2.010  0.168   21.304  1.00 52.96 ? 12  HIS B CD2 1 
ATOM   49   C CE1 . HIS A 1 6   ? -4.084  0.601   21.901  1.00 51.44 ? 12  HIS B CE1 1 
ATOM   50   N NE2 . HIS A 1 6   ? -2.919  1.163   21.566  1.00 55.57 ? 12  HIS B NE2 1 
ATOM   51   N N   . HIS A 1 7   ? -3.365  -1.816  18.106  1.00 28.29 ? 13  HIS B N   1 
ATOM   52   C CA  . HIS A 1 7   ? -4.501  -1.691  17.140  1.00 23.50 ? 13  HIS B CA  1 
ATOM   53   C C   . HIS A 1 7   ? -4.279  -2.585  15.927  1.00 21.82 ? 13  HIS B C   1 
ATOM   54   O O   . HIS A 1 7   ? -4.894  -2.314  14.880  1.00 18.72 ? 13  HIS B O   1 
ATOM   55   C CB  . HIS A 1 7   ? -4.686  -0.247  16.691  1.00 23.22 ? 13  HIS B CB  1 
ATOM   56   C CG  . HIS A 1 7   ? -4.967  0.665   17.832  1.00 23.86 ? 13  HIS B CG  1 
ATOM   57   N ND1 . HIS A 1 7   ? -6.146  0.584   18.545  1.00 23.97 ? 13  HIS B ND1 1 
ATOM   58   C CD2 . HIS A 1 7   ? -4.240  1.665   18.361  1.00 25.63 ? 13  HIS B CD2 1 
ATOM   59   C CE1 . HIS A 1 7   ? -6.127  1.505   19.501  1.00 24.09 ? 13  HIS B CE1 1 
ATOM   60   N NE2 . HIS A 1 7   ? -4.977  2.175   19.420  1.00 27.84 ? 13  HIS B NE2 1 
ATOM   61   N N   . MET A 1 8   ? -3.385  -3.558  16.039  1.00 21.43 ? 14  MET B N   1 
ATOM   62   C CA  . MET A 1 8   ? -3.050  -4.477  14.924  1.00 23.57 ? 14  MET B CA  1 
ATOM   63   C C   . MET A 1 8   ? -4.314  -5.140  14.370  1.00 24.09 ? 14  MET B C   1 
ATOM   64   O O   . MET A 1 8   ? -5.204  -5.605  15.151  1.00 26.67 ? 14  MET B O   1 
ATOM   65   C CB  . MET A 1 8   ? -2.066  -5.551  15.402  1.00 29.31 ? 14  MET B CB  1 
ATOM   66   C CG  . MET A 1 8   ? -1.644  -6.556  14.335  1.00 36.33 ? 14  MET B CG  1 
ATOM   67   S SD  . MET A 1 8   ? -0.466  -5.891  13.105  1.00 46.60 ? 14  MET B SD  1 
ATOM   68   C CE  . MET A 1 8   ? 1.051   -5.943  14.051  1.00 34.82 ? 14  MET B CE  1 
ATOM   69   N N   . VAL A 1 9   ? -4.405  -5.216  13.041  1.00 19.21 ? 15  VAL B N   1 
ATOM   70   C CA  . VAL A 1 9   ? -5.516  -5.858  12.287  1.00 19.76 ? 15  VAL B CA  1 
ATOM   71   C C   . VAL A 1 9   ? -4.884  -6.882  11.328  1.00 20.06 ? 15  VAL B C   1 
ATOM   72   O O   . VAL A 1 9   ? -3.771  -6.636  10.783  1.00 19.92 ? 15  VAL B O   1 
ATOM   73   C CB  . VAL A 1 9   ? -6.443  -4.864  11.564  1.00 20.87 ? 15  VAL B CB  1 
ATOM   74   C CG1 . VAL A 1 9   ? -7.276  -4.074  12.565  1.00 24.25 ? 15  VAL B CG1 1 
ATOM   75   C CG2 . VAL A 1 9   ? -5.718  -3.906  10.630  1.00 21.67 ? 15  VAL B CG2 1 
ATOM   76   N N   . HIS A 1 10  ? -5.583  -7.984  11.092  1.00 19.66 ? 16  HIS B N   1 
ATOM   77   C CA  . HIS A 1 10  ? -5.154  -9.064  10.176  1.00 19.34 ? 16  HIS B CA  1 
ATOM   78   C C   . HIS A 1 10  ? -5.654  -8.731  8.778   1.00 19.42 ? 16  HIS B C   1 
ATOM   79   O O   . HIS A 1 10  ? -6.839  -8.858  8.495   1.00 22.88 ? 16  HIS B O   1 
ATOM   80   C CB  . HIS A 1 10  ? -5.711  -10.415 10.616  1.00 20.67 ? 16  HIS B CB  1 
ATOM   81   C CG  . HIS A 1 10  ? -5.215  -11.592 9.845   1.00 25.00 ? 16  HIS B CG  1 
ATOM   82   N ND1 . HIS A 1 10  ? -3.968  -12.130 10.064  1.00 28.92 ? 16  HIS B ND1 1 
ATOM   83   C CD2 . HIS A 1 10  ? -5.782  -12.314 8.849   1.00 29.11 ? 16  HIS B CD2 1 
ATOM   84   C CE1 . HIS A 1 10  ? -3.785  -13.166 9.256   1.00 26.06 ? 16  HIS B CE1 1 
ATOM   85   N NE2 . HIS A 1 10  ? -4.893  -13.293 8.480   1.00 30.40 ? 16  HIS B NE2 1 
ATOM   86   N N   . ILE A 1 11  ? -4.762  -8.249  7.946   1.00 15.18 ? 17  ILE B N   1 
ATOM   87   C CA  . ILE A 1 11  ? -5.113  -7.853  6.566   1.00 14.87 ? 17  ILE B CA  1 
ATOM   88   C C   . ILE A 1 11  ? -4.940  -9.072  5.637   1.00 15.11 ? 17  ILE B C   1 
ATOM   89   O O   . ILE A 1 11  ? -3.965  -9.794  5.774   1.00 15.28 ? 17  ILE B O   1 
ATOM   90   C CB  . ILE A 1 11  ? -4.248  -6.654  6.113   1.00 15.05 ? 17  ILE B CB  1 
ATOM   91   C CG1 . ILE A 1 11  ? -4.480  -5.432  7.013   1.00 15.76 ? 17  ILE B CG1 1 
ATOM   92   C CG2 . ILE A 1 11  ? -4.520  -6.344  4.646   1.00 14.99 ? 17  ILE B CG2 1 
ATOM   93   C CD1 . ILE A 1 11  ? -5.921  -5.014  7.209   1.00 16.22 ? 17  ILE B CD1 1 
ATOM   94   N N   . THR A 1 12  ? -5.851  -9.204  4.695   1.00 14.20 ? 18  THR B N   1 
ATOM   95   C CA  . THR A 1 12  ? -5.698  -10.200 3.597   1.00 15.17 ? 18  THR B CA  1 
ATOM   96   C C   . THR A 1 12  ? -5.970  -9.492  2.278   1.00 15.69 ? 18  THR B C   1 
ATOM   97   O O   . THR A 1 12  ? -6.631  -8.447  2.256   1.00 16.35 ? 18  THR B O   1 
ATOM   98   C CB  . THR A 1 12  ? -6.619  -11.411 3.791   1.00 17.16 ? 18  THR B CB  1 
ATOM   99   O OG1 . THR A 1 12  ? -7.964  -10.958 3.791   1.00 18.92 ? 18  THR B OG1 1 
ATOM   100  C CG2 . THR A 1 12  ? -6.301  -12.240 5.026   1.00 19.03 ? 18  THR B CG2 1 
ATOM   101  N N   . LEU A 1 13  ? -5.377  -10.018 1.192   1.00 13.70 ? 19  LEU B N   1 
ATOM   102  C CA  . LEU A 1 13  ? -5.472  -9.371  -0.136  1.00 13.22 ? 19  LEU B CA  1 
ATOM   103  C C   . LEU A 1 13  ? -6.712  -9.857  -0.868  1.00 13.03 ? 19  LEU B C   1 
ATOM   104  O O   . LEU A 1 13  ? -7.052  -11.073 -0.741  1.00 15.76 ? 19  LEU B O   1 
ATOM   105  C CB  . LEU A 1 13  ? -4.214  -9.714  -0.907  1.00 13.63 ? 19  LEU B CB  1 
ATOM   106  C CG  . LEU A 1 13  ? -2.966  -9.170  -0.248  1.00 12.98 ? 19  LEU B CG  1 
ATOM   107  C CD1 . LEU A 1 13  ? -1.690  -9.695  -0.917  1.00 15.64 ? 19  LEU B CD1 1 
ATOM   108  C CD2 . LEU A 1 13  ? -3.002  -7.630  -0.160  1.00 15.39 ? 19  LEU B CD2 1 
ATOM   109  N N   . ASP A 1 14  ? -7.362  -9.004  -1.589  1.00 12.23 ? 20  ASP B N   1 
ATOM   110  C CA  . ASP A 1 14  ? -8.580  -9.279  -2.383  1.00 12.91 ? 20  ASP B CA  1 
ATOM   111  C C   . ASP A 1 14  ? -8.163  -9.523  -3.855  1.00 13.09 ? 20  ASP B C   1 
ATOM   112  O O   . ASP A 1 14  ? -7.936  -8.592  -4.612  1.00 12.82 ? 20  ASP B O   1 
ATOM   113  C CB  . ASP A 1 14  ? -9.601  -8.150  -2.277  1.00 13.66 ? 20  ASP B CB  1 
ATOM   114  C CG  . ASP A 1 14  ? -10.919 -8.356  -3.009  1.00 17.47 ? 20  ASP B CG  1 
ATOM   115  O OD1 . ASP A 1 14  ? -10.967 -9.316  -3.822  1.00 17.48 ? 20  ASP B OD1 1 
ATOM   116  O OD2 . ASP A 1 14  ? -11.828 -7.518  -2.889  1.00 17.99 ? 20  ASP B OD2 1 
ATOM   117  N N   A ARG A 1 15  ? -8.101  -10.818 -4.204  0.25 14.64 ? 21  ARG B N   1 
ATOM   118  N N   B ARG A 1 15  ? -8.094  -10.808 -4.227  0.25 15.12 ? 21  ARG B N   1 
ATOM   119  C CA  A ARG A 1 15  ? -7.756  -11.366 -5.550  0.25 15.63 ? 21  ARG B CA  1 
ATOM   120  C CA  B ARG A 1 15  ? -7.676  -11.286 -5.578  0.25 16.30 ? 21  ARG B CA  1 
ATOM   121  C C   A ARG A 1 15  ? -8.520  -10.657 -6.665  0.25 15.25 ? 21  ARG B C   1 
ATOM   122  C C   B ARG A 1 15  ? -8.516  -10.641 -6.683  0.25 15.68 ? 21  ARG B C   1 
ATOM   123  O O   A ARG A 1 15  ? -7.939  -10.446 -7.744  0.25 15.30 ? 21  ARG B O   1 
ATOM   124  O O   B ARG A 1 15  ? -7.973  -10.423 -7.782  0.25 15.56 ? 21  ARG B O   1 
ATOM   125  C CB  A ARG A 1 15  ? -8.128  -12.855 -5.634  0.25 17.70 ? 21  ARG B CB  1 
ATOM   126  C CB  B ARG A 1 15  ? -7.799  -12.813 -5.681  0.25 19.37 ? 21  ARG B CB  1 
ATOM   127  C CG  A ARG A 1 15  ? -7.374  -13.732 -4.651  0.25 19.53 ? 21  ARG B CG  1 
ATOM   128  C CG  B ARG A 1 15  ? -6.689  -13.576 -4.976  0.25 21.54 ? 21  ARG B CG  1 
ATOM   129  C CD  A ARG A 1 15  ? -7.733  -15.207 -4.784  0.25 20.39 ? 21  ARG B CD  1 
ATOM   130  C CD  B ARG A 1 15  ? -7.142  -14.263 -3.699  0.25 24.81 ? 21  ARG B CD  1 
ATOM   131  N NE  A ARG A 1 15  ? -6.769  -15.988 -4.030  0.25 21.49 ? 21  ARG B NE  1 
ATOM   132  N NE  B ARG A 1 15  ? -7.715  -15.601 -3.874  0.25 26.12 ? 21  ARG B NE  1 
ATOM   133  C CZ  A ARG A 1 15  ? -5.524  -16.174 -4.424  0.25 21.04 ? 21  ARG B CZ  1 
ATOM   134  C CZ  B ARG A 1 15  ? -9.010  -15.901 -3.785  0.25 29.14 ? 21  ARG B CZ  1 
ATOM   135  N NH1 A ARG A 1 15  ? -5.133  -15.679 -5.582  0.25 22.25 ? 21  ARG B NH1 1 
ATOM   136  N NH1 B ARG A 1 15  ? -9.907  -14.961 -3.544  0.25 30.81 ? 21  ARG B NH1 1 
ATOM   137  N NH2 A ARG A 1 15  ? -4.683  -16.858 -3.678  0.25 21.57 ? 21  ARG B NH2 1 
ATOM   138  N NH2 B ARG A 1 15  ? -9.411  -17.148 -3.953  0.25 30.43 ? 21  ARG B NH2 1 
ATOM   139  N N   . ASN A 1 16  ? -9.789  -10.334 -6.422  1.00 14.64 ? 22  ASN B N   1 
ATOM   140  C CA  . ASN A 1 16  ? -10.667 -9.777  -7.464  1.00 15.97 ? 22  ASN B CA  1 
ATOM   141  C C   . ASN A 1 16  ? -10.236 -8.383  -7.908  1.00 14.36 ? 22  ASN B C   1 
ATOM   142  O O   . ASN A 1 16  ? -10.580 -7.959  -8.982  1.00 14.63 ? 22  ASN B O   1 
ATOM   143  C CB  . ASN A 1 16  ? -12.135 -9.823  -7.029  1.00 19.94 ? 22  ASN B CB  1 
ATOM   144  C CG  . ASN A 1 16  ? -12.681 -11.235 -7.083  1.00 26.82 ? 22  ASN B CG  1 
ATOM   145  O OD1 . ASN A 1 16  ? -12.141 -12.102 -7.773  1.00 32.40 ? 22  ASN B OD1 1 
ATOM   146  N ND2 . ASN A 1 16  ? -13.738 -11.471 -6.329  1.00 36.50 ? 22  ASN B ND2 1 
ATOM   147  N N   . THR A 1 17  ? -9.501  -7.651  -7.034  1.00 12.74 ? 23  THR B N   1 
ATOM   148  C CA  . THR A 1 17  ? -9.030  -6.283  -7.301  1.00 12.42 ? 23  THR B CA  1 
ATOM   149  C C   . THR A 1 17  ? -7.662  -6.295  -7.966  1.00 11.56 ? 23  THR B C   1 
ATOM   150  O O   . THR A 1 17  ? -7.227  -5.231  -8.425  1.00 11.59 ? 23  THR B O   1 
ATOM   151  C CB  . THR A 1 17  ? -8.997  -5.412  -6.033  1.00 12.56 ? 23  THR B CB  1 
ATOM   152  O OG1 . THR A 1 17  ? -7.943  -5.865  -5.181  1.00 12.34 ? 23  THR B OG1 1 
ATOM   153  C CG2 . THR A 1 17  ? -10.344 -5.351  -5.327  1.00 13.60 ? 23  THR B CG2 1 
ATOM   154  N N   . ALA A 1 18  ? -7.009  -7.429  -7.963  1.00 11.29 ? 24  ALA B N   1 
ATOM   155  C CA  . ALA A 1 18  ? -5.592  -7.475  -8.389  1.00 11.42 ? 24  ALA B CA  1 
ATOM   156  C C   . ALA A 1 18  ? -5.435  -7.199  -9.883  1.00 11.11 ? 24  ALA B C   1 
ATOM   157  O O   . ALA A 1 18  ? -6.183  -7.789  -10.708 1.00 12.55 ? 24  ALA B O   1 
ATOM   158  C CB  . ALA A 1 18  ? -5.001  -8.801  -8.039  1.00 12.37 ? 24  ALA B CB  1 
ATOM   159  N N   . ASN A 1 19  ? -4.430  -6.476  -10.282 1.00 10.93 ? 25  ASN B N   1 
ATOM   160  C CA  . ASN A 1 19  ? -3.941  -6.532  -11.678 1.00 11.05 ? 25  ASN B CA  1 
ATOM   161  C C   . ASN A 1 19  ? -3.756  -7.999  -12.070 1.00 10.36 ? 25  ASN B C   1 
ATOM   162  O O   . ASN A 1 19  ? -3.337  -8.847  -11.278 1.00 10.64 ? 25  ASN B O   1 
ATOM   163  C CB  . ASN A 1 19  ? -2.682  -5.704  -11.768 1.00 11.79 ? 25  ASN B CB  1 
ATOM   164  C CG  . ASN A 1 19  ? -2.083  -5.759  -13.153 1.00 13.14 ? 25  ASN B CG  1 
ATOM   165  O OD1 . ASN A 1 19  ? -1.350  -6.689  -13.493 1.00 14.28 ? 25  ASN B OD1 1 
ATOM   166  N ND2 . ASN A 1 19  ? -2.415  -4.791  -13.959 1.00 16.80 ? 25  ASN B ND2 1 
ATOM   167  N N   . SER A 1 20  ? -4.079  -8.289  -13.326 1.00 10.64 ? 26  SER B N   1 
ATOM   168  C CA  . SER A 1 20  ? -4.110  -9.669  -13.860 1.00 11.41 ? 26  SER B CA  1 
ATOM   169  C C   . SER A 1 20  ? -2.723  -10.307 -13.917 1.00 11.14 ? 26  SER B C   1 
ATOM   170  O O   . SER A 1 20  ? -2.702  -11.542 -14.147 1.00 12.69 ? 26  SER B O   1 
ATOM   171  C CB  . SER A 1 20  ? -4.747  -9.715  -15.236 1.00 12.94 ? 26  SER B CB  1 
ATOM   172  O OG  . SER A 1 20  ? -3.989  -8.913  -16.090 1.00 15.40 ? 26  SER B OG  1 
ATOM   173  N N   . TRP A 1 21  ? -1.623  -9.609  -13.719 1.00 10.13 ? 27  TRP B N   1 
ATOM   174  C CA  . TRP A 1 21  ? -0.276  -10.219 -13.696 1.00 11.55 ? 27  TRP B CA  1 
ATOM   175  C C   . TRP A 1 21  ? 0.155   -10.583 -12.271 1.00 11.18 ? 27  TRP B C   1 
ATOM   176  O O   . TRP A 1 21  ? 1.240   -11.134 -12.133 1.00 11.93 ? 27  TRP B O   1 
ATOM   177  C CB  . TRP A 1 21  ? 0.711   -9.274  -14.326 1.00 12.10 ? 27  TRP B CB  1 
ATOM   178  C CG  . TRP A 1 21  ? 0.607   -9.225  -15.824 1.00 13.41 ? 27  TRP B CG  1 
ATOM   179  C CD1 . TRP A 1 21  ? -0.521  -9.114  -16.581 1.00 13.06 ? 27  TRP B CD1 1 
ATOM   180  C CD2 . TRP A 1 21  ? 1.709   -9.262  -16.730 1.00 14.69 ? 27  TRP B CD2 1 
ATOM   181  N NE1 . TRP A 1 21  ? -0.189  -9.083  -17.923 1.00 15.43 ? 27  TRP B NE1 1 
ATOM   182  C CE2 . TRP A 1 21  ? 1.159   -9.153  -18.028 1.00 14.58 ? 27  TRP B CE2 1 
ATOM   183  C CE3 . TRP A 1 21  ? 3.088   -9.401  -16.572 1.00 16.43 ? 27  TRP B CE3 1 
ATOM   184  C CZ2 . TRP A 1 21  ? 1.973   -9.147  -19.175 1.00 17.05 ? 27  TRP B CZ2 1 
ATOM   185  C CZ3 . TRP A 1 21  ? 3.888   -9.394  -17.705 1.00 18.56 ? 27  TRP B CZ3 1 
ATOM   186  C CH2 . TRP A 1 21  ? 3.329   -9.225  -18.971 1.00 18.94 ? 27  TRP B CH2 1 
ATOM   187  N N   . LEU A 1 22  ? -0.647  -10.247 -11.243 1.00 10.71 ? 28  LEU B N   1 
ATOM   188  C CA  . LEU A 1 22  ? -0.207  -10.506 -9.860  1.00 11.20 ? 28  LEU B CA  1 
ATOM   189  C C   . LEU A 1 22  ? -0.493  -11.950 -9.485  1.00 11.61 ? 28  LEU B C   1 
ATOM   190  O O   . LEU A 1 22  ? -1.515  -12.533 -9.862  1.00 12.34 ? 28  LEU B O   1 
ATOM   191  C CB  . LEU A 1 22  ? -0.896  -9.551  -8.890  1.00 10.59 ? 28  LEU B CB  1 
ATOM   192  C CG  . LEU A 1 22  ? -0.564  -8.075  -9.097  1.00 11.22 ? 28  LEU B CG  1 
ATOM   193  C CD1 . LEU A 1 22  ? -1.236  -7.212  -8.043  1.00 11.79 ? 28  LEU B CD1 1 
ATOM   194  C CD2 . LEU A 1 22  ? 0.900   -7.813  -9.054  1.00 12.38 ? 28  LEU B CD2 1 
ATOM   195  N N   . ILE A 1 23  ? 0.353   -12.443 -8.611  1.00 11.10 ? 29  ILE B N   1 
ATOM   196  C CA  . ILE A 1 23  ? 0.217   -13.771 -7.967  1.00 12.53 ? 29  ILE B CA  1 
ATOM   197  C C   . ILE A 1 23  ? 0.116   -13.562 -6.463  1.00 12.53 ? 29  ILE B C   1 
ATOM   198  O O   . ILE A 1 23  ? 1.098   -13.078 -5.833  1.00 12.29 ? 29  ILE B O   1 
ATOM   199  C CB  . ILE A 1 23  ? 1.380   -14.675 -8.291  1.00 12.87 ? 29  ILE B CB  1 
ATOM   200  C CG1 . ILE A 1 23  ? 1.547   -14.886 -9.812  1.00 13.70 ? 29  ILE B CG1 1 
ATOM   201  C CG2 . ILE A 1 23  ? 1.246   -16.035 -7.573  1.00 14.68 ? 29  ILE B CG2 1 
ATOM   202  C CD1 . ILE A 1 23  ? 2.796   -15.605 -10.198 1.00 15.89 ? 29  ILE B CD1 1 
ATOM   203  N N   . ILE A 1 24  ? -1.050  -13.882 -5.962  1.00 14.22 ? 30  ILE B N   1 
ATOM   204  C CA  . ILE A 1 24  ? -1.343  -13.782 -4.510  1.00 14.69 ? 30  ILE B CA  1 
ATOM   205  C C   . ILE A 1 24  ? -1.248  -15.153 -3.876  1.00 15.09 ? 30  ILE B C   1 
ATOM   206  O O   . ILE A 1 24  ? -1.790  -16.168 -4.438  1.00 16.85 ? 30  ILE B O   1 
ATOM   207  C CB  . ILE A 1 24  ? -2.706  -13.151 -4.306  1.00 15.68 ? 30  ILE B CB  1 
ATOM   208  C CG1 . ILE A 1 24  ? -2.662  -11.693 -4.727  1.00 18.66 ? 30  ILE B CG1 1 
ATOM   209  C CG2 . ILE A 1 24  ? -3.169  -13.245 -2.857  1.00 16.23 ? 30  ILE B CG2 1 
ATOM   210  C CD1 . ILE A 1 24  ? -3.941  -11.095 -4.901  1.00 21.84 ? 30  ILE B CD1 1 
ATOM   211  N N   . SER A 1 25  ? -0.551  -15.296 -2.783  1.00 15.37 ? 31  SER B N   1 
ATOM   212  C CA  . SER A 1 25  ? -0.370  -16.593 -2.128  1.00 15.76 ? 31  SER B CA  1 
ATOM   213  C C   . SER A 1 25  ? -1.700  -17.153 -1.611  1.00 14.56 ? 31  SER B C   1 
ATOM   214  O O   . SER A 1 25  ? -2.663  -16.476 -1.460  1.00 15.39 ? 31  SER B O   1 
ATOM   215  C CB  . SER A 1 25  ? 0.620   -16.420 -1.044  1.00 16.06 ? 31  SER B CB  1 
ATOM   216  O OG  . SER A 1 25  ? 0.127   -15.518 -0.042  1.00 16.38 ? 31  SER B OG  1 
ATOM   217  N N   . LYS A 1 26  ? -1.688  -18.480 -1.388  1.00 18.75 ? 32  LYS B N   1 
ATOM   218  C CA  . LYS A 1 26  ? -2.854  -19.228 -0.845  1.00 19.50 ? 32  LYS B CA  1 
ATOM   219  C C   . LYS A 1 26  ? -3.411  -18.545 0.405   1.00 17.24 ? 32  LYS B C   1 
ATOM   220  O O   . LYS A 1 26  ? -4.614  -18.464 0.520   1.00 20.26 ? 32  LYS B O   1 
ATOM   221  C CB  . LYS A 1 26  ? -2.416  -20.657 -0.485  1.00 22.88 ? 32  LYS B CB  1 
ATOM   222  C CG  . LYS A 1 26  ? -3.519  -21.527 0.070   1.00 26.05 ? 32  LYS B CG  1 
ATOM   223  C CD  . LYS A 1 26  ? -3.199  -22.959 -0.196  1.00 27.09 ? 32  LYS B CD  1 
ATOM   224  C CE  . LYS A 1 26  ? -1.846  -23.318 0.360   1.00 31.77 ? 32  LYS B CE  1 
ATOM   225  N NZ  . LYS A 1 26  ? -1.648  -24.769 0.216   1.00 33.87 ? 32  LYS B NZ  1 
ATOM   226  N N   . ASP A 1 27  ? -2.530  -18.132 1.314   1.00 18.03 ? 33  ASP B N   1 
ATOM   227  C CA  . ASP A 1 27  ? -2.966  -17.507 2.593   1.00 17.25 ? 33  ASP B CA  1 
ATOM   228  C C   . ASP A 1 27  ? -3.417  -16.047 2.376   1.00 15.19 ? 33  ASP B C   1 
ATOM   229  O O   . ASP A 1 27  ? -3.892  -15.414 3.358   1.00 16.11 ? 33  ASP B O   1 
ATOM   230  C CB  . ASP A 1 27  ? -1.921  -17.622 3.694   1.00 19.43 ? 33  ASP B CB  1 
ATOM   231  C CG  . ASP A 1 27  ? -0.639  -16.856 3.473   1.00 20.50 ? 33  ASP B CG  1 
ATOM   232  O OD1 . ASP A 1 27  ? -0.541  -16.143 2.424   1.00 19.28 ? 33  ASP B OD1 1 
ATOM   233  O OD2 . ASP A 1 27  ? 0.225   -16.956 4.361   1.00 22.45 ? 33  ASP B OD2 1 
ATOM   234  N N   . ARG A 1 28  ? -3.350  -15.503 1.172   1.00 14.26 ? 34  ARG B N   1 
ATOM   235  C CA  . ARG A 1 28  ? -3.726  -14.118 0.822   1.00 14.27 ? 34  ARG B CA  1 
ATOM   236  C C   . ARG A 1 28  ? -2.916  -13.114 1.653   1.00 11.95 ? 34  ARG B C   1 
ATOM   237  O O   . ARG A 1 28  ? -3.402  -11.963 1.784   1.00 13.15 ? 34  ARG B O   1 
ATOM   238  C CB  . ARG A 1 28  ? -5.246  -13.948 0.901   1.00 18.38 ? 34  ARG B CB  1 
ATOM   239  C CG  . ARG A 1 28  ? -5.972  -14.917 -0.031  1.00 23.24 ? 34  ARG B CG  1 
ATOM   240  C CD  . ARG A 1 28  ? -7.449  -14.699 -0.145  1.00 30.38 ? 34  ARG B CD  1 
ATOM   241  N NE  . ARG A 1 28  ? -8.097  -14.750 1.146   1.00 37.66 ? 34  ARG B NE  1 
ATOM   242  C CZ  . ARG A 1 28  ? -8.592  -13.705 1.834   1.00 49.79 ? 34  ARG B CZ  1 
ATOM   243  N NH1 . ARG A 1 28  ? -8.555  -12.459 1.358   1.00 45.37 ? 34  ARG B NH1 1 
ATOM   244  N NH2 . ARG A 1 28  ? -9.156  -13.929 3.014   1.00 55.30 ? 34  ARG B NH2 1 
ATOM   245  N N   . ARG A 1 29  ? -1.723  -13.432 2.006   1.00 11.39 ? 35  ARG B N   1 
ATOM   246  C CA  . ARG A 1 29  ? -0.850  -12.525 2.774   1.00 12.92 ? 35  ARG B CA  1 
ATOM   247  C C   . ARG A 1 29  ? 0.380   -12.065 2.000   1.00 12.66 ? 35  ARG B C   1 
ATOM   248  O O   . ARG A 1 29  ? 1.112   -11.207 2.511   1.00 13.86 ? 35  ARG B O   1 
ATOM   249  C CB  . ARG A 1 29  ? -0.402  -13.192 4.084   1.00 13.73 ? 35  ARG B CB  1 
ATOM   250  C CG  . ARG A 1 29  ? -1.556  -13.540 5.013   1.00 15.96 ? 35  ARG B CG  1 
ATOM   251  C CD  . ARG A 1 29  ? -2.046  -12.416 5.886   1.00 17.55 ? 35  ARG B CD  1 
ATOM   252  N NE  . ARG A 1 29  ? -1.100  -12.224 6.984   1.00 18.41 ? 35  ARG B NE  1 
ATOM   253  C CZ  . ARG A 1 29  ? -1.111  -11.205 7.852   1.00 17.34 ? 35  ARG B CZ  1 
ATOM   254  N NH1 . ARG A 1 29  ? -2.057  -10.310 7.763   1.00 17.89 ? 35  ARG B NH1 1 
ATOM   255  N NH2 . ARG A 1 29  ? -0.197  -11.145 8.794   1.00 19.16 ? 35  ARG B NH2 1 
ATOM   256  N N   . GLN A 1 30  ? 0.678   -12.616 0.836   1.00 11.94 ? 36  GLN B N   1 
ATOM   257  C CA  . GLN A 1 30  ? 1.808   -12.212 -0.010  1.00 12.91 ? 36  GLN B CA  1 
ATOM   258  C C   . GLN A 1 30  ? 1.352   -11.957 -1.439  1.00 11.32 ? 36  GLN B C   1 
ATOM   259  O O   . GLN A 1 30  ? 0.405   -12.622 -1.944  1.00 12.85 ? 36  GLN B O   1 
ATOM   260  C CB  . GLN A 1 30  ? 2.875   -13.303 -0.036  1.00 14.95 ? 36  GLN B CB  1 
ATOM   261  C CG  . GLN A 1 30  ? 3.279   -13.782 1.345   1.00 17.54 ? 36  GLN B CG  1 
ATOM   262  C CD  . GLN A 1 30  ? 4.520   -14.645 1.269   1.00 21.66 ? 36  GLN B CD  1 
ATOM   263  O OE1 . GLN A 1 30  ? 5.286   -14.612 0.294   1.00 24.41 ? 36  GLN B OE1 1 
ATOM   264  N NE2 . GLN A 1 30  ? 4.743   -15.395 2.327   1.00 26.38 ? 36  GLN B NE2 1 
ATOM   265  N N   . VAL A 1 31  ? 2.052   -11.060 -2.114  1.00 11.03 ? 37  VAL B N   1 
ATOM   266  C CA  . VAL A 1 31  ? 1.749   -10.767 -3.531  1.00 10.77 ? 37  VAL B CA  1 
ATOM   267  C C   . VAL A 1 31  ? 3.044   -10.447 -4.247  1.00 11.02 ? 37  VAL B C   1 
ATOM   268  O O   . VAL A 1 31  ? 3.888   -9.735  -3.729  1.00 10.76 ? 37  VAL B O   1 
ATOM   269  C CB  . VAL A 1 31  ? 0.701   -9.665  -3.681  1.00 10.30 ? 37  VAL B CB  1 
ATOM   270  C CG1 . VAL A 1 31  ? 1.095   -8.363  -2.967  1.00 10.71 ? 37  VAL B CG1 1 
ATOM   271  C CG2 . VAL A 1 31  ? 0.378   -9.399  -5.135  1.00 10.98 ? 37  VAL B CG2 1 
ATOM   272  N N   . ARG A 1 32  ? 3.186   -10.952 -5.468  1.00 11.14 ? 38  ARG B N   1 
ATOM   273  C CA  . ARG A 1 32  ? 4.319   -10.585 -6.336  1.00 11.41 ? 38  ARG B CA  1 
ATOM   274  C C   . ARG A 1 32  ? 3.842   -10.462 -7.788  1.00 11.34 ? 38  ARG B C   1 
ATOM   275  O O   . ARG A 1 32  ? 2.785   -10.958 -8.164  1.00 11.05 ? 38  ARG B O   1 
ATOM   276  C CB  . ARG A 1 32  ? 5.441   -11.614 -6.241  1.00 13.23 ? 38  ARG B CB  1 
ATOM   277  C CG  . ARG A 1 32  ? 5.084   -12.963 -6.821  1.00 14.76 ? 38  ARG B CG  1 
ATOM   278  C CD  . ARG A 1 32  ? 6.205   -13.955 -6.506  1.00 17.58 ? 38  ARG B CD  1 
ATOM   279  N NE  . ARG A 1 32  ? 5.920   -15.265 -7.051  1.00 22.21 ? 38  ARG B NE  1 
ATOM   280  C CZ  . ARG A 1 32  ? 6.190   -15.665 -8.272  1.00 18.52 ? 38  ARG B CZ  1 
ATOM   281  N NH1 . ARG A 1 32  ? 6.745   -14.887 -9.169  1.00 22.63 ? 38  ARG B NH1 1 
ATOM   282  N NH2 . ARG A 1 32  ? 5.858   -16.926 -8.591  1.00 25.39 ? 38  ARG B NH2 1 
ATOM   283  N N   A MET A 1 33  ? 4.723   -9.824  -8.550  0.43 10.81 ? 39  MET B N   1 
ATOM   284  N N   B MET A 1 33  ? 4.595   -9.732  -8.604  0.42 11.74 ? 39  MET B N   1 
ATOM   285  C CA  A MET A 1 33  ? 4.569   -9.609  -10.009 0.43 12.17 ? 39  MET B CA  1 
ATOM   286  C CA  B MET A 1 33  ? 4.222   -9.591  -10.045 0.42 12.86 ? 39  MET B CA  1 
ATOM   287  C C   A MET A 1 33  ? 4.904   -10.926 -10.732 0.43 11.88 ? 39  MET B C   1 
ATOM   288  C C   B MET A 1 33  ? 4.871   -10.735 -10.815 0.42 12.44 ? 39  MET B C   1 
ATOM   289  O O   A MET A 1 33  ? 5.941   -11.506 -10.503 0.43 12.80 ? 39  MET B O   1 
ATOM   290  O O   B MET A 1 33  ? 6.166   -10.827 -10.783 0.42 11.48 ? 39  MET B O   1 
ATOM   291  C CB  A MET A 1 33  ? 5.484   -8.458  -10.448 0.43 12.47 ? 39  MET B CB  1 
ATOM   292  C CB  B MET A 1 33  ? 4.644   -8.272  -10.705 0.42 15.31 ? 39  MET B CB  1 
ATOM   293  C CG  A MET A 1 33  ? 5.283   -8.001  -11.895 0.43 14.35 ? 39  MET B CG  1 
ATOM   294  C CG  B MET A 1 33  ? 4.204   -8.164  -12.224 0.42 15.86 ? 39  MET B CG  1 
ATOM   295  S SD  A MET A 1 33  ? 3.545   -7.505  -12.239 0.43 18.14 ? 39  MET B SD  1 
ATOM   296  S SD  B MET A 1 33  ? 4.558   -6.484  -12.765 0.42 18.07 ? 39  MET B SD  1 
ATOM   297  C CE  A MET A 1 33  ? 3.708   -6.651  -13.799 0.43 17.20 ? 39  MET B CE  1 
ATOM   298  C CE  B MET A 1 33  ? 3.989   -6.655  -14.458 0.42 18.99 ? 39  MET B CE  1 
ATOM   299  N N   . GLY A 1 34  ? 3.966   -11.479 -11.474 1.00 12.80 ? 40  GLY B N   1 
ATOM   300  C CA  . GLY A 1 34  ? 4.299   -12.613 -12.359 1.00 14.77 ? 40  GLY B CA  1 
ATOM   301  C C   . GLY A 1 34  ? 4.984   -12.130 -13.626 1.00 15.42 ? 40  GLY B C   1 
ATOM   302  O O   . GLY A 1 34  ? 5.077   -10.943 -13.899 1.00 15.44 ? 40  GLY B O   1 
ATOM   303  N N   . ASP A 1 35  ? 5.609   -13.070 -14.363 1.00 19.94 ? 41  ASP B N   1 
ATOM   304  C CA  . ASP A 1 35  ? 6.325   -12.712 -15.629 1.00 21.67 ? 41  ASP B CA  1 
ATOM   305  C C   . ASP A 1 35  ? 5.307   -12.722 -16.800 1.00 20.82 ? 41  ASP B C   1 
ATOM   306  O O   . ASP A 1 35  ? 5.741   -12.356 -17.930 1.00 21.29 ? 41  ASP B O   1 
ATOM   307  C CB  . ASP A 1 35  ? 7.605   -13.564 -15.837 1.00 26.30 ? 41  ASP B CB  1 
ATOM   308  C CG  . ASP A 1 35  ? 8.840   -13.217 -14.977 1.00 32.84 ? 41  ASP B CG  1 
ATOM   309  O OD1 . ASP A 1 35  ? 9.074   -12.024 -14.670 1.00 36.18 ? 41  ASP B OD1 1 
ATOM   310  O OD2 . ASP A 1 35  ? 9.614   -14.140 -14.658 1.00 34.31 ? 41  ASP B OD2 1 
ATOM   311  N N   . THR A 1 36  ? 4.018   -12.988 -16.576 1.00 17.18 ? 42  THR B N   1 
ATOM   312  C CA  . THR A 1 36  ? 2.940   -13.011 -17.625 1.00 16.66 ? 42  THR B CA  1 
ATOM   313  C C   . THR A 1 36  ? 1.546   -12.796 -17.029 1.00 14.57 ? 42  THR B C   1 
ATOM   314  O O   . THR A 1 36  ? 1.344   -12.853 -15.734 1.00 14.02 ? 42  THR B O   1 
ATOM   315  C CB  . THR A 1 36  ? 3.088   -14.358 -18.331 1.00 18.49 ? 42  THR B CB  1 
ATOM   316  O OG1 . THR A 1 36  ? 2.260   -14.321 -19.476 1.00 21.25 ? 42  THR B OG1 1 
ATOM   317  C CG2 . THR A 1 36  ? 2.729   -15.510 -17.424 1.00 20.83 ? 42  THR B CG2 1 
ATOM   318  N N   . HIS A 1 37  ? 0.508   -12.680 -17.846 1.00 14.74 ? 43  HIS B N   1 
ATOM   319  C CA  . HIS A 1 37  ? -0.903  -12.716 -17.405 1.00 14.01 ? 43  HIS B CA  1 
ATOM   320  C C   . HIS A 1 37  ? -1.175  -13.996 -16.630 1.00 14.98 ? 43  HIS B C   1 
ATOM   321  O O   . HIS A 1 37  ? -0.815  -15.108 -17.135 1.00 15.37 ? 43  HIS B O   1 
ATOM   322  C CB  . HIS A 1 37  ? -1.817  -12.543 -18.637 1.00 13.48 ? 43  HIS B CB  1 
ATOM   323  C CG  . HIS A 1 37  ? -3.269  -12.390 -18.417 1.00 13.81 ? 43  HIS B CG  1 
ATOM   324  N ND1 . HIS A 1 37  ? -4.090  -13.406 -17.972 1.00 13.94 ? 43  HIS B ND1 1 
ATOM   325  C CD2 . HIS A 1 37  ? -4.089  -11.322 -18.636 1.00 13.07 ? 43  HIS B CD2 1 
ATOM   326  C CE1 . HIS A 1 37  ? -5.325  -12.980 -17.936 1.00 13.75 ? 43  HIS B CE1 1 
ATOM   327  N NE2 . HIS A 1 37  ? -5.353  -11.664 -18.340 1.00 13.91 ? 43  HIS B NE2 1 
ATOM   328  N N   . GLN A 1 38  ? -1.891  -13.925 -15.514 1.00 12.92 ? 44  GLN B N   1 
ATOM   329  C CA  . GLN A 1 38  ? -2.081  -15.076 -14.611 1.00 12.94 ? 44  GLN B CA  1 
ATOM   330  C C   . GLN A 1 38  ? -3.375  -15.849 -14.881 1.00 14.20 ? 44  GLN B C   1 
ATOM   331  O O   . GLN A 1 38  ? -3.822  -16.631 -14.019 1.00 15.96 ? 44  GLN B O   1 
ATOM   332  C CB  . GLN A 1 38  ? -1.968  -14.611 -13.156 1.00 13.45 ? 44  GLN B CB  1 
ATOM   333  C CG  . GLN A 1 38  ? -0.581  -14.140 -12.843 1.00 13.38 ? 44  GLN B CG  1 
ATOM   334  C CD  . GLN A 1 38  ? 0.483   -15.169 -13.115 1.00 12.84 ? 44  GLN B CD  1 
ATOM   335  O OE1 . GLN A 1 38  ? 1.502   -14.917 -13.771 1.00 16.65 ? 44  GLN B OE1 1 
ATOM   336  N NE2 . GLN A 1 38  ? 0.256   -16.383 -12.644 1.00 12.54 ? 44  GLN B NE2 1 
ATOM   337  N N   . ASN A 1 39  ? -3.965  -15.674 -16.058 1.00 14.12 ? 45  ASN B N   1 
ATOM   338  C CA  . ASN A 1 39  ? -5.023  -16.590 -16.574 1.00 12.84 ? 45  ASN B CA  1 
ATOM   339  C C   . ASN A 1 39  ? -6.316  -16.418 -15.808 1.00 14.33 ? 45  ASN B C   1 
ATOM   340  O O   . ASN A 1 39  ? -7.099  -17.374 -15.640 1.00 16.21 ? 45  ASN B O   1 
ATOM   341  C CB  . ASN A 1 39  ? -4.581  -18.072 -16.608 1.00 13.15 ? 45  ASN B CB  1 
ATOM   342  C CG  . ASN A 1 39  ? -5.384  -18.852 -17.639 1.00 12.85 ? 45  ASN B CG  1 
ATOM   343  O OD1 . ASN A 1 39  ? -5.838  -18.311 -18.650 1.00 12.70 ? 45  ASN B OD1 1 
ATOM   344  N ND2 . ASN A 1 39  ? -5.613  -20.140 -17.389 1.00 13.18 ? 45  ASN B ND2 1 
ATOM   345  N N   . VAL A 1 40  ? -6.637  -15.194 -15.422 1.00 16.04 ? 46  VAL B N   1 
ATOM   346  C CA  . VAL A 1 40  ? -7.895  -14.785 -14.740 1.00 16.32 ? 46  VAL B CA  1 
ATOM   347  C C   . VAL A 1 40  ? -8.787  -13.993 -15.717 1.00 15.05 ? 46  VAL B C   1 
ATOM   348  O O   . VAL A 1 40  ? -8.226  -13.359 -16.594 1.00 15.83 ? 46  VAL B O   1 
ATOM   349  C CB  . VAL A 1 40  ? -7.610  -13.955 -13.461 1.00 18.46 ? 46  VAL B CB  1 
ATOM   350  C CG1 . VAL A 1 40  ? -6.940  -14.822 -12.401 1.00 21.44 ? 46  VAL B CG1 1 
ATOM   351  C CG2 . VAL A 1 40  ? -6.772  -12.702 -13.725 1.00 19.32 ? 46  VAL B CG2 1 
ATOM   352  N N   . SER A 1 41  ? -10.095 -13.983 -15.534 1.00 16.80 ? 47  SER B N   1 
ATOM   353  C CA  . SER A 1 41  ? -11.013 -13.125 -16.304 1.00 17.29 ? 47  SER B CA  1 
ATOM   354  C C   . SER A 1 41  ? -10.847 -11.669 -15.877 1.00 16.34 ? 47  SER B C   1 
ATOM   355  O O   . SER A 1 41  ? -10.458 -11.377 -14.695 1.00 16.01 ? 47  SER B O   1 
ATOM   356  C CB  . SER A 1 41  ? -12.432 -13.581 -16.128 1.00 19.93 ? 47  SER B CB  1 
ATOM   357  O OG  . SER A 1 41  ? -12.796 -13.566 -14.759 1.00 22.76 ? 47  SER B OG  1 
ATOM   358  N N   . ASP A 1 42  ? -11.157 -10.745 -16.754 1.00 16.62 ? 48  ASP B N   1 
ATOM   359  C CA  . ASP A 1 42  ? -11.152 -9.308  -16.428 1.00 17.34 ? 48  ASP B CA  1 
ATOM   360  C C   . ASP A 1 42  ? -12.443 -8.978  -15.694 1.00 18.29 ? 48  ASP B C   1 
ATOM   361  O O   . ASP A 1 42  ? -13.448 -9.722  -15.795 1.00 18.65 ? 48  ASP B O   1 
ATOM   362  C CB  . ASP A 1 42  ? -10.931 -8.477  -17.679 1.00 19.05 ? 48  ASP B CB  1 
ATOM   363  C CG  . ASP A 1 42  ? -10.751 -7.034  -17.298 1.00 23.74 ? 48  ASP B CG  1 
ATOM   364  O OD1 . ASP A 1 42  ? -9.990  -6.747  -16.287 1.00 17.74 ? 48  ASP B OD1 1 
ATOM   365  O OD2 . ASP A 1 42  ? -11.523 -6.230  -17.899 1.00 29.12 ? 48  ASP B OD2 1 
ATOM   366  N N   . ASN A 1 43  ? -12.421 -7.885  -14.921 1.00 16.66 ? 49  ASN B N   1 
ATOM   367  C CA  . ASN A 1 43  ? -13.617 -7.409  -14.201 1.00 17.73 ? 49  ASN B CA  1 
ATOM   368  C C   . ASN A 1 43  ? -13.376 -5.935  -13.904 1.00 18.68 ? 49  ASN B C   1 
ATOM   369  O O   . ASN A 1 43  ? -12.244 -5.423  -14.128 1.00 18.75 ? 49  ASN B O   1 
ATOM   370  C CB  . ASN A 1 43  ? -13.902 -8.268  -12.995 1.00 17.21 ? 49  ASN B CB  1 
ATOM   371  C CG  . ASN A 1 43  ? -12.900 -8.061  -11.878 1.00 17.14 ? 49  ASN B CG  1 
ATOM   372  O OD1 . ASN A 1 43  ? -12.623 -6.909  -11.513 1.00 18.41 ? 49  ASN B OD1 1 
ATOM   373  N ND2 . ASN A 1 43  ? -12.361 -9.094  -11.324 1.00 16.22 ? 49  ASN B ND2 1 
ATOM   374  N N   . LYS A 1 44  ? -14.421 -5.245  -13.481 1.00 19.47 ? 50  LYS B N   1 
ATOM   375  C CA  . LYS A 1 44  ? -14.383 -3.768  -13.338 1.00 20.67 ? 50  LYS B CA  1 
ATOM   376  C C   . LYS A 1 44  ? -13.532 -3.366  -12.117 1.00 17.15 ? 50  LYS B C   1 
ATOM   377  O O   . LYS A 1 44  ? -13.137 -2.194  -12.083 1.00 18.95 ? 50  LYS B O   1 
ATOM   378  C CB  . LYS A 1 44  ? -15.798 -3.197  -13.149 1.00 23.81 ? 50  LYS B CB  1 
ATOM   379  C CG  . LYS A 1 44  ? -16.512 -3.720  -11.921 1.00 28.94 ? 50  LYS B CG  1 
ATOM   380  C CD  . LYS A 1 44  ? -18.014 -3.462  -11.912 1.00 38.34 ? 50  LYS B CD  1 
ATOM   381  C CE  . LYS A 1 44  ? -18.553 -3.327  -10.505 1.00 42.38 ? 50  LYS B CE  1 
ATOM   382  N NZ  . LYS A 1 44  ? -19.539 -2.225  -10.428 1.00 48.99 ? 50  LYS B NZ  1 
ATOM   383  N N   . GLU A 1 45  ? -13.307 -4.282  -11.202 1.00 16.19 ? 51  GLU B N   1 
ATOM   384  C CA  . GLU A 1 45  ? -12.507 -3.977  -9.974  1.00 15.90 ? 51  GLU B CA  1 
ATOM   385  C C   . GLU A 1 45  ? -10.996 -3.975  -10.255 1.00 15.53 ? 51  GLU B C   1 
ATOM   386  O O   . GLU A 1 45  ? -10.229 -3.349  -9.463  1.00 15.63 ? 51  GLU B O   1 
ATOM   387  C CB  . GLU A 1 45  ? -12.779 -4.982  -8.880  1.00 18.00 ? 51  GLU B CB  1 
ATOM   388  C CG  . GLU A 1 45  ? -14.241 -5.128  -8.432  1.00 23.46 ? 51  GLU B CG  1 
ATOM   389  C CD  . GLU A 1 45  ? -14.394 -6.200  -7.351  1.00 29.62 ? 51  GLU B CD  1 
ATOM   390  O OE1 . GLU A 1 45  ? -15.006 -7.264  -7.634  1.00 36.74 ? 51  GLU B OE1 1 
ATOM   391  O OE2 . GLU A 1 45  ? -13.857 -6.030  -6.231  1.00 33.14 ? 51  GLU B OE2 1 
ATOM   392  N N   . ARG A 1 46  ? -10.495 -4.705  -11.256 1.00 13.91 ? 52  ARG B N   1 
ATOM   393  C CA  . ARG A 1 46  ? -9.016  -4.880  -11.376 1.00 12.86 ? 52  ARG B CA  1 
ATOM   394  C C   . ARG A 1 46  ? -8.324  -3.603  -11.767 1.00 12.53 ? 52  ARG B C   1 
ATOM   395  O O   . ARG A 1 46  ? -8.720  -2.912  -12.711 1.00 13.76 ? 52  ARG B O   1 
ATOM   396  C CB  . ARG A 1 46  ? -8.693  -5.952  -12.426 1.00 11.92 ? 52  ARG B CB  1 
ATOM   397  C CG  . ARG A 1 46  ? -9.217  -7.331  -12.119 1.00 13.48 ? 52  ARG B CG  1 
ATOM   398  C CD  . ARG A 1 46  ? -8.455  -8.407  -12.958 1.00 13.16 ? 52  ARG B CD  1 
ATOM   399  N NE  . ARG A 1 46  ? -9.029  -9.715  -12.716 1.00 14.89 ? 52  ARG B NE  1 
ATOM   400  C CZ  . ARG A 1 46  ? -8.894  -10.440 -11.620 1.00 14.98 ? 52  ARG B CZ  1 
ATOM   401  N NH1 . ARG A 1 46  ? -8.029  -10.068 -10.672 1.00 13.88 ? 52  ARG B NH1 1 
ATOM   402  N NH2 . ARG A 1 46  ? -9.577  -11.570 -11.442 1.00 17.42 ? 52  ARG B NH2 1 
ATOM   403  N N   . PHE A 1 47  ? -7.221  -3.282  -11.096 1.00 12.04 ? 53  PHE B N   1 
ATOM   404  C CA  . PHE A 1 47  ? -6.354  -2.200  -11.552 1.00 11.76 ? 53  PHE B CA  1 
ATOM   405  C C   . PHE A 1 47  ? -5.733  -2.619  -12.903 1.00 13.09 ? 53  PHE B C   1 
ATOM   406  O O   . PHE A 1 47  ? -5.044  -3.641  -12.978 1.00 13.08 ? 53  PHE B O   1 
ATOM   407  C CB  . PHE A 1 47  ? -5.257  -1.908  -10.537 1.00 10.59 ? 53  PHE B CB  1 
ATOM   408  C CG  . PHE A 1 47  ? -5.781  -1.187  -9.313  1.00 10.54 ? 53  PHE B CG  1 
ATOM   409  C CD1 . PHE A 1 47  ? -6.009  0.182   -9.354  1.00 10.83 ? 53  PHE B CD1 1 
ATOM   410  C CD2 . PHE A 1 47  ? -6.054  -1.865  -8.138  1.00 11.05 ? 53  PHE B CD2 1 
ATOM   411  C CE1 . PHE A 1 47  ? -6.506  0.856   -8.249  1.00 11.91 ? 53  PHE B CE1 1 
ATOM   412  C CE2 . PHE A 1 47  ? -6.527  -1.170  -7.008  1.00 11.23 ? 53  PHE B CE2 1 
ATOM   413  C CZ  . PHE A 1 47  ? -6.739  0.184   -7.099  1.00 10.71 ? 53  PHE B CZ  1 
ATOM   414  N N   . SER A 1 48  ? -5.907  -1.839  -13.949 1.00 13.63 ? 54  SER B N   1 
ATOM   415  C CA  . SER A 1 48  ? -5.474  -2.222  -15.327 1.00 14.84 ? 54  SER B CA  1 
ATOM   416  C C   . SER A 1 48  ? -4.055  -1.778  -15.598 1.00 14.62 ? 54  SER B C   1 
ATOM   417  O O   . SER A 1 48  ? -3.318  -2.556  -16.304 1.00 16.93 ? 54  SER B O   1 
ATOM   418  C CB  . SER A 1 48  ? -6.430  -1.632  -16.383 1.00 16.22 ? 54  SER B CB  1 
ATOM   419  O OG  . SER A 1 48  ? -6.478  -0.228  -16.334 1.00 15.92 ? 54  SER B OG  1 
ATOM   420  N N   . ASN A 1 49  ? -3.606  -0.619  -15.207 1.00 13.75 ? 55  ASN B N   1 
ATOM   421  C CA  . ASN A 1 49  ? -2.388  0.014   -15.748 1.00 15.27 ? 55  ASN B CA  1 
ATOM   422  C C   . ASN A 1 49  ? -1.167  -0.297  -14.882 1.00 13.99 ? 55  ASN B C   1 
ATOM   423  O O   . ASN A 1 49  ? -0.045  -0.055  -15.326 1.00 15.54 ? 55  ASN B O   1 
ATOM   424  C CB  . ASN A 1 49  ? -2.489  1.544   -15.870 1.00 16.51 ? 55  ASN B CB  1 
ATOM   425  C CG  . ASN A 1 49  ? -3.374  2.028   -17.008 1.00 18.06 ? 55  ASN B CG  1 
ATOM   426  O OD1 . ASN A 1 49  ? -4.438  1.491   -17.208 1.00 20.09 ? 55  ASN B OD1 1 
ATOM   427  N ND2 . ASN A 1 49  ? -2.917  3.060   -17.727 1.00 21.34 ? 55  ASN B ND2 1 
ATOM   428  N N   . TYR A 1 50  ? -1.364  -0.691  -13.611 1.00 12.90 ? 56  TYR B N   1 
ATOM   429  C CA  . TYR A 1 50  ? -0.250  -0.803  -12.631 1.00 11.84 ? 56  TYR B CA  1 
ATOM   430  C C   . TYR A 1 50  ? -0.432  -2.076  -11.816 1.00 10.24 ? 56  TYR B C   1 
ATOM   431  O O   . TYR A 1 50  ? -1.533  -2.563  -11.671 1.00 11.48 ? 56  TYR B O   1 
ATOM   432  C CB  . TYR A 1 50  ? -0.309  0.401   -11.687 1.00 11.98 ? 56  TYR B CB  1 
ATOM   433  C CG  . TYR A 1 50  ? -0.513  1.743   -12.358 1.00 13.11 ? 56  TYR B CG  1 
ATOM   434  C CD1 . TYR A 1 50  ? 0.545   2.338   -13.035 1.00 15.50 ? 56  TYR B CD1 1 
ATOM   435  C CD2 . TYR A 1 50  ? -1.713  2.445   -12.308 1.00 14.05 ? 56  TYR B CD2 1 
ATOM   436  C CE1 . TYR A 1 50  ? 0.413   3.591   -13.642 1.00 16.70 ? 56  TYR B CE1 1 
ATOM   437  C CE2 . TYR A 1 50  ? -1.880  3.653   -12.971 1.00 15.27 ? 56  TYR B CE2 1 
ATOM   438  C CZ  . TYR A 1 50  ? -0.800  4.247   -13.595 1.00 15.19 ? 56  TYR B CZ  1 
ATOM   439  O OH  . TYR A 1 50  ? -1.018  5.474   -14.173 1.00 16.26 ? 56  TYR B OH  1 
ATOM   440  N N   . PRO A 1 51  ? 0.664   -2.605  -11.226 1.00 10.67 ? 57  PRO B N   1 
ATOM   441  C CA  . PRO A 1 51  ? 0.630   -3.861  -10.477 1.00 10.43 ? 57  PRO B CA  1 
ATOM   442  C C   . PRO A 1 51  ? 0.087   -3.701  -9.038  1.00 9.49  ? 57  PRO B C   1 
ATOM   443  O O   . PRO A 1 51  ? 0.754   -4.016  -8.061  1.00 9.93  ? 57  PRO B O   1 
ATOM   444  C CB  . PRO A 1 51  ? 2.105   -4.365  -10.504 1.00 12.57 ? 57  PRO B CB  1 
ATOM   445  C CG  . PRO A 1 51  ? 2.830   -3.438  -11.452 1.00 14.50 ? 57  PRO B CG  1 
ATOM   446  C CD  . PRO A 1 51  ? 2.034   -2.173  -11.455 1.00 12.15 ? 57  PRO B CD  1 
ATOM   447  N N   . MET A 1 52  ? -1.170  -3.248  -8.961  1.00 9.71  ? 58  MET B N   1 
ATOM   448  C CA  . MET A 1 52  ? -1.839  -2.852  -7.708  1.00 8.70  ? 58  MET B CA  1 
ATOM   449  C C   . MET A 1 52  ? -2.870  -3.865  -7.320  1.00 9.19  ? 58  MET B C   1 
ATOM   450  O O   . MET A 1 52  ? -3.485  -4.608  -8.129  1.00 9.83  ? 58  MET B O   1 
ATOM   451  C CB  . MET A 1 52  ? -2.483  -1.493  -7.897  1.00 9.57  ? 58  MET B CB  1 
ATOM   452  C CG  . MET A 1 52  ? -1.508  -0.366  -8.050  1.00 9.57  ? 58  MET B CG  1 
ATOM   453  S SD  . MET A 1 52  ? -2.351  1.138   -8.661  1.00 11.11 ? 58  MET B SD  1 
ATOM   454  C CE  . MET A 1 52  ? -1.006  2.318   -8.765  1.00 12.27 ? 58  MET B CE  1 
ATOM   455  N N   . VAL A 1 53  ? -3.147  -3.898  -6.005  1.00 8.89  ? 59  VAL B N   1 
ATOM   456  C CA  . VAL A 1 53  ? -4.164  -4.771  -5.372  1.00 9.74  ? 59  VAL B CA  1 
ATOM   457  C C   . VAL A 1 53  ? -4.637  -4.099  -4.071  1.00 9.97  ? 59  VAL B C   1 
ATOM   458  O O   . VAL A 1 53  ? -3.826  -3.382  -3.432  1.00 9.85  ? 59  VAL B O   1 
ATOM   459  C CB  . VAL A 1 53  ? -3.637  -6.203  -5.156  1.00 10.13 ? 59  VAL B CB  1 
ATOM   460  C CG1 . VAL A 1 53  ? -2.435  -6.240  -4.234  1.00 10.48 ? 59  VAL B CG1 1 
ATOM   461  C CG2 . VAL A 1 53  ? -4.720  -7.160  -4.673  1.00 10.44 ? 59  VAL B CG2 1 
ATOM   462  N N   . LEU A 1 54  ? -5.862  -4.383  -3.677  1.00 9.39  ? 60  LEU B N   1 
ATOM   463  C CA  . LEU A 1 54  ? -6.413  -3.872  -2.400  1.00 9.51  ? 60  LEU B CA  1 
ATOM   464  C C   . LEU A 1 54  ? -6.478  -4.965  -1.367  1.00 10.56 ? 60  LEU B C   1 
ATOM   465  O O   . LEU A 1 54  ? -6.693  -6.192  -1.675  1.00 11.73 ? 60  LEU B O   1 
ATOM   466  C CB  . LEU A 1 54  ? -7.812  -3.301  -2.571  1.00 10.90 ? 60  LEU B CB  1 
ATOM   467  C CG  . LEU A 1 54  ? -7.921  -2.201  -3.603  1.00 11.21 ? 60  LEU B CG  1 
ATOM   468  C CD1 . LEU A 1 54  ? -9.333  -1.590  -3.677  1.00 12.87 ? 60  LEU B CD1 1 
ATOM   469  C CD2 . LEU A 1 54  ? -6.889  -1.109  -3.399  1.00 11.49 ? 60  LEU B CD2 1 
ATOM   470  N N   . GLY A 1 55  ? -6.431  -4.597  -0.088  1.00 10.48 ? 61  GLY B N   1 
ATOM   471  C CA  . GLY A 1 55  ? -6.879  -5.473  1.014   1.00 11.11 ? 61  GLY B CA  1 
ATOM   472  C C   . GLY A 1 55  ? -8.393  -5.727  0.932   1.00 11.35 ? 61  GLY B C   1 
ATOM   473  O O   . GLY A 1 55  ? -9.122  -4.881  0.461   1.00 12.08 ? 61  GLY B O   1 
ATOM   474  N N   . ALA A 1 56  ? -8.829  -6.861  1.466   1.00 12.91 ? 62  ALA B N   1 
ATOM   475  C CA  . ALA A 1 56  ? -10.267 -7.209  1.519   1.00 14.43 ? 62  ALA B CA  1 
ATOM   476  C C   . ALA A 1 56  ? -10.991 -6.367  2.571   1.00 15.55 ? 62  ALA B C   1 
ATOM   477  O O   . ALA A 1 56  ? -12.189 -6.086  2.402   1.00 19.34 ? 62  ALA B O   1 
ATOM   478  C CB  . ALA A 1 56  ? -10.407 -8.661  1.814   1.00 16.18 ? 62  ALA B CB  1 
ATOM   479  N N   . GLN A 1 57  ? -10.283 -5.970  3.613   1.00 13.77 ? 63  GLN B N   1 
ATOM   480  C CA  . GLN A 1 57  ? -10.910 -5.255  4.758   1.00 14.58 ? 63  GLN B CA  1 
ATOM   481  C C   . GLN A 1 57  ? -11.317 -3.844  4.336   1.00 15.37 ? 63  GLN B C   1 
ATOM   482  O O   . GLN A 1 57  ? -10.608 -3.157  3.543   1.00 16.34 ? 63  GLN B O   1 
ATOM   483  C CB  . GLN A 1 57  ? -9.940  -5.255  5.944   1.00 17.08 ? 63  GLN B CB  1 
ATOM   484  C CG  . GLN A 1 57  ? -9.744  -6.627  6.568   1.00 19.17 ? 63  GLN B CG  1 
ATOM   485  C CD  . GLN A 1 57  ? -8.935  -7.585  5.709   1.00 18.55 ? 63  GLN B CD  1 
ATOM   486  O OE1 . GLN A 1 57  ? -8.014  -7.150  5.032   1.00 17.37 ? 63  GLN B OE1 1 
ATOM   487  N NE2 . GLN A 1 57  ? -9.246  -8.866  5.717   1.00 21.13 ? 63  GLN B NE2 1 
ATOM   488  N N   . ARG A 1 58  ? -12.467 -3.372  4.814   1.00 15.91 ? 64  ARG B N   1 
ATOM   489  C CA  . ARG A 1 58  ? -12.944 -1.991  4.672   1.00 15.90 ? 64  ARG B CA  1 
ATOM   490  C C   . ARG A 1 58  ? -13.041 -1.346  6.047   1.00 14.40 ? 64  ARG B C   1 
ATOM   491  O O   . ARG A 1 58  ? -13.515 -2.022  7.001   1.00 18.30 ? 64  ARG B O   1 
ATOM   492  C CB  . ARG A 1 58  ? -14.360 -1.920  4.068   1.00 19.92 ? 64  ARG B CB  1 
ATOM   493  C CG  . ARG A 1 58  ? -14.490 -2.132  2.559   1.00 27.28 ? 64  ARG B CG  1 
ATOM   494  C CD  . ARG A 1 58  ? -13.726 -3.343  2.071   1.00 29.19 ? 64  ARG B CD  1 
ATOM   495  N NE  . ARG A 1 58  ? -14.091 -4.248  0.970   1.00 35.05 ? 64  ARG B NE  1 
ATOM   496  C CZ  . ARG A 1 58  ? -14.988 -4.065  0.004   1.00 33.96 ? 64  ARG B CZ  1 
ATOM   497  N NH1 . ARG A 1 58  ? -15.152 -5.018  -0.900  1.00 38.40 ? 64  ARG B NH1 1 
ATOM   498  N NH2 . ARG A 1 58  ? -15.719 -2.976  -0.073  1.00 35.62 ? 64  ARG B NH2 1 
ATOM   499  N N   . PHE A 1 59  ? -12.551 -0.147  6.188   1.00 13.28 ? 65  PHE B N   1 
ATOM   500  C CA  . PHE A 1 59  ? -12.537 0.569   7.486   1.00 14.65 ? 65  PHE B CA  1 
ATOM   501  C C   . PHE A 1 59  ? -13.270 1.881   7.329   1.00 13.48 ? 65  PHE B C   1 
ATOM   502  O O   . PHE A 1 59  ? -12.990 2.664   6.446   1.00 13.37 ? 65  PHE B O   1 
ATOM   503  C CB  . PHE A 1 59  ? -11.084 0.849   7.929   1.00 16.46 ? 65  PHE B CB  1 
ATOM   504  C CG  . PHE A 1 59  ? -10.229 -0.391  8.038   1.00 18.48 ? 65  PHE B CG  1 
ATOM   505  C CD1 . PHE A 1 59  ? -10.650 -1.417  8.870   1.00 20.53 ? 65  PHE B CD1 1 
ATOM   506  C CD2 . PHE A 1 59  ? -9.056  -0.565  7.338   1.00 25.16 ? 65  PHE B CD2 1 
ATOM   507  C CE1 . PHE A 1 59  ? -9.922  -2.584  9.030   1.00 23.33 ? 65  PHE B CE1 1 
ATOM   508  C CE2 . PHE A 1 59  ? -8.304  -1.731  7.521   1.00 20.66 ? 65  PHE B CE2 1 
ATOM   509  C CZ  . PHE A 1 59  ? -8.763  -2.741  8.327   1.00 22.52 ? 65  PHE B CZ  1 
ATOM   510  N N   A SER A 1 60  ? -14.230 2.143   8.230   0.25 13.64 ? 66  SER B N   1 
ATOM   511  N N   B SER A 1 60  ? -14.210 2.144   8.245   0.25 14.00 ? 66  SER B N   1 
ATOM   512  C CA  A SER A 1 60  ? -15.024 3.401   8.236   0.25 13.54 ? 66  SER B CA  1 
ATOM   513  C CA  B SER A 1 60  ? -15.000 3.402   8.290   0.25 14.12 ? 66  SER B CA  1 
ATOM   514  C C   A SER A 1 60  ? -14.986 4.096   9.608   0.25 13.47 ? 66  SER B C   1 
ATOM   515  C C   B SER A 1 60  ? -15.024 3.981   9.701   0.25 14.00 ? 66  SER B C   1 
ATOM   516  O O   A SER A 1 60  ? -15.556 5.204   9.720   0.25 13.16 ? 66  SER B O   1 
ATOM   517  O O   B SER A 1 60  ? -15.875 4.829   9.973   0.25 12.94 ? 66  SER B O   1 
ATOM   518  C CB  A SER A 1 60  ? -16.439 3.152   7.738   0.25 13.85 ? 66  SER B CB  1 
ATOM   519  C CB  B SER A 1 60  ? -16.397 3.162   7.845   0.25 14.75 ? 66  SER B CB  1 
ATOM   520  O OG  A SER A 1 60  ? -16.448 2.925   6.318   0.25 13.77 ? 66  SER B OG  1 
ATOM   521  O OG  B SER A 1 60  ? -16.966 2.188   8.686   0.25 15.83 ? 66  SER B OG  1 
ATOM   522  N N   A SER A 1 61  ? -14.277 3.518   10.583  0.25 13.29 ? 67  SER B N   1 
ATOM   523  N N   B SER A 1 61  ? -14.158 3.505   10.582  0.25 14.30 ? 67  SER B N   1 
ATOM   524  C CA  A SER A 1 61  ? -14.131 4.060   11.962  0.25 14.32 ? 67  SER B CA  1 
ATOM   525  C CA  B SER A 1 61  ? -14.118 3.980   11.981  0.25 15.95 ? 67  SER B CA  1 
ATOM   526  C C   A SER A 1 61  ? -12.881 3.472   12.624  0.25 14.83 ? 67  SER B C   1 
ATOM   527  C C   B SER A 1 61  ? -12.912 3.379   12.687  0.25 15.71 ? 67  SER B C   1 
ATOM   528  O O   A SER A 1 61  ? -12.336 2.518   12.080  0.25 15.20 ? 67  SER B O   1 
ATOM   529  O O   B SER A 1 61  ? -12.458 2.299   12.254  0.25 16.14 ? 67  SER B O   1 
ATOM   530  C CB  A SER A 1 61  ? -15.359 3.731   12.802  0.25 14.72 ? 67  SER B CB  1 
ATOM   531  C CB  B SER A 1 61  ? -15.392 3.599   12.704  0.25 16.98 ? 67  SER B CB  1 
ATOM   532  O OG  A SER A 1 61  ? -15.403 2.346   13.109  0.25 15.50 ? 67  SER B OG  1 
ATOM   533  O OG  B SER A 1 61  ? -15.414 4.192   13.988  0.25 20.04 ? 67  SER B OG  1 
ATOM   534  N N   . GLY A 1 62  ? -12.468 4.024   13.764  1.00 16.33 ? 68  GLY B N   1 
ATOM   535  C CA  . GLY A 1 62  ? -11.477 3.390   14.639  1.00 16.94 ? 68  GLY B CA  1 
ATOM   536  C C   . GLY A 1 62  ? -10.041 3.624   14.216  1.00 14.15 ? 68  GLY B C   1 
ATOM   537  O O   . GLY A 1 62  ? -9.741  4.431   13.323  1.00 15.60 ? 68  GLY B O   1 
ATOM   538  N N   . LYS A 1 63  ? -9.210  2.903   14.920  1.00 14.12 ? 69  LYS B N   1 
ATOM   539  C CA  . LYS A 1 63  ? -7.750  2.921   14.748  1.00 15.03 ? 69  LYS B CA  1 
ATOM   540  C C   . LYS A 1 63  ? -7.349  1.545   14.252  1.00 14.55 ? 69  LYS B C   1 
ATOM   541  O O   . LYS A 1 63  ? -7.732  0.546   14.848  1.00 16.55 ? 69  LYS B O   1 
ATOM   542  C CB  . LYS A 1 63  ? -7.091  3.305   16.069  1.00 16.51 ? 69  LYS B CB  1 
ATOM   543  C CG  . LYS A 1 63  ? -7.408  4.705   16.565  1.00 16.99 ? 69  LYS B CG  1 
ATOM   544  C CD  . LYS A 1 63  ? -6.806  5.019   17.964  1.00 19.99 ? 69  LYS B CD  1 
ATOM   545  C CE  . LYS A 1 63  ? -7.025  6.447   18.424  1.00 22.33 ? 69  LYS B CE  1 
ATOM   546  N NZ  . LYS A 1 63  ? -6.433  6.694   19.764  1.00 25.88 ? 69  LYS B NZ  1 
ATOM   547  N N   . MET A 1 64  ? -6.489  1.482   13.238  1.00 13.47 ? 70  MET B N   1 
ATOM   548  C CA  . MET A 1 64  ? -6.021  0.237   12.587  1.00 13.65 ? 70  MET B CA  1 
ATOM   549  C C   . MET A 1 64  ? -4.519  0.322   12.348  1.00 12.78 ? 70  MET B C   1 
ATOM   550  O O   . MET A 1 64  ? -4.020  1.401   12.012  1.00 13.19 ? 70  MET B O   1 
ATOM   551  C CB  . MET A 1 64  ? -6.656  0.053   11.229  1.00 14.04 ? 70  MET B CB  1 
ATOM   552  C CG  . MET A 1 64  ? -8.132  -0.280  11.205  1.00 15.29 ? 70  MET B CG  1 
ATOM   553  S SD  . MET A 1 64  ? -9.356  0.941   11.764  1.00 17.16 ? 70  MET B SD  1 
ATOM   554  C CE  . MET A 1 64  ? -8.999  2.342   10.734  1.00 17.50 ? 70  MET B CE  1 
ATOM   555  N N   . TYR A 1 65  ? -3.821  -0.781  12.468  1.00 13.05 ? 71  TYR B N   1 
ATOM   556  C CA  . TYR A 1 65  ? -2.349  -0.842  12.268  1.00 12.55 ? 71  TYR B CA  1 
ATOM   557  C C   . TYR A 1 65  ? -2.025  -2.147  11.573  1.00 13.05 ? 71  TYR B C   1 
ATOM   558  O O   . TYR A 1 65  ? -2.534  -3.216  12.006  1.00 13.65 ? 71  TYR B O   1 
ATOM   559  C CB  . TYR A 1 65  ? -1.619  -0.746  13.612  1.00 14.07 ? 71  TYR B CB  1 
ATOM   560  C CG  . TYR A 1 65  ? -0.112  -0.810  13.526  1.00 13.16 ? 71  TYR B CG  1 
ATOM   561  C CD1 . TYR A 1 65  ? 0.616   0.285   13.093  1.00 13.56 ? 71  TYR B CD1 1 
ATOM   562  C CD2 . TYR A 1 65  ? 0.582   -1.993  13.797  1.00 13.98 ? 71  TYR B CD2 1 
ATOM   563  C CE1 . TYR A 1 65  ? 2.004   0.239   12.954  1.00 14.62 ? 71  TYR B CE1 1 
ATOM   564  C CE2 . TYR A 1 65  ? 1.957   -2.045  13.658  1.00 13.55 ? 71  TYR B CE2 1 
ATOM   565  C CZ  . TYR A 1 65  ? 2.665   -0.942  13.247  1.00 14.24 ? 71  TYR B CZ  1 
ATOM   566  O OH  . TYR A 1 65  ? 4.010   -1.041  13.117  1.00 15.17 ? 71  TYR B OH  1 
ATOM   567  N N   . TRP A 1 66  ? -1.135  -2.120  10.588  1.00 11.49 ? 72  TRP B N   1 
ATOM   568  C CA  . TRP A 1 66  ? -0.563  -3.353  9.995   1.00 11.84 ? 72  TRP B CA  1 
ATOM   569  C C   . TRP A 1 66  ? 0.865   -3.076  9.526   1.00 11.83 ? 72  TRP B C   1 
ATOM   570  O O   . TRP A 1 66  ? 1.281   -1.916  9.428   1.00 12.27 ? 72  TRP B O   1 
ATOM   571  C CB  . TRP A 1 66  ? -1.469  -3.925  8.883   1.00 11.39 ? 72  TRP B CB  1 
ATOM   572  C CG  . TRP A 1 66  ? -1.683  -3.044  7.699   1.00 11.05 ? 72  TRP B CG  1 
ATOM   573  C CD1 . TRP A 1 66  ? -1.025  -3.104  6.499   1.00 10.95 ? 72  TRP B CD1 1 
ATOM   574  C CD2 . TRP A 1 66  ? -2.648  -1.999  7.532   1.00 11.84 ? 72  TRP B CD2 1 
ATOM   575  N NE1 . TRP A 1 66  ? -1.493  -2.165  5.624   1.00 10.85 ? 72  TRP B NE1 1 
ATOM   576  C CE2 . TRP A 1 66  ? -2.503  -1.466  6.234   1.00 11.85 ? 72  TRP B CE2 1 
ATOM   577  C CE3 . TRP A 1 66  ? -3.638  -1.451  8.366   1.00 12.94 ? 72  TRP B CE3 1 
ATOM   578  C CZ2 . TRP A 1 66  ? -3.299  -0.440  5.749   1.00 11.78 ? 72  TRP B CZ2 1 
ATOM   579  C CZ3 . TRP A 1 66  ? -4.442  -0.438  7.893   1.00 14.98 ? 72  TRP B CZ3 1 
ATOM   580  C CH2 . TRP A 1 66  ? -4.258  0.073   6.613   1.00 14.18 ? 72  TRP B CH2 1 
ATOM   581  N N   . GLU A 1 67  ? 1.588   -4.149  9.221   1.00 11.35 ? 73  GLU B N   1 
ATOM   582  C CA  . GLU A 1 67  ? 2.986   -4.084  8.768   1.00 10.81 ? 73  GLU B CA  1 
ATOM   583  C C   . GLU A 1 67  ? 3.189   -4.848  7.467   1.00 10.72 ? 73  GLU B C   1 
ATOM   584  O O   . GLU A 1 67  ? 2.565   -5.877  7.273   1.00 11.35 ? 73  GLU B O   1 
ATOM   585  C CB  . GLU A 1 67  ? 3.943   -4.606  9.833   1.00 12.50 ? 73  GLU B CB  1 
ATOM   586  C CG  . GLU A 1 67  ? 3.979   -3.700  11.054  1.00 14.28 ? 73  GLU B CG  1 
ATOM   587  C CD  . GLU A 1 67  ? 4.873   -4.151  12.189  1.00 16.25 ? 73  GLU B CD  1 
ATOM   588  O OE1 . GLU A 1 67  ? 5.462   -5.266  12.074  1.00 20.77 ? 73  GLU B OE1 1 
ATOM   589  O OE2 . GLU A 1 67  ? 4.979   -3.390  13.224  1.00 16.15 ? 73  GLU B OE2 1 
ATOM   590  N N   . VAL A 1 68  ? 4.065   -4.309  6.639   1.00 10.56 ? 74  VAL B N   1 
ATOM   591  C CA  . VAL A 1 68  ? 4.377   -4.894  5.327   1.00 10.28 ? 74  VAL B CA  1 
ATOM   592  C C   . VAL A 1 68  ? 5.878   -5.016  5.185   1.00 10.26 ? 74  VAL B C   1 
ATOM   593  O O   . VAL A 1 68  ? 6.640   -4.066  5.394   1.00 11.77 ? 74  VAL B O   1 
ATOM   594  C CB  . VAL A 1 68  ? 3.805   -4.034  4.194   1.00 10.42 ? 74  VAL B CB  1 
ATOM   595  C CG1 . VAL A 1 68  ? 4.033   -4.734  2.877   1.00 11.67 ? 74  VAL B CG1 1 
ATOM   596  C CG2 . VAL A 1 68  ? 2.352   -3.681  4.430   1.00 11.77 ? 74  VAL B CG2 1 
ATOM   597  N N   . ASP A 1 69  ? 6.307   -6.195  4.721   1.00 10.91 ? 75  ASP B N   1 
ATOM   598  C CA  . ASP A 1 69  ? 7.710   -6.506  4.374   1.00 11.87 ? 75  ASP B CA  1 
ATOM   599  C C   . ASP A 1 69  ? 8.000   -6.094  2.940   1.00 10.34 ? 75  ASP B C   1 
ATOM   600  O O   . ASP A 1 69  ? 7.246   -6.545  2.018   1.00 11.26 ? 75  ASP B O   1 
ATOM   601  C CB  . ASP A 1 69  ? 8.012   -7.995  4.602   1.00 13.58 ? 75  ASP B CB  1 
ATOM   602  C CG  . ASP A 1 69  ? 9.505   -8.286  4.630   1.00 16.28 ? 75  ASP B CG  1 
ATOM   603  O OD1 . ASP A 1 69  ? 10.155  -8.061  3.658   1.00 15.67 ? 75  ASP B OD1 1 
ATOM   604  O OD2 . ASP A 1 69  ? 10.043  -8.534  5.725   1.00 20.40 ? 75  ASP B OD2 1 
ATOM   605  N N   . VAL A 1 70  ? 9.041   -5.288  2.746   1.00 10.43 ? 76  VAL B N   1 
ATOM   606  C CA  . VAL A 1 70  ? 9.468   -4.764  1.418   1.00 11.14 ? 76  VAL B CA  1 
ATOM   607  C C   . VAL A 1 70  ? 10.910  -5.183  1.080   1.00 11.09 ? 76  VAL B C   1 
ATOM   608  O O   . VAL A 1 70  ? 11.544  -4.563  0.222   1.00 12.07 ? 76  VAL B O   1 
ATOM   609  C CB  . VAL A 1 70  ? 9.284   -3.226  1.378   1.00 11.04 ? 76  VAL B CB  1 
ATOM   610  C CG1 . VAL A 1 70  ? 7.805   -2.802  1.555   1.00 11.07 ? 76  VAL B CG1 1 
ATOM   611  C CG2 . VAL A 1 70  ? 10.147  -2.488  2.374   1.00 11.33 ? 76  VAL B CG2 1 
ATOM   612  N N   . THR A 1 71  ? 11.433  -6.182  1.785   1.00 11.85 ? 77  THR B N   1 
ATOM   613  C CA  . THR A 1 71  ? 12.842  -6.629  1.639   1.00 13.00 ? 77  THR B CA  1 
ATOM   614  C C   . THR A 1 71  ? 13.223  -6.805  0.169   1.00 13.26 ? 77  THR B C   1 
ATOM   615  O O   . THR A 1 71  ? 12.519  -7.497  -0.580  1.00 13.40 ? 77  THR B O   1 
ATOM   616  C CB  . THR A 1 71  ? 13.066  -7.940  2.388   1.00 13.34 ? 77  THR B CB  1 
ATOM   617  O OG1 . THR A 1 71  ? 12.810  -7.750  3.781   1.00 16.34 ? 77  THR B OG1 1 
ATOM   618  C CG2 . THR A 1 71  ? 14.490  -8.423  2.185   1.00 15.54 ? 77  THR B CG2 1 
ATOM   619  N N   . GLN A 1 72  ? 14.329  -6.166  -0.210  0.50 14.18 ? 78  GLN B N   1 
ATOM   620  C CA  . GLN A 1 72  ? 15.017  -6.277  -1.528  0.50 14.56 ? 78  GLN B CA  1 
ATOM   621  C C   . GLN A 1 72  ? 14.126  -5.896  -2.705  0.50 14.43 ? 78  GLN B C   1 
ATOM   622  O O   . GLN A 1 72  ? 14.409  -6.324  -3.852  0.50 15.40 ? 78  GLN B O   1 
ATOM   623  C CB  . GLN A 1 72  ? 15.562  -7.679  -1.731  0.50 15.96 ? 78  GLN B CB  1 
ATOM   624  C CG  . GLN A 1 72  ? 16.875  -7.835  -0.995  0.50 16.17 ? 78  GLN B CG  1 
ATOM   625  C CD  . GLN A 1 72  ? 17.957  -6.966  -1.591  0.50 16.21 ? 78  GLN B CD  1 
ATOM   626  O OE1 . GLN A 1 72  ? 18.405  -7.182  -2.711  0.50 17.70 ? 78  GLN B OE1 1 
ATOM   627  N NE2 . GLN A 1 72  ? 18.394  -5.971  -0.843  0.50 16.95 ? 78  GLN B NE2 1 
ATOM   628  N N   . LYS A 1 73  ? 13.134  -5.050  -2.457  1.00 13.32 ? 79  LYS B N   1 
ATOM   629  C CA  . LYS A 1 73  ? 12.428  -4.401  -3.554  1.00 11.68 ? 79  LYS B CA  1 
ATOM   630  C C   . LYS A 1 73  ? 13.078  -3.081  -3.955  1.00 11.04 ? 79  LYS B C   1 
ATOM   631  O O   . LYS A 1 73  ? 13.550  -2.324  -3.053  1.00 12.75 ? 79  LYS B O   1 
ATOM   632  C CB  . LYS A 1 73  ? 10.954  -4.235  -3.225  1.00 11.31 ? 79  LYS B CB  1 
ATOM   633  C CG  . LYS A 1 73  ? 10.209  -5.591  -3.125  1.00 11.28 ? 79  LYS B CG  1 
ATOM   634  C CD  . LYS A 1 73  ? 8.707   -5.495  -3.020  1.00 11.85 ? 79  LYS B CD  1 
ATOM   635  C CE  . LYS A 1 73  ? 8.078   -4.945  -4.282  1.00 11.09 ? 79  LYS B CE  1 
ATOM   636  N NZ  . LYS A 1 73  ? 8.440   -5.703  -5.525  1.00 10.06 ? 79  LYS B NZ  1 
ATOM   637  N N   . GLU A 1 74  ? 13.035  -2.759  -5.226  1.00 10.32 ? 80  GLU B N   1 
ATOM   638  C CA  . GLU A 1 74  ? 13.527  -1.499  -5.782  1.00 9.96  ? 80  GLU B CA  1 
ATOM   639  C C   . GLU A 1 74  ? 12.408  -0.474  -5.932  1.00 10.22 ? 80  GLU B C   1 
ATOM   640  O O   . GLU A 1 74  ? 12.689  0.701   -6.131  1.00 11.17 ? 80  GLU B O   1 
ATOM   641  C CB  . GLU A 1 74  ? 14.137  -1.732  -7.174  1.00 11.12 ? 80  GLU B CB  1 
ATOM   642  C CG  . GLU A 1 74  ? 15.387  -2.578  -7.213  1.00 13.09 ? 80  GLU B CG  1 
ATOM   643  C CD  . GLU A 1 74  ? 15.865  -2.892  -8.636  1.00 13.08 ? 80  GLU B CD  1 
ATOM   644  O OE1 . GLU A 1 74  ? 17.011  -3.365  -8.744  1.00 16.00 ? 80  GLU B OE1 1 
ATOM   645  O OE2 . GLU A 1 74  ? 15.126  -2.646  -9.578  1.00 14.30 ? 80  GLU B OE2 1 
ATOM   646  N N   . ALA A 1 75  ? 11.143  -0.898  -6.001  1.00 9.43  ? 81  ALA B N   1 
ATOM   647  C CA  . ALA A 1 75  ? 10.021  0.016   -6.233  1.00 9.61  ? 81  ALA B CA  1 
ATOM   648  C C   . ALA A 1 75  ? 8.774   -0.628  -5.644  1.00 10.21 ? 81  ALA B C   1 
ATOM   649  O O   . ALA A 1 75  ? 8.535   -1.856  -5.797  1.00 10.29 ? 81  ALA B O   1 
ATOM   650  C CB  . ALA A 1 75  ? 9.848   0.245   -7.709  1.00 10.95 ? 81  ALA B CB  1 
ATOM   651  N N   . TRP A 1 76  ? 7.926   0.213   -5.031  1.00 9.35  ? 82  TRP B N   1 
ATOM   652  C CA  . TRP A 1 76  ? 6.624   -0.201  -4.444  1.00 9.08  ? 82  TRP B CA  1 
ATOM   653  C C   . TRP A 1 76  ? 5.899   1.051   -3.998  1.00 9.55  ? 82  TRP B C   1 
ATOM   654  O O   . TRP A 1 76  ? 6.525   2.124   -3.806  1.00 10.01 ? 82  TRP B O   1 
ATOM   655  C CB  . TRP A 1 76  ? 6.820   -1.156  -3.266  1.00 10.12 ? 82  TRP B CB  1 
ATOM   656  C CG  . TRP A 1 76  ? 7.810   -0.746  -2.229  1.00 10.12 ? 82  TRP B CG  1 
ATOM   657  C CD1 . TRP A 1 76  ? 9.097   -1.155  -2.104  1.00 10.55 ? 82  TRP B CD1 1 
ATOM   658  C CD2 . TRP A 1 76  ? 7.662   0.218   -1.144  1.00 10.22 ? 82  TRP B CD2 1 
ATOM   659  N NE1 . TRP A 1 76  ? 9.725   -0.590  -1.054  1.00 10.31 ? 82  TRP B NE1 1 
ATOM   660  C CE2 . TRP A 1 76  ? 8.871   0.308   -0.447  1.00 10.39 ? 82  TRP B CE2 1 
ATOM   661  C CE3 . TRP A 1 76  ? 6.605   1.063   -0.699  1.00 11.04 ? 82  TRP B CE3 1 
ATOM   662  C CZ2 . TRP A 1 76  ? 9.081   1.098   0.676   1.00 10.93 ? 82  TRP B CZ2 1 
ATOM   663  C CZ3 . TRP A 1 76  ? 6.814   1.906   0.386   1.00 11.63 ? 82  TRP B CZ3 1 
ATOM   664  C CH2 . TRP A 1 76  ? 8.042   1.901   1.070   1.00 11.91 ? 82  TRP B CH2 1 
ATOM   665  N N   . ASP A 1 77  ? 4.590   0.907   -3.848  1.00 9.23  ? 83  ASP B N   1 
ATOM   666  C CA  . ASP A 1 77  ? 3.742   1.932   -3.177  1.00 9.32  ? 83  ASP B CA  1 
ATOM   667  C C   . ASP A 1 77  ? 2.975   1.224   -2.062  1.00 9.05  ? 83  ASP B C   1 
ATOM   668  O O   . ASP A 1 77  ? 2.500   0.095   -2.278  1.00 9.67  ? 83  ASP B O   1 
ATOM   669  C CB  . ASP A 1 77  ? 2.730   2.590   -4.116  1.00 10.98 ? 83  ASP B CB  1 
ATOM   670  C CG  . ASP A 1 77  ? 3.167   2.989   -5.514  1.00 12.38 ? 83  ASP B CG  1 
ATOM   671  O OD1 . ASP A 1 77  ? 4.285   3.443   -5.602  1.00 15.38 ? 83  ASP B OD1 1 
ATOM   672  O OD2 . ASP A 1 77  ? 2.345   2.887   -6.476  1.00 14.53 ? 83  ASP B OD2 1 
ATOM   673  N N   . LEU A 1 78  ? 2.742   1.905   -0.940  1.00 8.38  ? 84  LEU B N   1 
ATOM   674  C CA  . LEU A 1 78  ? 1.957   1.358   0.188   1.00 8.75  ? 84  LEU B CA  1 
ATOM   675  C C   . LEU A 1 78  ? 1.119   2.467   0.807   1.00 8.51  ? 84  LEU B C   1 
ATOM   676  O O   . LEU A 1 78  ? 1.572   3.599   0.927   1.00 9.04  ? 84  LEU B O   1 
ATOM   677  C CB  . LEU A 1 78  ? 2.872   0.803   1.279   1.00 9.35  ? 84  LEU B CB  1 
ATOM   678  C CG  . LEU A 1 78  ? 3.607   -0.490  0.983   1.00 10.67 ? 84  LEU B CG  1 
ATOM   679  C CD1 . LEU A 1 78  ? 4.597   -0.789  2.104   1.00 11.63 ? 84  LEU B CD1 1 
ATOM   680  C CD2 . LEU A 1 78  ? 2.646   -1.630  0.773   1.00 10.97 ? 84  LEU B CD2 1 
ATOM   681  N N   . GLY A 1 79  ? -0.058  2.075   1.288   1.00 8.10  ? 85  GLY B N   1 
ATOM   682  C CA  . GLY A 1 79  ? -0.847  2.953   2.172   1.00 8.69  ? 85  GLY B CA  1 
ATOM   683  C C   . GLY A 1 79  ? -2.285  2.474   2.224   1.00 8.05  ? 85  GLY B C   1 
ATOM   684  O O   . GLY A 1 79  ? -2.562  1.290   2.426   1.00 8.59  ? 85  GLY B O   1 
ATOM   685  N N   A VAL A 1 80  ? -3.187  3.454   2.126   0.25 8.25  ? 86  VAL B N   1 
ATOM   686  N N   B VAL A 1 80  ? -3.197  3.418   2.077   0.25 8.66  ? 86  VAL B N   1 
ATOM   687  C CA  A VAL A 1 80  ? -4.656  3.227   2.056   0.25 8.30  ? 86  VAL B CA  1 
ATOM   688  C CA  B VAL A 1 80  ? -4.649  3.143   2.213   0.25 8.95  ? 86  VAL B CA  1 
ATOM   689  C C   A VAL A 1 80  ? -5.257  4.038   0.927   0.25 8.64  ? 86  VAL B C   1 
ATOM   690  C C   B VAL A 1 80  ? -5.323  4.035   1.156   0.25 9.12  ? 86  VAL B C   1 
ATOM   691  O O   A VAL A 1 80  ? -4.695  5.041   0.435   0.25 8.91  ? 86  VAL B O   1 
ATOM   692  O O   B VAL A 1 80  ? -4.773  5.068   0.836   0.25 9.56  ? 86  VAL B O   1 
ATOM   693  C CB  A VAL A 1 80  ? -5.410  3.591   3.349   0.25 8.46  ? 86  VAL B CB  1 
ATOM   694  C CB  B VAL A 1 80  ? -5.073  3.397   3.682   0.25 9.64  ? 86  VAL B CB  1 
ATOM   695  C CG1 A VAL A 1 80  ? -5.013  2.630   4.440   0.25 8.23  ? 86  VAL B CG1 1 
ATOM   696  C CG1 B VAL A 1 80  ? -5.010  4.870   4.046   0.25 9.63  ? 86  VAL B CG1 1 
ATOM   697  C CG2 A VAL A 1 80  ? -5.214  5.038   3.770   0.25 8.40  ? 86  VAL B CG2 1 
ATOM   698  C CG2 B VAL A 1 80  ? -6.422  2.798   4.012   0.25 10.43 ? 86  VAL B CG2 1 
ATOM   699  N N   . CYS A 1 81  ? -6.464  3.617   0.581   1.00 9.15  ? 87  CYS B N   1 
ATOM   700  C CA  . CYS A 1 81  ? -7.193  4.383   -0.418  1.00 10.08 ? 87  CYS B CA  1 
ATOM   701  C C   . CYS A 1 81  ? -8.695  4.246   -0.190  1.00 9.85  ? 87  CYS B C   1 
ATOM   702  O O   . CYS A 1 81  ? -9.167  3.329   0.487   1.00 9.98  ? 87  CYS B O   1 
ATOM   703  C CB  . CYS A 1 81  ? -6.840  3.941   -1.840  1.00 11.25 ? 87  CYS B CB  1 
ATOM   704  S SG  . CYS A 1 81  ? -7.326  2.251   -2.274  1.00 11.14 ? 87  CYS B SG  1 
ATOM   705  N N   A ARG A 1 82  ? -9.428  5.161   -0.786  0.25 9.81  ? 88  ARG B N   1 
ATOM   706  N N   B ARG A 1 82  ? -9.439  5.207   -0.735  0.25 9.66  ? 88  ARG B N   1 
ATOM   707  C CA  A ARG A 1 82  ? -10.898 5.026   -0.789  0.25 10.27 ? 88  ARG B CA  1 
ATOM   708  C CA  B ARG A 1 82  ? -10.933 5.169   -0.746  0.25 10.14 ? 88  ARG B CA  1 
ATOM   709  C C   A ARG A 1 82  ? -11.320 3.744   -1.500  0.25 9.90  ? 88  ARG B C   1 
ATOM   710  C C   B ARG A 1 82  ? -11.402 3.945   -1.560  0.25 10.03 ? 88  ARG B C   1 
ATOM   711  O O   A ARG A 1 82  ? -10.709 3.272   -2.453  0.25 8.84  ? 88  ARG B O   1 
ATOM   712  O O   B ARG A 1 82  ? -10.817 3.716   -2.670  0.25 9.92  ? 88  ARG B O   1 
ATOM   713  C CB  A ARG A 1 82  ? -11.532 6.201   -1.518  0.25 11.03 ? 88  ARG B CB  1 
ATOM   714  C CB  B ARG A 1 82  ? -11.489 6.468   -1.354  0.25 10.74 ? 88  ARG B CB  1 
ATOM   715  C CG  A ARG A 1 82  ? -11.230 7.505   -0.814  0.25 11.82 ? 88  ARG B CG  1 
ATOM   716  C CG  B ARG A 1 82  ? -12.959 6.718   -1.037  0.25 10.87 ? 88  ARG B CG  1 
ATOM   717  C CD  A ARG A 1 82  ? -11.982 8.629   -1.472  0.25 12.96 ? 88  ARG B CD  1 
ATOM   718  C CD  B ARG A 1 82  ? -13.513 7.975   -1.682  0.25 11.75 ? 88  ARG B CD  1 
ATOM   719  N NE  A ARG A 1 82  ? -11.620 9.914   -0.892  0.25 12.72 ? 88  ARG B NE  1 
ATOM   720  N NE  B ARG A 1 82  ? -12.810 9.123   -1.158  0.25 11.76 ? 88  ARG B NE  1 
ATOM   721  C CZ  A ARG A 1 82  ? -11.428 11.006  -1.601  0.25 13.15 ? 88  ARG B CZ  1 
ATOM   722  C CZ  B ARG A 1 82  ? -12.120 9.989   -1.895  0.25 11.69 ? 88  ARG B CZ  1 
ATOM   723  N NH1 A ARG A 1 82  ? -11.564 10.974  -2.911  0.25 13.60 ? 88  ARG B NH1 1 
ATOM   724  N NH1 B ARG A 1 82  ? -12.161 9.925   -3.208  0.25 12.61 ? 88  ARG B NH1 1 
ATOM   725  N NH2 A ARG A 1 82  ? -11.096 12.123  -0.986  0.25 14.26 ? 88  ARG B NH2 1 
ATOM   726  N NH2 B ARG A 1 82  ? -11.442 10.957  -1.305  0.25 11.56 ? 88  ARG B NH2 1 
ATOM   727  N N   . ASP A 1 83  ? -12.444 3.214   -1.084  1.00 11.07 ? 89  ASP B N   1 
ATOM   728  C CA  . ASP A 1 83  ? -13.008 2.044   -1.797  1.00 12.41 ? 89  ASP B CA  1 
ATOM   729  C C   . ASP A 1 83  ? -13.361 2.456   -3.227  1.00 13.19 ? 89  ASP B C   1 
ATOM   730  O O   . ASP A 1 83  ? -13.367 1.544   -4.107  1.00 16.50 ? 89  ASP B O   1 
ATOM   731  C CB  . ASP A 1 83  ? -14.221 1.522   -1.030  1.00 14.17 ? 89  ASP B CB  1 
ATOM   732  C CG  . ASP A 1 83  ? -15.401 2.445   -0.894  1.00 16.71 ? 89  ASP B CG  1 
ATOM   733  O OD1 . ASP A 1 83  ? -15.312 3.631   -1.249  1.00 19.65 ? 89  ASP B OD1 1 
ATOM   734  O OD2 . ASP A 1 83  ? -16.463 1.900   -0.455  1.00 20.78 ? 89  ASP B OD2 1 
ATOM   735  N N   . SER A 1 84  ? -13.661 3.694   -3.524  1.00 11.87 ? 90  SER B N   1 
ATOM   736  C CA  . SER A 1 84  ? -14.182 4.138   -4.833  1.00 14.32 ? 90  SER B CA  1 
ATOM   737  C C   . SER A 1 84  ? -13.099 4.691   -5.775  1.00 13.07 ? 90  SER B C   1 
ATOM   738  O O   . SER A 1 84  ? -13.421 5.331   -6.761  1.00 14.21 ? 90  SER B O   1 
ATOM   739  C CB  . SER A 1 84  ? -15.297 5.139   -4.602  1.00 16.43 ? 90  SER B CB  1 
ATOM   740  O OG  . SER A 1 84  ? -14.856 6.209   -3.911  1.00 17.61 ? 90  SER B OG  1 
ATOM   741  N N   . VAL A 1 85  ? -11.808 4.495   -5.465  1.00 12.09 ? 91  VAL B N   1 
ATOM   742  C CA  . VAL A 1 85  ? -10.761 4.981   -6.393  1.00 11.95 ? 91  VAL B CA  1 
ATOM   743  C C   . VAL A 1 85  ? -10.938 4.367   -7.796  1.00 12.06 ? 91  VAL B C   1 
ATOM   744  O O   . VAL A 1 85  ? -11.357 3.215   -7.941  1.00 12.46 ? 91  VAL B O   1 
ATOM   745  C CB  . VAL A 1 85  ? -9.332  4.716   -5.878  1.00 11.49 ? 91  VAL B CB  1 
ATOM   746  C CG1 . VAL A 1 85  ? -9.042  5.524   -4.614  1.00 11.46 ? 91  VAL B CG1 1 
ATOM   747  C CG2 . VAL A 1 85  ? -9.020  3.260   -5.700  1.00 11.34 ? 91  VAL B CG2 1 
ATOM   748  N N   . GLN A 1 86  ? -10.552 5.174   -8.760  1.00 12.80 ? 92  GLN B N   1 
ATOM   749  C CA  . GLN A 1 86  ? -10.403 4.750   -10.177 1.00 14.19 ? 92  GLN B CA  1 
ATOM   750  C C   . GLN A 1 86  ? -9.536  3.480   -10.274 1.00 13.52 ? 92  GLN B C   1 
ATOM   751  O O   . GLN A 1 86  ? -8.482  3.390   -9.648  1.00 14.29 ? 92  GLN B O   1 
ATOM   752  C CB  . GLN A 1 86  ? -9.731  5.909   -10.911 1.00 16.23 ? 92  GLN B CB  1 
ATOM   753  C CG  . GLN A 1 86  ? -9.474  5.706   -12.411 1.00 19.19 ? 92  GLN B CG  1 
ATOM   754  C CD  . GLN A 1 86  ? -8.749  6.901   -13.018 1.00 21.70 ? 92  GLN B CD  1 
ATOM   755  O OE1 . GLN A 1 86  ? -8.642  8.006   -12.436 1.00 22.56 ? 92  GLN B OE1 1 
ATOM   756  N NE2 . GLN A 1 86  ? -8.190  6.718   -14.216 1.00 23.37 ? 92  GLN B NE2 1 
ATOM   757  N N   . ARG A 1 87  ? -9.965  2.551   -11.128 1.00 12.64 ? 93  ARG B N   1 
ATOM   758  C CA  . ARG A 1 87  ? -9.263  1.259   -11.360 1.00 12.42 ? 93  ARG B CA  1 
ATOM   759  C C   . ARG A 1 87  ? -8.623  1.254   -12.749 1.00 12.98 ? 93  ARG B C   1 
ATOM   760  O O   . ARG A 1 87  ? -7.601  0.560   -12.927 1.00 13.57 ? 93  ARG B O   1 
ATOM   761  C CB  . ARG A 1 87  ? -10.153 0.048   -11.213 1.00 13.43 ? 93  ARG B CB  1 
ATOM   762  C CG  . ARG A 1 87  ? -10.931 0.011   -9.909  1.00 13.13 ? 93  ARG B CG  1 
ATOM   763  C CD  . ARG A 1 87  ? -10.036 0.093   -8.647  1.00 13.07 ? 93  ARG B CD  1 
ATOM   764  N NE  . ARG A 1 87  ? -10.881 0.270   -7.445  1.00 13.96 ? 93  ARG B NE  1 
ATOM   765  C CZ  . ARG A 1 87  ? -11.447 -0.713  -6.784  1.00 12.82 ? 93  ARG B CZ  1 
ATOM   766  N NH1 . ARG A 1 87  ? -11.280 -1.965  -7.142  1.00 15.18 ? 93  ARG B NH1 1 
ATOM   767  N NH2 . ARG A 1 87  ? -12.241 -0.463  -5.760  1.00 16.14 ? 93  ARG B NH2 1 
ATOM   768  N N   . LYS A 1 88  ? -9.189  1.939   -13.753 1.00 13.13 ? 94  LYS B N   1 
ATOM   769  C CA  . LYS A 1 88  ? -8.795  1.784   -15.185 1.00 13.35 ? 94  LYS B CA  1 
ATOM   770  C C   . LYS A 1 88  ? -8.086  3.016   -15.663 1.00 14.64 ? 94  LYS B C   1 
ATOM   771  O O   . LYS A 1 88  ? -8.524  4.135   -15.282 1.00 17.36 ? 94  LYS B O   1 
ATOM   772  C CB  . LYS A 1 88  ? -10.048 1.520   -16.025 1.00 14.43 ? 94  LYS B CB  1 
ATOM   773  C CG  . LYS A 1 88  ? -10.899 0.366   -15.563 1.00 15.40 ? 94  LYS B CG  1 
ATOM   774  C CD  . LYS A 1 88  ? -10.145 -0.984  -15.469 1.00 15.70 ? 94  LYS B CD  1 
ATOM   775  C CE  . LYS A 1 88  ? -11.079 -2.077  -15.050 1.00 16.35 ? 94  LYS B CE  1 
ATOM   776  N NZ  . LYS A 1 88  ? -10.456 -3.423  -14.902 1.00 16.98 ? 94  LYS B NZ  1 
ATOM   777  N N   . GLY A 1 89  ? -7.063  2.884   -16.488 1.00 15.07 ? 95  GLY B N   1 
ATOM   778  C CA  . GLY A 1 89  ? -6.379  4.043   -17.043 1.00 15.70 ? 95  GLY B CA  1 
ATOM   779  C C   . GLY A 1 89  ? -5.305  4.603   -16.145 1.00 17.09 ? 95  GLY B C   1 
ATOM   780  O O   . GLY A 1 89  ? -4.979  3.983   -15.053 1.00 17.51 ? 95  GLY B O   1 
ATOM   781  N N   . GLN A 1 90  ? -4.820  5.755   -16.526 1.00 17.03 ? 96  GLN B N   1 
ATOM   782  C CA  . GLN A 1 90  ? -3.711  6.423   -15.850 1.00 19.55 ? 96  GLN B CA  1 
ATOM   783  C C   . GLN A 1 90  ? -4.249  7.332   -14.759 1.00 19.04 ? 96  GLN B C   1 
ATOM   784  O O   . GLN A 1 90  ? -5.323  7.945   -14.922 1.00 20.50 ? 96  GLN B O   1 
ATOM   785  C CB  . GLN A 1 90  ? -2.902  7.269   -16.835 1.00 22.91 ? 96  GLN B CB  1 
ATOM   786  C CG  . GLN A 1 90  ? -2.239  6.471   -17.932 1.00 28.18 ? 96  GLN B CG  1 
ATOM   787  C CD  . GLN A 1 90  ? -1.913  7.369   -19.098 1.00 37.94 ? 96  GLN B CD  1 
ATOM   788  O OE1 . GLN A 1 90  ? -1.096  8.289   -18.993 1.00 43.80 ? 96  GLN B OE1 1 
ATOM   789  N NE2 . GLN A 1 90  ? -2.590  7.133   -20.213 1.00 39.47 ? 96  GLN B NE2 1 
ATOM   790  N N   . PHE A 1 91  ? -3.545  7.388   -13.641 1.00 16.43 ? 97  PHE B N   1 
ATOM   791  C CA  . PHE A 1 91  ? -3.873  8.332   -12.559 1.00 16.31 ? 97  PHE B CA  1 
ATOM   792  C C   . PHE A 1 91  ? -2.667  8.502   -11.659 1.00 15.77 ? 97  PHE B C   1 
ATOM   793  O O   . PHE A 1 91  ? -1.778  7.660   -11.618 1.00 16.80 ? 97  PHE B O   1 
ATOM   794  C CB  . PHE A 1 91  ? -5.062  7.846   -11.718 1.00 15.66 ? 97  PHE B CB  1 
ATOM   795  C CG  . PHE A 1 91  ? -4.886  6.447   -11.164 1.00 14.97 ? 97  PHE B CG  1 
ATOM   796  C CD1 . PHE A 1 91  ? -4.255  6.237   -9.938  1.00 15.45 ? 97  PHE B CD1 1 
ATOM   797  C CD2 . PHE A 1 91  ? -5.386  5.337   -11.824 1.00 14.77 ? 97  PHE B CD2 1 
ATOM   798  C CE1 . PHE A 1 91  ? -4.101  4.960   -9.410  1.00 14.74 ? 97  PHE B CE1 1 
ATOM   799  C CE2 . PHE A 1 91  ? -5.236  4.054   -11.307 1.00 14.66 ? 97  PHE B CE2 1 
ATOM   800  C CZ  . PHE A 1 91  ? -4.609  3.874   -10.090 1.00 15.07 ? 97  PHE B CZ  1 
ATOM   801  N N   A SER A 1 92  ? -2.613  9.613   -10.932 0.25 15.79 ? 98  SER B N   1 
ATOM   802  N N   B SER A 1 92  ? -2.668  9.619   -10.936 0.25 15.24 ? 98  SER B N   1 
ATOM   803  C CA  A SER A 1 92  ? -1.551  9.854   -9.926  0.25 15.89 ? 98  SER B CA  1 
ATOM   804  C CA  B SER A 1 92  ? -1.662  9.960   -9.903  0.25 15.13 ? 98  SER B CA  1 
ATOM   805  C C   A SER A 1 92  ? -2.076  9.513   -8.530  0.25 14.23 ? 98  SER B C   1 
ATOM   806  C C   B SER A 1 92  ? -2.126  9.420   -8.544  0.25 13.71 ? 98  SER B C   1 
ATOM   807  O O   A SER A 1 92  ? -3.258  9.740   -8.224  0.25 13.59 ? 98  SER B O   1 
ATOM   808  O O   B SER A 1 92  ? -3.368  9.326   -8.309  0.25 13.00 ? 98  SER B O   1 
ATOM   809  C CB  A SER A 1 92  ? -1.046  11.259  -9.948  0.25 18.31 ? 98  SER B CB  1 
ATOM   810  C CB  B SER A 1 92  ? -1.423  11.454  -9.848  0.25 16.43 ? 98  SER B CB  1 
ATOM   811  O OG  A SER A 1 92  ? -2.119  12.146  -9.709  0.25 21.30 ? 98  SER B OG  1 
ATOM   812  O OG  B SER A 1 92  ? -0.777  11.903  -11.038 0.25 18.83 ? 98  SER B OG  1 
ATOM   813  N N   . LEU A 1 93  ? -1.168  9.040   -7.693  1.00 13.44 ? 99  LEU B N   1 
ATOM   814  C CA  . LEU A 1 93  ? -1.451  8.755   -6.286  1.00 13.52 ? 99  LEU B CA  1 
ATOM   815  C C   . LEU A 1 93  ? -1.421  10.046  -5.513  1.00 13.60 ? 99  LEU B C   1 
ATOM   816  O O   . LEU A 1 93  ? -0.364  10.601  -5.212  1.00 15.63 ? 99  LEU B O   1 
ATOM   817  C CB  . LEU A 1 93  ? -0.437  7.780   -5.706  1.00 14.15 ? 99  LEU B CB  1 
ATOM   818  C CG  . LEU A 1 93  ? -0.400  6.406   -6.354  1.00 14.73 ? 99  LEU B CG  1 
ATOM   819  C CD1 . LEU A 1 93  ? 0.694   5.520   -5.751  1.00 15.65 ? 99  LEU B CD1 1 
ATOM   820  C CD2 . LEU A 1 93  ? -1.734  5.693   -6.268  1.00 16.37 ? 99  LEU B CD2 1 
ATOM   821  N N   . SER A 1 94  ? -2.588  10.538  -5.084  1.00 12.80 ? 100 SER B N   1 
ATOM   822  C CA  . SER A 1 94  ? -2.731  11.811  -4.374  1.00 13.21 ? 100 SER B CA  1 
ATOM   823  C C   . SER A 1 94  ? -3.944  11.710  -3.475  1.00 11.45 ? 100 SER B C   1 
ATOM   824  O O   . SER A 1 94  ? -4.899  11.003  -3.838  1.00 11.62 ? 100 SER B O   1 
ATOM   825  C CB  . SER A 1 94  ? -2.893  13.011  -5.320  1.00 15.05 ? 100 SER B CB  1 
ATOM   826  O OG  . SER A 1 94  ? -4.077  12.878  -6.063  1.00 18.11 ? 100 SER B OG  1 
ATOM   827  N N   . PRO A 1 95  ? -4.034  12.518  -2.434  1.00 11.44 ? 101 PRO B N   1 
ATOM   828  C CA  . PRO A 1 95  ? -5.267  12.590  -1.658  1.00 13.07 ? 101 PRO B CA  1 
ATOM   829  C C   . PRO A 1 95  ? -6.450  13.078  -2.495  1.00 12.68 ? 101 PRO B C   1 
ATOM   830  O O   . PRO A 1 95  ? -7.564  12.552  -2.287  1.00 12.93 ? 101 PRO B O   1 
ATOM   831  C CB  . PRO A 1 95  ? -4.929  13.552  -0.499  1.00 13.49 ? 101 PRO B CB  1 
ATOM   832  C CG  . PRO A 1 95  ? -3.421  13.373  -0.341  1.00 14.34 ? 101 PRO B CG  1 
ATOM   833  C CD  . PRO A 1 95  ? -2.937  13.218  -1.763  1.00 13.35 ? 101 PRO B CD  1 
ATOM   834  N N   . GLU A 1 96  ? -6.230  13.961  -3.454  1.00 13.43 ? 102 GLU B N   1 
ATOM   835  C CA  . GLU A 1 96  ? -7.344  14.417  -4.322  1.00 16.38 ? 102 GLU B CA  1 
ATOM   836  C C   . GLU A 1 96  ? -7.959  13.234  -5.067  1.00 15.29 ? 102 GLU B C   1 
ATOM   837  O O   . GLU A 1 96  ? -9.164  13.264  -5.397  1.00 16.64 ? 102 GLU B O   1 
ATOM   838  C CB  . GLU A 1 96  ? -6.841  15.506  -5.259  1.00 20.74 ? 102 GLU B CB  1 
ATOM   839  C CG  . GLU A 1 96  ? -6.132  16.631  -4.538  1.00 29.68 ? 102 GLU B CG  1 
ATOM   840  C CD  . GLU A 1 96  ? -4.613  16.521  -4.528  1.00 35.04 ? 102 GLU B CD  1 
ATOM   841  O OE1 . GLU A 1 96  ? -4.030  15.976  -3.533  1.00 22.74 ? 102 GLU B OE1 1 
ATOM   842  O OE2 . GLU A 1 96  ? -4.007  17.023  -5.524  1.00 46.74 ? 102 GLU B OE2 1 
ATOM   843  N N   . ASN A 1 97  ? -7.175  12.223  -5.442  1.00 12.92 ? 103 ASN B N   1 
ATOM   844  C CA  . ASN A 1 97  ? -7.664  11.027  -6.142  1.00 13.27 ? 103 ASN B CA  1 
ATOM   845  C C   . ASN A 1 97  ? -8.023  9.912   -5.170  1.00 11.69 ? 103 ASN B C   1 
ATOM   846  O O   . ASN A 1 97  ? -8.434  8.841   -5.626  1.00 12.77 ? 103 ASN B O   1 
ATOM   847  C CB  . ASN A 1 97  ? -6.635  10.533  -7.174  1.00 13.94 ? 103 ASN B CB  1 
ATOM   848  C CG  . ASN A 1 97  ? -6.509  11.417  -8.383  1.00 16.90 ? 103 ASN B CG  1 
ATOM   849  O OD1 . ASN A 1 97  ? -7.403  12.238  -8.671  1.00 19.85 ? 103 ASN B OD1 1 
ATOM   850  N ND2 . ASN A 1 97  ? -5.370  11.326  -9.058  1.00 17.95 ? 103 ASN B ND2 1 
ATOM   851  N N   . GLY A 1 98  ? -7.982  10.130  -3.855  1.00 10.55 ? 104 GLY B N   1 
ATOM   852  C CA  . GLY A 1 98  ? -8.413  9.126   -2.874  1.00 10.84 ? 104 GLY B CA  1 
ATOM   853  C C   . GLY A 1 98  ? -7.336  8.160   -2.386  1.00 9.06  ? 104 GLY B C   1 
ATOM   854  O O   . GLY A 1 98  ? -7.653  7.097   -1.914  1.00 10.08 ? 104 GLY B O   1 
ATOM   855  N N   . PHE A 1 99  ? -6.054  8.607   -2.434  1.00 9.59  ? 105 PHE B N   1 
ATOM   856  C CA  . PHE A 1 99  ? -4.901  7.775   -1.977  1.00 9.27  ? 105 PHE B CA  1 
ATOM   857  C C   . PHE A 1 99  ? -4.066  8.479   -0.915  1.00 8.83  ? 105 PHE B C   1 
ATOM   858  O O   . PHE A 1 99  ? -3.744  9.660   -1.130  1.00 10.44 ? 105 PHE B O   1 
ATOM   859  C CB  . PHE A 1 99  ? -3.978  7.425   -3.155  1.00 10.01 ? 105 PHE B CB  1 
ATOM   860  C CG  . PHE A 1 99  ? -4.625  6.625   -4.267  1.00 10.07 ? 105 PHE B CG  1 
ATOM   861  C CD1 . PHE A 1 99  ? -5.240  7.257   -5.334  1.00 10.79 ? 105 PHE B CD1 1 
ATOM   862  C CD2 . PHE A 1 99  ? -4.614  5.249   -4.247  1.00 10.37 ? 105 PHE B CD2 1 
ATOM   863  C CE1 . PHE A 1 99  ? -5.833  6.516   -6.359  1.00 11.26 ? 105 PHE B CE1 1 
ATOM   864  C CE2 . PHE A 1 99  ? -5.176  4.530   -5.284  1.00 11.26 ? 105 PHE B CE2 1 
ATOM   865  C CZ  . PHE A 1 99  ? -5.775  5.160   -6.331  1.00 11.11 ? 105 PHE B CZ  1 
ATOM   866  N N   . TRP A 1 100 ? -3.680  7.754   0.121   1.00 8.41  ? 106 TRP B N   1 
ATOM   867  C CA  . TRP A 1 100 ? -2.741  8.222   1.171   1.00 8.75  ? 106 TRP B CA  1 
ATOM   868  C C   . TRP A 1 100 ? -1.618  7.191   1.242   1.00 7.96  ? 106 TRP B C   1 
ATOM   869  O O   . TRP A 1 100 ? -1.784  6.137   1.847   1.00 8.83  ? 106 TRP B O   1 
ATOM   870  C CB  . TRP A 1 100 ? -3.468  8.423   2.512   1.00 9.08  ? 106 TRP B CB  1 
ATOM   871  C CG  . TRP A 1 100 ? -4.523  9.485   2.416   1.00 8.80  ? 106 TRP B CG  1 
ATOM   872  C CD1 . TRP A 1 100 ? -4.404  10.815  2.683   1.00 10.58 ? 106 TRP B CD1 1 
ATOM   873  C CD2 . TRP A 1 100 ? -5.892  9.303   1.958   1.00 9.27  ? 106 TRP B CD2 1 
ATOM   874  N NE1 . TRP A 1 100 ? -5.575  11.488  2.362   1.00 10.65 ? 106 TRP B NE1 1 
ATOM   875  C CE2 . TRP A 1 100 ? -6.493  10.574  1.937   1.00 10.55 ? 106 TRP B CE2 1 
ATOM   876  C CE3 . TRP A 1 100 ? -6.646  8.208   1.540   1.00 9.72  ? 106 TRP B CE3 1 
ATOM   877  C CZ2 . TRP A 1 100 ? -7.811  10.749  1.481   1.00 11.07 ? 106 TRP B CZ2 1 
ATOM   878  C CZ3 . TRP A 1 100 ? -7.956  8.413   1.105   1.00 11.36 ? 106 TRP B CZ3 1 
ATOM   879  C CH2 . TRP A 1 100 ? -8.496  9.652   1.059   1.00 12.23 ? 106 TRP B CH2 1 
ATOM   880  N N   . THR A 1 101 ? -0.502  7.502   0.576   1.00 8.53  ? 107 THR B N   1 
ATOM   881  C CA  . THR A 1 101 ? 0.529   6.507   0.224   1.00 8.91  ? 107 THR B CA  1 
ATOM   882  C C   . THR A 1 101 ? 1.939   7.112   0.374   1.00 8.54  ? 107 THR B C   1 
ATOM   883  O O   . THR A 1 101 ? 2.116   8.324   0.273   1.00 8.77  ? 107 THR B O   1 
ATOM   884  C CB  . THR A 1 101 ? 0.376   5.969   -1.209  1.00 9.23  ? 107 THR B CB  1 
ATOM   885  O OG1 . THR A 1 101 ? 0.562   7.001   -2.154  1.00 10.55 ? 107 THR B OG1 1 
ATOM   886  C CG2 . THR A 1 101 ? -0.946  5.242   -1.396  1.00 9.73  ? 107 THR B CG2 1 
ATOM   887  N N   . ILE A 1 102 ? 2.896   6.208   0.516   1.00 8.64  ? 108 ILE B N   1 
ATOM   888  C CA  . ILE A 1 102 ? 4.349   6.520   0.319   1.00 8.65  ? 108 ILE B CA  1 
ATOM   889  C C   . ILE A 1 102 ? 4.867   5.506   -0.696  1.00 8.59  ? 108 ILE B C   1 
ATOM   890  O O   . ILE A 1 102 ? 4.236   4.435   -0.927  1.00 9.00  ? 108 ILE B O   1 
ATOM   891  C CB  . ILE A 1 102 ? 5.158   6.503   1.633   1.00 9.18  ? 108 ILE B CB  1 
ATOM   892  C CG1 . ILE A 1 102 ? 5.260   5.114   2.265   1.00 10.13 ? 108 ILE B CG1 1 
ATOM   893  C CG2 . ILE A 1 102 ? 4.542   7.511   2.601   1.00 9.61  ? 108 ILE B CG2 1 
ATOM   894  C CD1 . ILE A 1 102 ? 6.264   4.977   3.399   1.00 11.31 ? 108 ILE B CD1 1 
ATOM   895  N N   . TRP A 1 103 ? 6.048   5.792   -1.222  1.00 8.70  ? 109 TRP B N   1 
ATOM   896  C CA  . TRP A 1 103 ? 6.661   4.880   -2.205  1.00 9.23  ? 109 TRP B CA  1 
ATOM   897  C C   . TRP A 1 103 ? 8.164   4.966   -2.158  1.00 9.88  ? 109 TRP B C   1 
ATOM   898  O O   . TRP A 1 103 ? 8.788   5.947   -1.694  1.00 10.12 ? 109 TRP B O   1 
ATOM   899  C CB  . TRP A 1 103 ? 6.141   5.121   -3.587  1.00 11.27 ? 109 TRP B CB  1 
ATOM   900  C CG  . TRP A 1 103 ? 6.425   6.443   -4.180  1.00 13.60 ? 109 TRP B CG  1 
ATOM   901  C CD1 . TRP A 1 103 ? 7.596   6.893   -4.711  1.00 13.48 ? 109 TRP B CD1 1 
ATOM   902  C CD2 . TRP A 1 103 ? 5.444   7.408   -4.510  1.00 13.65 ? 109 TRP B CD2 1 
ATOM   903  N NE1 . TRP A 1 103 ? 7.408   8.094   -5.323  1.00 15.84 ? 109 TRP B NE1 1 
ATOM   904  C CE2 . TRP A 1 103 ? 6.090   8.441   -5.219  1.00 14.05 ? 109 TRP B CE2 1 
ATOM   905  C CE3 . TRP A 1 103 ? 4.080   7.475   -4.264  1.00 15.00 ? 109 TRP B CE3 1 
ATOM   906  C CZ2 . TRP A 1 103 ? 5.405   9.574   -5.662  1.00 17.80 ? 109 TRP B CZ2 1 
ATOM   907  C CZ3 . TRP A 1 103 ? 3.405   8.570   -4.723  1.00 17.13 ? 109 TRP B CZ3 1 
ATOM   908  C CH2 . TRP A 1 103 ? 4.052   9.582   -5.408  1.00 16.66 ? 109 TRP B CH2 1 
ATOM   909  N N   . LEU A 1 104 ? 8.772   3.918   -2.745  1.00 9.35  ? 110 LEU B N   1 
ATOM   910  C CA  . LEU A 1 104 ? 10.201  3.869   -3.145  1.00 9.79  ? 110 LEU B CA  1 
ATOM   911  C C   . LEU A 1 104 ? 10.250  3.843   -4.659  1.00 9.70  ? 110 LEU B C   1 
ATOM   912  O O   . LEU A 1 104 ? 9.552   3.049   -5.294  1.00 10.30 ? 110 LEU B O   1 
ATOM   913  C CB  . LEU A 1 104 ? 10.830  2.609   -2.610  1.00 10.30 ? 110 LEU B CB  1 
ATOM   914  C CG  . LEU A 1 104 ? 12.270  2.332   -3.077  1.00 11.20 ? 110 LEU B CG  1 
ATOM   915  C CD1 . LEU A 1 104 ? 13.255  3.434   -2.687  1.00 11.25 ? 110 LEU B CD1 1 
ATOM   916  C CD2 . LEU A 1 104 ? 12.739  0.986   -2.593  1.00 12.59 ? 110 LEU B CD2 1 
ATOM   917  N N   . TRP A 1 105 ? 11.116  4.679   -5.239  1.00 10.84 ? 111 TRP B N   1 
ATOM   918  C CA  . TRP A 1 105 ? 11.319  4.739   -6.698  1.00 11.69 ? 111 TRP B CA  1 
ATOM   919  C C   . TRP A 1 105 ? 12.708  5.317   -6.938  1.00 13.10 ? 111 TRP B C   1 
ATOM   920  O O   . TRP A 1 105 ? 13.025  6.411   -6.444  1.00 13.42 ? 111 TRP B O   1 
ATOM   921  C CB  . TRP A 1 105 ? 10.272  5.650   -7.319  1.00 15.14 ? 111 TRP B CB  1 
ATOM   922  C CG  . TRP A 1 105 ? 10.497  5.970   -8.740  1.00 17.99 ? 111 TRP B CG  1 
ATOM   923  C CD1 . TRP A 1 105 ? 10.848  7.160   -9.322  1.00 19.12 ? 111 TRP B CD1 1 
ATOM   924  C CD2 . TRP A 1 105 ? 10.295  5.031   -9.786  1.00 18.15 ? 111 TRP B CD2 1 
ATOM   925  N NE1 . TRP A 1 105 ? 10.919  6.984   -10.664 1.00 19.62 ? 111 TRP B NE1 1 
ATOM   926  C CE2 . TRP A 1 105 ? 10.574  5.702   -10.990 1.00 16.90 ? 111 TRP B CE2 1 
ATOM   927  C CE3 . TRP A 1 105 ? 9.919   3.690   -9.833  1.00 17.74 ? 111 TRP B CE3 1 
ATOM   928  C CZ2 . TRP A 1 105 ? 10.488  5.092   -12.236 1.00 21.98 ? 111 TRP B CZ2 1 
ATOM   929  C CZ3 . TRP A 1 105 ? 9.876   3.068   -11.062 1.00 23.30 ? 111 TRP B CZ3 1 
ATOM   930  C CH2 . TRP A 1 105 ? 10.169  3.749   -12.247 1.00 22.95 ? 111 TRP B CH2 1 
ATOM   931  N N   . GLN A 1 106 ? 13.541  4.575   -7.695  1.00 12.02 ? 112 GLN B N   1 
ATOM   932  C CA  . GLN A 1 106 ? 14.881  5.088   -8.121  1.00 12.78 ? 112 GLN B CA  1 
ATOM   933  C C   . GLN A 1 106 ? 15.626  5.602   -6.919  1.00 14.07 ? 112 GLN B C   1 
ATOM   934  O O   . GLN A 1 106 ? 16.237  6.739   -6.993  1.00 15.63 ? 112 GLN B O   1 
ATOM   935  C CB  . GLN A 1 106 ? 14.726  6.116   -9.215  1.00 13.49 ? 112 GLN B CB  1 
ATOM   936  C CG  . GLN A 1 106 ? 14.099  5.497   -10.439 1.00 15.54 ? 112 GLN B CG  1 
ATOM   937  C CD  . GLN A 1 106 ? 14.095  6.342   -11.695 1.00 17.09 ? 112 GLN B CD  1 
ATOM   938  O OE1 . GLN A 1 106 ? 13.822  5.852   -12.809 1.00 19.63 ? 112 GLN B OE1 1 
ATOM   939  N NE2 . GLN A 1 106 ? 14.409  7.623   -11.563 1.00 16.61 ? 112 GLN B NE2 1 
ATOM   940  N N   . ASP A 1 107 ? 15.727  4.787   -5.916  1.00 14.46 ? 113 ASP B N   1 
ATOM   941  C CA  . ASP A 1 107 ? 16.615  5.039   -4.780  1.00 18.29 ? 113 ASP B CA  1 
ATOM   942  C C   . ASP A 1 107 ? 16.167  6.240   -3.932  1.00 19.11 ? 113 ASP B C   1 
ATOM   943  O O   . ASP A 1 107 ? 16.957  6.626   -3.034  1.00 26.76 ? 113 ASP B O   1 
ATOM   944  C CB  . ASP A 1 107 ? 18.028  5.262   -5.331  1.00 21.73 ? 113 ASP B CB  1 
ATOM   945  C CG  . ASP A 1 107 ? 19.119  5.011   -4.344  1.00 29.80 ? 113 ASP B CG  1 
ATOM   946  O OD1 . ASP A 1 107 ? 18.974  4.099   -3.491  1.00 33.39 ? 113 ASP B OD1 1 
ATOM   947  O OD2 . ASP A 1 107 ? 20.145  5.726   -4.476  1.00 36.02 ? 113 ASP B OD2 1 
ATOM   948  N N   . SER A 1 108 ? 14.945  6.741   -4.079  1.00 15.11 ? 114 SER B N   1 
ATOM   949  C CA  . SER A 1 108 ? 14.396  7.806   -3.196  1.00 16.56 ? 114 SER B CA  1 
ATOM   950  C C   . SER A 1 108 ? 13.023  7.376   -2.681  1.00 13.47 ? 114 SER B C   1 
ATOM   951  O O   . SER A 1 108 ? 12.193  6.731   -3.396  1.00 13.63 ? 114 SER B O   1 
ATOM   952  C CB  . SER A 1 108 ? 14.456  9.121   -3.888  1.00 20.61 ? 114 SER B CB  1 
ATOM   953  O OG  . SER A 1 108 ? 13.467  9.247   -4.858  1.00 28.30 ? 114 SER B OG  1 
ATOM   954  N N   . TYR A 1 109 ? 12.721  7.789   -1.475  1.00 11.55 ? 115 TYR B N   1 
ATOM   955  C CA  . TYR A 1 109 ? 11.400  7.584   -0.818  1.00 11.33 ? 115 TYR B CA  1 
ATOM   956  C C   . TYR A 1 109 ? 10.619  8.881   -0.873  1.00 10.53 ? 115 TYR B C   1 
ATOM   957  O O   . TYR A 1 109 ? 11.195  9.978   -0.592  1.00 11.78 ? 115 TYR B O   1 
ATOM   958  C CB  . TYR A 1 109 ? 11.596  7.130   0.612   1.00 11.97 ? 115 TYR B CB  1 
ATOM   959  C CG  . TYR A 1 109 ? 12.312  5.796   0.751   1.00 12.40 ? 115 TYR B CG  1 
ATOM   960  C CD1 . TYR A 1 109 ? 13.697  5.743   0.912   1.00 13.38 ? 115 TYR B CD1 1 
ATOM   961  C CD2 . TYR A 1 109 ? 11.617  4.603   0.779   1.00 11.93 ? 115 TYR B CD2 1 
ATOM   962  C CE1 . TYR A 1 109 ? 14.359  4.535   1.082   1.00 14.15 ? 115 TYR B CE1 1 
ATOM   963  C CE2 . TYR A 1 109 ? 12.273  3.390   0.916   1.00 12.20 ? 115 TYR B CE2 1 
ATOM   964  C CZ  . TYR A 1 109 ? 13.640  3.357   1.094   1.00 12.43 ? 115 TYR B CZ  1 
ATOM   965  O OH  . TYR A 1 109 ? 14.337  2.175   1.189   1.00 13.67 ? 115 TYR B OH  1 
ATOM   966  N N   A GLU A 1 110 ? 9.328   8.801   -1.205  0.25 10.50 ? 116 GLU B N   1 
ATOM   967  N N   B GLU A 1 110 ? 9.351   8.815   -1.305  0.25 10.41 ? 116 GLU B N   1 
ATOM   968  C CA  A GLU A 1 110 ? 8.487   10.011  -1.354  0.25 11.02 ? 116 GLU B CA  1 
ATOM   969  C CA  B GLU A 1 110 ? 8.452   9.989   -1.409  0.25 10.90 ? 116 GLU B CA  1 
ATOM   970  C C   A GLU A 1 110 ? 7.069   9.735   -0.863  0.25 9.62  ? 116 GLU B C   1 
ATOM   971  C C   B GLU A 1 110 ? 7.121   9.684   -0.717  0.25 9.40  ? 116 GLU B C   1 
ATOM   972  O O   A GLU A 1 110 ? 6.552   8.632   -1.026  0.25 9.42  ? 116 GLU B O   1 
ATOM   973  O O   B GLU A 1 110 ? 6.733   8.483   -0.568  0.25 8.64  ? 116 GLU B O   1 
ATOM   974  C CB  A GLU A 1 110 ? 8.474   10.479  -2.804  0.25 12.60 ? 116 GLU B CB  1 
ATOM   975  C CB  B GLU A 1 110 ? 8.199   10.358  -2.866  0.25 12.55 ? 116 GLU B CB  1 
ATOM   976  C CG  A GLU A 1 110 ? 9.859   10.824  -3.360  0.25 14.77 ? 116 GLU B CG  1 
ATOM   977  C CG  B GLU A 1 110 ? 9.456   10.689  -3.665  0.25 15.17 ? 116 GLU B CG  1 
ATOM   978  C CD  A GLU A 1 110 ? 9.842   11.251  -4.819  0.25 16.68 ? 116 GLU B CD  1 
ATOM   979  C CD  B GLU A 1 110 ? 9.984   12.106  -3.486  0.25 16.02 ? 116 GLU B CD  1 
ATOM   980  O OE1 A GLU A 1 110 ? 9.082   10.647  -5.604  0.25 19.04 ? 116 GLU B OE1 1 
ATOM   981  O OE1 B GLU A 1 110 ? 9.191   13.007  -3.143  0.25 20.97 ? 116 GLU B OE1 1 
ATOM   982  O OE2 A GLU A 1 110 ? 10.581  12.195  -5.165  0.25 18.48 ? 116 GLU B OE2 1 
ATOM   983  O OE2 B GLU A 1 110 ? 11.177  12.315  -3.741  0.25 22.27 ? 116 GLU B OE2 1 
ATOM   984  N N   . ALA A 1 111 ? 6.442   10.758  -0.291  1.00 9.84  ? 117 ALA B N   1 
ATOM   985  C CA  . ALA A 1 111 ? 5.014   10.678  0.075   1.00 10.21 ? 117 ALA B CA  1 
ATOM   986  C C   . ALA A 1 111 ? 4.180   11.148  -1.101  1.00 9.84  ? 117 ALA B C   1 
ATOM   987  O O   . ALA A 1 111 ? 4.531   12.121  -1.801  1.00 10.60 ? 117 ALA B O   1 
ATOM   988  C CB  . ALA A 1 111 ? 4.680   11.517  1.297   1.00 9.98  ? 117 ALA B CB  1 
ATOM   989  N N   . GLY A 1 112 ? 3.048   10.454  -1.337  1.00 10.21 ? 118 GLY B N   1 
ATOM   990  C CA  . GLY A 1 112 ? 2.138   10.707  -2.451  1.00 12.09 ? 118 GLY B CA  1 
ATOM   991  C C   . GLY A 1 112 ? 1.248   11.895  -2.194  1.00 12.02 ? 118 GLY B C   1 
ATOM   992  O O   . GLY A 1 112 ? 0.040   11.830  -2.187  1.00 14.66 ? 118 GLY B O   1 
ATOM   993  N N   . THR A 1 113 ? 1.779   13.057  -1.877  1.00 14.90 ? 119 THR B N   1 
ATOM   994  C CA  . THR A 1 113 ? 1.080   14.347  -1.954  1.00 16.16 ? 119 THR B CA  1 
ATOM   995  C C   . THR A 1 113 ? 1.114   14.871  -3.388  1.00 15.90 ? 119 THR B C   1 
ATOM   996  O O   . THR A 1 113 ? 1.805   14.305  -4.224  1.00 17.93 ? 119 THR B O   1 
ATOM   997  C CB  . THR A 1 113 ? 1.788   15.283  -1.006  1.00 13.99 ? 119 THR B CB  1 
ATOM   998  O OG1 . THR A 1 113 ? 3.200   15.353  -1.316  1.00 13.38 ? 119 THR B OG1 1 
ATOM   999  C CG2 . THR A 1 113 ? 1.667   14.880  0.425   1.00 15.39 ? 119 THR B CG2 1 
ATOM   1000 N N   . SER A 1 114 ? 0.417   15.973  -3.683  1.00 19.93 ? 120 SER B N   1 
ATOM   1001 C CA  . SER A 1 114 ? 0.465   16.570  -5.033  1.00 23.44 ? 120 SER B CA  1 
ATOM   1002 C C   . SER A 1 114 ? 0.943   18.017  -4.927  1.00 24.98 ? 120 SER B C   1 
ATOM   1003 O O   . SER A 1 114 ? 0.243   18.861  -4.366  1.00 26.51 ? 120 SER B O   1 
ATOM   1004 C CB  . SER A 1 114 ? -0.878  16.436  -5.738  1.00 27.96 ? 120 SER B CB  1 
ATOM   1005 O OG  . SER A 1 114 ? -0.809  17.019  -7.037  1.00 30.93 ? 120 SER B OG  1 
ATOM   1006 N N   . PRO A 1 115 ? 2.198   18.331  -5.317  1.00 21.78 ? 121 PRO B N   1 
ATOM   1007 C CA  . PRO A 1 115 ? 3.169   17.377  -5.832  1.00 22.27 ? 121 PRO B CA  1 
ATOM   1008 C C   . PRO A 1 115 ? 3.796   16.554  -4.691  1.00 17.41 ? 121 PRO B C   1 
ATOM   1009 O O   . PRO A 1 115 ? 3.594   16.830  -3.536  1.00 16.27 ? 121 PRO B O   1 
ATOM   1010 C CB  . PRO A 1 115 ? 4.222   18.268  -6.486  1.00 24.53 ? 121 PRO B CB  1 
ATOM   1011 C CG  . PRO A 1 115 ? 4.227   19.499  -5.604  1.00 24.41 ? 121 PRO B CG  1 
ATOM   1012 C CD  . PRO A 1 115 ? 2.779   19.688  -5.175  1.00 24.19 ? 121 PRO B CD  1 
ATOM   1013 N N   . GLN A 1 116 ? 4.540   15.529  -5.054  1.00 16.03 ? 122 GLN B N   1 
ATOM   1014 C CA  . GLN A 1 116 ? 5.106   14.564  -4.085  1.00 15.13 ? 122 GLN B CA  1 
ATOM   1015 C C   . GLN A 1 116 ? 6.109   15.240  -3.133  1.00 13.30 ? 122 GLN B C   1 
ATOM   1016 O O   . GLN A 1 116 ? 6.734   16.256  -3.507  1.00 15.12 ? 122 GLN B O   1 
ATOM   1017 C CB  . GLN A 1 116 ? 5.690   13.349  -4.810  1.00 19.14 ? 122 GLN B CB  1 
ATOM   1018 C CG  . GLN A 1 116 ? 7.018   13.577  -5.507  1.00 25.56 ? 122 GLN B CG  1 
ATOM   1019 C CD  . GLN A 1 116 ? 6.913   13.933  -6.969  1.00 35.57 ? 122 GLN B CD  1 
ATOM   1020 O OE1 . GLN A 1 116 ? 5.964   14.592  -7.411  1.00 42.69 ? 122 GLN B OE1 1 
ATOM   1021 N NE2 . GLN A 1 116 ? 7.927   13.536  -7.725  1.00 41.75 ? 122 GLN B NE2 1 
ATOM   1022 N N   . THR A 1 117 ? 6.258   14.660  -1.971  1.00 11.80 ? 123 THR B N   1 
ATOM   1023 C CA  . THR A 1 117 ? 7.130   15.176  -0.905  1.00 11.36 ? 123 THR B CA  1 
ATOM   1024 C C   . THR A 1 117 ? 8.301   14.234  -0.699  1.00 11.40 ? 123 THR B C   1 
ATOM   1025 O O   . THR A 1 117 ? 8.094   13.051  -0.393  1.00 12.58 ? 123 THR B O   1 
ATOM   1026 C CB  . THR A 1 117 ? 6.316   15.374  0.385   1.00 11.16 ? 123 THR B CB  1 
ATOM   1027 O OG1 . THR A 1 117 ? 5.246   16.280  0.138   1.00 12.73 ? 123 THR B OG1 1 
ATOM   1028 C CG2 . THR A 1 117 ? 7.193   15.892  1.504   1.00 12.49 ? 123 THR B CG2 1 
ATOM   1029 N N   . THR A 1 118 ? 9.512   14.779  -0.650  1.00 11.79 ? 124 THR B N   1 
ATOM   1030 C CA  . THR A 1 118 ? 10.723  14.012  -0.325  1.00 12.89 ? 124 THR B CA  1 
ATOM   1031 C C   . THR A 1 118 ? 10.713  13.522  1.107   1.00 12.19 ? 124 THR B C   1 
ATOM   1032 O O   . THR A 1 118 ? 10.400  14.332  2.037   1.00 15.26 ? 124 THR B O   1 
ATOM   1033 C CB  . THR A 1 118 ? 11.929  14.952  -0.537  1.00 16.12 ? 124 THR B CB  1 
ATOM   1034 O OG1 . THR A 1 118 ? 11.948  15.305  -1.919  1.00 18.88 ? 124 THR B OG1 1 
ATOM   1035 C CG2 . THR A 1 118 ? 13.225  14.341  -0.036  1.00 19.62 ? 124 THR B CG2 1 
ATOM   1036 N N   . LEU A 1 119 ? 10.983  12.249  1.340   1.00 11.60 ? 125 LEU B N   1 
ATOM   1037 C CA  . LEU A 1 119 ? 11.112  11.653  2.661   1.00 11.14 ? 125 LEU B CA  1 
ATOM   1038 C C   . LEU A 1 119 ? 12.596  11.591  3.036   1.00 13.36 ? 125 LEU B C   1 
ATOM   1039 O O   . LEU A 1 119 ? 13.459  11.629  2.119   1.00 18.02 ? 125 LEU B O   1 
ATOM   1040 C CB  . LEU A 1 119 ? 10.460  10.267  2.778   1.00 10.85 ? 125 LEU B CB  1 
ATOM   1041 C CG  . LEU A 1 119 ? 8.979   10.252  2.398   1.00 10.40 ? 125 LEU B CG  1 
ATOM   1042 C CD1 . LEU A 1 119 ? 8.425   8.834   2.366   1.00 11.77 ? 125 LEU B CD1 1 
ATOM   1043 C CD2 . LEU A 1 119 ? 8.168   11.118  3.358   1.00 11.53 ? 125 LEU B CD2 1 
ATOM   1044 N N   . HIS A 1 120 ? 12.894  11.592  4.312   1.00 13.40 ? 126 HIS B N   1 
ATOM   1045 C CA  . HIS A 1 120 ? 14.279  11.605  4.861   1.00 14.24 ? 126 HIS B CA  1 
ATOM   1046 C C   . HIS A 1 120 ? 14.425  10.333  5.676   1.00 15.71 ? 126 HIS B C   1 
ATOM   1047 O O   . HIS A 1 120 ? 13.993  10.302  6.846   1.00 21.38 ? 126 HIS B O   1 
ATOM   1048 C CB  . HIS A 1 120 ? 14.498  12.889  5.700   1.00 15.92 ? 126 HIS B CB  1 
ATOM   1049 C CG  . HIS A 1 120 ? 14.302  14.169  4.949   1.00 16.58 ? 126 HIS B CG  1 
ATOM   1050 N ND1 . HIS A 1 120 ? 13.105  14.881  4.987   1.00 20.61 ? 126 HIS B ND1 1 
ATOM   1051 C CD2 . HIS A 1 120 ? 15.117  14.870  4.149   1.00 20.24 ? 126 HIS B CD2 1 
ATOM   1052 C CE1 . HIS A 1 120 ? 13.205  15.944  4.200   1.00 21.44 ? 126 HIS B CE1 1 
ATOM   1053 N NE2 . HIS A 1 120 ? 14.429  15.998  3.724   1.00 19.21 ? 126 HIS B NE2 1 
ATOM   1054 N N   . ILE A 1 121 ? 14.906  9.269   5.084   1.00 17.70 ? 127 ILE B N   1 
ATOM   1055 C CA  . ILE A 1 121 ? 15.021  7.965   5.780   1.00 19.38 ? 127 ILE B CA  1 
ATOM   1056 C C   . ILE A 1 121 ? 16.529  7.599   5.803   1.00 21.10 ? 127 ILE B C   1 
ATOM   1057 O O   . ILE A 1 121 ? 17.147  7.569   4.761   1.00 27.41 ? 127 ILE B O   1 
ATOM   1058 C CB  . ILE A 1 121 ? 14.124  6.892   5.128   1.00 19.51 ? 127 ILE B CB  1 
ATOM   1059 C CG1 . ILE A 1 121 ? 12.663  7.324   4.953   1.00 17.77 ? 127 ILE B CG1 1 
ATOM   1060 C CG2 . ILE A 1 121 ? 14.189  5.642   5.994   1.00 24.74 ? 127 ILE B CG2 1 
ATOM   1061 C CD1 . ILE A 1 121 ? 11.770  6.234   4.378   1.00 18.06 ? 127 ILE B CD1 1 
ATOM   1062 N N   . GLN A 1 122 ? 17.096  7.473   6.989   1.00 24.86 ? 128 GLN B N   1 
ATOM   1063 C CA  . GLN A 1 122 ? 18.559  7.191   7.150   1.00 27.00 ? 128 GLN B CA  1 
ATOM   1064 C C   . GLN A 1 122 ? 18.807  5.681   7.057   1.00 24.44 ? 128 GLN B C   1 
ATOM   1065 O O   . GLN A 1 122 ? 19.846  5.264   6.465   1.00 25.31 ? 128 GLN B O   1 
ATOM   1066 C CB  . GLN A 1 122 ? 19.040  7.760   8.489   1.00 29.80 ? 128 GLN B CB  1 
ATOM   1067 C CG  . GLN A 1 122 ? 20.497  7.432   8.835   1.00 37.84 ? 128 GLN B CG  1 
ATOM   1068 C CD  . GLN A 1 122 ? 21.524  7.998   7.874   1.00 42.98 ? 128 GLN B CD  1 
ATOM   1069 O OE1 . GLN A 1 122 ? 21.289  8.979   7.167   1.00 48.83 ? 128 GLN B OE1 1 
ATOM   1070 N NE2 . GLN A 1 122 ? 22.695  7.382   7.847   1.00 46.61 ? 128 GLN B NE2 1 
ATOM   1071 N N   . VAL A 1 123 ? 17.842  4.877   7.493   1.00 20.76 ? 129 VAL B N   1 
ATOM   1072 C CA  . VAL A 1 123 ? 17.968  3.386   7.517   1.00 18.57 ? 129 VAL B CA  1 
ATOM   1073 C C   . VAL A 1 123 ? 16.960  2.806   6.534   1.00 17.72 ? 129 VAL B C   1 
ATOM   1074 O O   . VAL A 1 123 ? 15.748  2.859   6.839   1.00 16.76 ? 129 VAL B O   1 
ATOM   1075 C CB  . VAL A 1 123 ? 17.715  2.845   8.929   1.00 20.57 ? 129 VAL B CB  1 
ATOM   1076 C CG1 . VAL A 1 123 ? 17.729  1.312   8.984   1.00 21.50 ? 129 VAL B CG1 1 
ATOM   1077 C CG2 . VAL A 1 123 ? 18.741  3.406   9.911   1.00 23.28 ? 129 VAL B CG2 1 
ATOM   1078 N N   . PRO A 1 124 ? 17.334  2.372   5.310   1.00 16.65 ? 130 PRO B N   1 
ATOM   1079 C CA  . PRO A 1 124 ? 16.329  1.868   4.371   1.00 16.86 ? 130 PRO B CA  1 
ATOM   1080 C C   . PRO A 1 124 ? 15.486  0.791   5.017   1.00 16.31 ? 130 PRO B C   1 
ATOM   1081 O O   . PRO A 1 124 ? 15.966  -0.151  5.611   1.00 16.58 ? 130 PRO B O   1 
ATOM   1082 C CB  . PRO A 1 124 ? 17.196  1.294   3.235   1.00 19.80 ? 130 PRO B CB  1 
ATOM   1083 C CG  . PRO A 1 124 ? 18.452  2.168   3.287   1.00 20.89 ? 130 PRO B CG  1 
ATOM   1084 C CD  . PRO A 1 124 ? 18.706  2.360   4.747   1.00 20.58 ? 130 PRO B CD  1 
ATOM   1085 N N   . PRO A 1 125 ? 14.146  0.947   5.033   1.00 14.30 ? 131 PRO B N   1 
ATOM   1086 C CA  . PRO A 1 125 ? 13.296  0.001   5.714   1.00 13.67 ? 131 PRO B CA  1 
ATOM   1087 C C   . PRO A 1 125 ? 13.170  -1.340  4.991   1.00 13.26 ? 131 PRO B C   1 
ATOM   1088 O O   . PRO A 1 125 ? 13.022  -1.357  3.782   1.00 14.20 ? 131 PRO B O   1 
ATOM   1089 C CB  . PRO A 1 125 ? 11.952  0.751   5.826   1.00 14.25 ? 131 PRO B CB  1 
ATOM   1090 C CG  . PRO A 1 125 ? 12.005  1.768   4.744   1.00 16.63 ? 131 PRO B CG  1 
ATOM   1091 C CD  . PRO A 1 125 ? 13.441  2.156   4.588   1.00 14.88 ? 131 PRO B CD  1 
ATOM   1092 N N   . CYS A 1 126 ? 13.165  -2.401  5.779   1.00 13.14 ? 132 CYS B N   1 
ATOM   1093 C CA  . CYS A 1 126 ? 12.747  -3.742  5.291   1.00 13.12 ? 132 CYS B CA  1 
ATOM   1094 C C   . CYS A 1 126 ? 11.299  -4.056  5.663   1.00 12.11 ? 132 CYS B C   1 
ATOM   1095 O O   . CYS A 1 126 ? 10.670  -4.913  5.055   1.00 12.77 ? 132 CYS B O   1 
ATOM   1096 C CB  . CYS A 1 126 ? 13.646  -4.847  5.801   1.00 15.51 ? 132 CYS B CB  1 
ATOM   1097 S SG  . CYS A 1 126 ? 15.384  -4.649  5.326   1.00 22.49 ? 132 CYS B SG  1 
ATOM   1098 N N   A GLN A 1 127 ? 10.759  -3.423  6.717   0.25 12.54 ? 133 GLN B N   1 
ATOM   1099 N N   B GLN A 1 127 ? 10.767  -3.258  6.589   0.25 12.87 ? 133 GLN B N   1 
ATOM   1100 C CA  A GLN A 1 127 ? 9.308   -3.520  7.058   0.25 13.07 ? 133 GLN B CA  1 
ATOM   1101 C CA  B GLN A 1 127 ? 9.405   -3.438  7.135   0.25 14.01 ? 133 GLN B CA  1 
ATOM   1102 C C   A GLN A 1 127 ? 8.785   -2.136  7.456   0.25 12.22 ? 133 GLN B C   1 
ATOM   1103 C C   B GLN A 1 127 ? 8.831   -2.038  7.365   0.25 12.69 ? 133 GLN B C   1 
ATOM   1104 O O   A GLN A 1 127 ? 9.474   -1.410  8.224   0.25 11.33 ? 133 GLN B O   1 
ATOM   1105 O O   B GLN A 1 127 ? 9.577   -1.145  7.810   0.25 11.66 ? 133 GLN B O   1 
ATOM   1106 C CB  A GLN A 1 127 ? 8.970   -4.498  8.190   0.25 14.32 ? 133 GLN B CB  1 
ATOM   1107 C CB  B GLN A 1 127 ? 9.464   -4.316  8.385   0.25 16.23 ? 133 GLN B CB  1 
ATOM   1108 C CG  A GLN A 1 127 ? 9.352   -5.954  7.940   0.25 15.71 ? 133 GLN B CG  1 
ATOM   1109 C CG  B GLN A 1 127 ? 9.891   -5.747  8.103   0.25 18.56 ? 133 GLN B CG  1 
ATOM   1110 C CD  A GLN A 1 127 ? 10.752  -6.242  8.428   0.25 17.60 ? 133 GLN B CD  1 
ATOM   1111 C CD  B GLN A 1 127 ? 9.406   -6.738  9.132   0.25 20.55 ? 133 GLN B CD  1 
ATOM   1112 O OE1 A GLN A 1 127 ? 11.216  -5.661  9.408   0.25 18.40 ? 133 GLN B OE1 1 
ATOM   1113 O OE1 B GLN A 1 127 ? 8.819   -6.379  10.148  0.25 24.46 ? 133 GLN B OE1 1 
ATOM   1114 N NE2 A GLN A 1 127 ? 11.453  -7.120  7.721   0.25 17.97 ? 133 GLN B NE2 1 
ATOM   1115 N NE2 B GLN A 1 127 ? 9.647   -8.005  8.865   0.25 22.90 ? 133 GLN B NE2 1 
ATOM   1116 N N   . ILE A 1 128 ? 7.579   -1.844  6.954   1.00 12.01 ? 134 ILE B N   1 
ATOM   1117 C CA  . ILE A 1 128 ? 6.863   -0.547  7.085   1.00 11.98 ? 134 ILE B CA  1 
ATOM   1118 C C   . ILE A 1 128 ? 5.634   -0.832  7.945   1.00 11.28 ? 134 ILE B C   1 
ATOM   1119 O O   . ILE A 1 128 ? 4.841   -1.757  7.642   1.00 11.33 ? 134 ILE B O   1 
ATOM   1120 C CB  . ILE A 1 128 ? 6.445   -0.023  5.696   1.00 12.66 ? 134 ILE B CB  1 
ATOM   1121 C CG1 . ILE A 1 128 ? 7.603   0.216   4.700   1.00 16.05 ? 134 ILE B CG1 1 
ATOM   1122 C CG2 . ILE A 1 128 ? 5.585   1.249   5.832   1.00 12.97 ? 134 ILE B CG2 1 
ATOM   1123 C CD1 . ILE A 1 128 ? 8.432   1.332   5.057   1.00 15.65 ? 134 ILE B CD1 1 
ATOM   1124 N N   . GLY A 1 129 ? 5.370   0.004   8.954   1.00 11.02 ? 135 GLY B N   1 
ATOM   1125 C CA  . GLY A 1 129 ? 4.099   0.010   9.697   1.00 10.89 ? 135 GLY B CA  1 
ATOM   1126 C C   . GLY A 1 129 ? 3.197   1.134   9.225   1.00 10.37 ? 135 GLY B C   1 
ATOM   1127 O O   . GLY A 1 129 ? 3.656   2.227   8.926   1.00 11.30 ? 135 GLY B O   1 
ATOM   1128 N N   . ILE A 1 130 ? 1.909   0.805   9.055   1.00 10.95 ? 136 ILE B N   1 
ATOM   1129 C CA  . ILE A 1 130 ? 0.872   1.750   8.568   1.00 10.76 ? 136 ILE B CA  1 
ATOM   1130 C C   . ILE A 1 130 ? -0.208  1.863   9.623   1.00 10.95 ? 136 ILE B C   1 
ATOM   1131 O O   . ILE A 1 130 ? -0.760  0.845   10.053  1.00 11.59 ? 136 ILE B O   1 
ATOM   1132 C CB  . ILE A 1 130 ? 0.284   1.269   7.236   1.00 11.26 ? 136 ILE B CB  1 
ATOM   1133 C CG1 . ILE A 1 130 ? 1.398   1.114   6.204   1.00 12.70 ? 136 ILE B CG1 1 
ATOM   1134 C CG2 . ILE A 1 130 ? -0.780  2.246   6.724   1.00 12.61 ? 136 ILE B CG2 1 
ATOM   1135 C CD1 . ILE A 1 130 ? 0.971   0.566   4.932   1.00 16.59 ? 136 ILE B CD1 1 
ATOM   1136 N N   . PHE A 1 131 ? -0.426  3.083   10.081  1.00 10.90 ? 137 PHE B N   1 
ATOM   1137 C CA  . PHE A 1 131 ? -1.427  3.390   11.128  1.00 10.22 ? 137 PHE B CA  1 
ATOM   1138 C C   . PHE A 1 131 ? -2.457  4.340   10.547  1.00 10.32 ? 137 PHE B C   1 
ATOM   1139 O O   . PHE A 1 131 ? -2.121  5.366   9.948   1.00 10.86 ? 137 PHE B O   1 
ATOM   1140 C CB  . PHE A 1 131 ? -0.749  4.073   12.303  1.00 11.68 ? 137 PHE B CB  1 
ATOM   1141 C CG  . PHE A 1 131 ? -1.688  4.530   13.384  1.00 12.92 ? 137 PHE B CG  1 
ATOM   1142 C CD1 . PHE A 1 131 ? -2.341  3.610   14.165  1.00 14.79 ? 137 PHE B CD1 1 
ATOM   1143 C CD2 . PHE A 1 131 ? -1.925  5.869   13.620  1.00 14.73 ? 137 PHE B CD2 1 
ATOM   1144 C CE1 . PHE A 1 131 ? -3.229  4.024   15.157  1.00 16.98 ? 137 PHE B CE1 1 
ATOM   1145 C CE2 . PHE A 1 131 ? -2.807  6.294   14.614  1.00 17.03 ? 137 PHE B CE2 1 
ATOM   1146 C CZ  . PHE A 1 131 ? -3.449  5.354   15.378  1.00 16.52 ? 137 PHE B CZ  1 
ATOM   1147 N N   . VAL A 1 132 ? -3.735  3.995   10.722  1.00 10.87 ? 138 VAL B N   1 
ATOM   1148 C CA  . VAL A 1 132 ? -4.880  4.829   10.311  1.00 11.11 ? 138 VAL B CA  1 
ATOM   1149 C C   . VAL A 1 132 ? -5.734  5.133   11.549  1.00 10.27 ? 138 VAL B C   1 
ATOM   1150 O O   . VAL A 1 132 ? -6.147  4.212   12.260  1.00 12.16 ? 138 VAL B O   1 
ATOM   1151 C CB  . VAL A 1 132 ? -5.717  4.146   9.227   1.00 11.59 ? 138 VAL B CB  1 
ATOM   1152 C CG1 . VAL A 1 132 ? -6.900  5.018   8.839   1.00 13.42 ? 138 VAL B CG1 1 
ATOM   1153 C CG2 . VAL A 1 132 ? -4.870  3.794   8.006   1.00 13.44 ? 138 VAL B CG2 1 
ATOM   1154 N N   . ASP A 1 133 ? -5.959  6.409   11.774  1.00 10.70 ? 139 ASP B N   1 
ATOM   1155 C CA  . ASP A 1 133 ? -6.974  6.858   12.775  1.00 12.40 ? 139 ASP B CA  1 
ATOM   1156 C C   . ASP A 1 133 ? -8.092  7.530   11.995  1.00 10.50 ? 139 ASP B C   1 
ATOM   1157 O O   . ASP A 1 133 ? -7.959  8.648   11.523  1.00 11.21 ? 139 ASP B O   1 
ATOM   1158 C CB  . ASP A 1 133 ? -6.372  7.738   13.843  1.00 13.54 ? 139 ASP B CB  1 
ATOM   1159 C CG  . ASP A 1 133 ? -7.339  8.208   14.926  1.00 15.98 ? 139 ASP B CG  1 
ATOM   1160 O OD1 . ASP A 1 133 ? -8.569  8.206   14.689  1.00 16.09 ? 139 ASP B OD1 1 
ATOM   1161 O OD2 . ASP A 1 133 ? -6.788  8.543   16.007  1.00 19.71 ? 139 ASP B OD2 1 
ATOM   1162 N N   . TYR A 1 134 ? -9.182  6.793   11.802  1.00 11.61 ? 140 TYR B N   1 
ATOM   1163 C CA  . TYR A 1 134 ? -10.268 7.276   10.915  1.00 12.21 ? 140 TYR B CA  1 
ATOM   1164 C C   . TYR A 1 134 ? -10.877 8.597   11.420  1.00 12.84 ? 140 TYR B C   1 
ATOM   1165 O O   . TYR A 1 134 ? -10.970 9.579   10.744  1.00 14.23 ? 140 TYR B O   1 
ATOM   1166 C CB  . TYR A 1 134 ? -11.357 6.211   10.719  1.00 12.32 ? 140 TYR B CB  1 
ATOM   1167 C CG  . TYR A 1 134 ? -12.220 6.532   9.523   1.00 12.10 ? 140 TYR B CG  1 
ATOM   1168 C CD1 . TYR A 1 134 ? -13.197 7.522   9.554   1.00 12.76 ? 140 TYR B CD1 1 
ATOM   1169 C CD2 . TYR A 1 134 ? -12.020 5.875   8.307   1.00 12.57 ? 140 TYR B CD2 1 
ATOM   1170 C CE1 . TYR A 1 134 ? -13.938 7.867   8.443   1.00 12.24 ? 140 TYR B CE1 1 
ATOM   1171 C CE2 . TYR A 1 134 ? -12.751 6.213   7.176   1.00 12.57 ? 140 TYR B CE2 1 
ATOM   1172 C CZ  . TYR A 1 134 ? -13.703 7.224   7.223   1.00 11.55 ? 140 TYR B CZ  1 
ATOM   1173 O OH  . TYR A 1 134 ? -14.417 7.584   6.113   1.00 12.96 ? 140 TYR B OH  1 
ATOM   1174 N N   . GLU A 1 135 ? -11.190 8.613   12.706  1.00 14.57 ? 141 GLU B N   1 
ATOM   1175 C CA  . GLU A 1 135 ? -11.887 9.784   13.301  1.00 15.14 ? 141 GLU B CA  1 
ATOM   1176 C C   . GLU A 1 135 ? -10.970 10.991  13.309  1.00 15.19 ? 141 GLU B C   1 
ATOM   1177 O O   . GLU A 1 135 ? -11.430 12.098  12.970  1.00 18.28 ? 141 GLU B O   1 
ATOM   1178 C CB  . GLU A 1 135 ? -12.414 9.481   14.694  1.00 17.41 ? 141 GLU B CB  1 
ATOM   1179 C CG  . GLU A 1 135 ? -13.789 8.795   14.581  1.00 21.80 ? 141 GLU B CG  1 
ATOM   1180 C CD  . GLU A 1 135 ? -13.727 7.373   14.123  1.00 24.00 ? 141 GLU B CD  1 
ATOM   1181 O OE1 . GLU A 1 135 ? -14.684 6.883   13.627  1.00 23.77 ? 141 GLU B OE1 1 
ATOM   1182 O OE2 . GLU A 1 135 ? -12.669 6.732   14.343  1.00 27.01 ? 141 GLU B OE2 1 
ATOM   1183 N N   . ALA A 1 136 ? -9.678  10.834  13.589  1.00 13.78 ? 142 ALA B N   1 
ATOM   1184 C CA  . ALA A 1 136 ? -8.731  11.944  13.620  1.00 15.29 ? 142 ALA B CA  1 
ATOM   1185 C C   . ALA A 1 136 ? -8.342  12.413  12.214  1.00 14.72 ? 142 ALA B C   1 
ATOM   1186 O O   . ALA A 1 136 ? -7.789  13.521  12.074  1.00 17.09 ? 142 ALA B O   1 
ATOM   1187 C CB  . ALA A 1 136 ? -7.501  11.548  14.385  1.00 16.52 ? 142 ALA B CB  1 
ATOM   1188 N N   . GLY A 1 137 ? -8.559  11.614  11.165  1.00 12.82 ? 143 GLY B N   1 
ATOM   1189 C CA  . GLY A 1 137 ? -8.131  11.935  9.802   1.00 12.04 ? 143 GLY B CA  1 
ATOM   1190 C C   . GLY A 1 137 ? -6.593  11.858  9.665   1.00 10.85 ? 143 GLY B C   1 
ATOM   1191 O O   . GLY A 1 137 ? -6.000  12.809  9.139   1.00 12.24 ? 143 GLY B O   1 
ATOM   1192 N N   . VAL A 1 138 ? -6.017  10.781  10.181  1.00 11.31 ? 144 VAL B N   1 
ATOM   1193 C CA  . VAL A 1 138 ? -4.532  10.580  10.165  1.00 11.42 ? 144 VAL B CA  1 
ATOM   1194 C C   . VAL A 1 138 ? -4.187  9.266   9.480   1.00 10.52 ? 144 VAL B C   1 
ATOM   1195 O O   . VAL A 1 138 ? -4.758  8.224   9.819   1.00 11.03 ? 144 VAL B O   1 
ATOM   1196 C CB  . VAL A 1 138 ? -4.011  10.588  11.612  1.00 12.25 ? 144 VAL B CB  1 
ATOM   1197 C CG1 . VAL A 1 138 ? -2.561  10.093  11.723  1.00 12.96 ? 144 VAL B CG1 1 
ATOM   1198 C CG2 . VAL A 1 138 ? -4.186  11.986  12.209  1.00 14.17 ? 144 VAL B CG2 1 
ATOM   1199 N N   . VAL A 1 139 ? -3.140  9.331   8.655   1.00 10.57 ? 145 VAL B N   1 
ATOM   1200 C CA  . VAL A 1 139 ? -2.432  8.118   8.140   1.00 9.90  ? 145 VAL B CA  1 
ATOM   1201 C C   . VAL A 1 139 ? -0.926  8.312   8.413   1.00 8.99  ? 145 VAL B C   1 
ATOM   1202 O O   . VAL A 1 139 ? -0.380  9.284   7.886   1.00 9.97  ? 145 VAL B O   1 
ATOM   1203 C CB  . VAL A 1 139 ? -2.703  7.885   6.648   1.00 9.47  ? 145 VAL B CB  1 
ATOM   1204 C CG1 . VAL A 1 139 ? -2.041  6.595   6.170   1.00 9.86  ? 145 VAL B CG1 1 
ATOM   1205 C CG2 . VAL A 1 139 ? -4.191  7.874   6.347   1.00 9.78  ? 145 VAL B CG2 1 
ATOM   1206 N N   . SER A 1 140 ? -0.344  7.420   9.171   1.00 8.90  ? 146 SER B N   1 
ATOM   1207 C CA  . SER A 1 140 ? 1.088   7.527   9.502   1.00 9.88  ? 146 SER B CA  1 
ATOM   1208 C C   . SER A 1 140 ? 1.822   6.249   9.093   1.00 9.13  ? 146 SER B C   1 
ATOM   1209 O O   . SER A 1 140 ? 1.285   5.163   9.137   1.00 10.61 ? 146 SER B O   1 
ATOM   1210 C CB  . SER A 1 140 ? 1.294   7.798   10.995  1.00 10.11 ? 146 SER B CB  1 
ATOM   1211 O OG  . SER A 1 140 ? 0.788   9.082   11.359  1.00 11.69 ? 146 SER B OG  1 
ATOM   1212 N N   . PHE A 1 141 ? 3.105   6.454   8.802   1.00 8.48  ? 147 PHE B N   1 
ATOM   1213 C CA  . PHE A 1 141 ? 4.020   5.409   8.320   1.00 9.19  ? 147 PHE B CA  1 
ATOM   1214 C C   . PHE A 1 141 ? 5.222   5.369   9.254   1.00 9.72  ? 147 PHE B C   1 
ATOM   1215 O O   . PHE A 1 141 ? 5.830   6.439   9.526   1.00 9.82  ? 147 PHE B O   1 
ATOM   1216 C CB  . PHE A 1 141 ? 4.452   5.659   6.858   1.00 9.18  ? 147 PHE B CB  1 
ATOM   1217 C CG  . PHE A 1 141 ? 3.295   5.661   5.892   1.00 9.02  ? 147 PHE B CG  1 
ATOM   1218 C CD1 . PHE A 1 141 ? 2.495   6.784   5.715   1.00 9.37  ? 147 PHE B CD1 1 
ATOM   1219 C CD2 . PHE A 1 141 ? 3.023   4.522   5.142   1.00 9.36  ? 147 PHE B CD2 1 
ATOM   1220 C CE1 . PHE A 1 141 ? 1.407   6.735   4.847   1.00 9.66  ? 147 PHE B CE1 1 
ATOM   1221 C CE2 . PHE A 1 141 ? 1.930   4.488   4.285   1.00 9.39  ? 147 PHE B CE2 1 
ATOM   1222 C CZ  . PHE A 1 141 ? 1.142   5.603   4.111   1.00 9.35  ? 147 PHE B CZ  1 
ATOM   1223 N N   . TYR A 1 142 ? 5.676   4.165   9.584   1.00 9.98  ? 148 TYR B N   1 
ATOM   1224 C CA  . TYR A 1 142 ? 6.746   3.923   10.582  1.00 11.25 ? 148 TYR B CA  1 
ATOM   1225 C C   . TYR A 1 142 ? 7.772   2.982   9.978   1.00 11.64 ? 148 TYR B C   1 
ATOM   1226 O O   . TYR A 1 142 ? 7.458   1.973   9.289   1.00 11.63 ? 148 TYR B O   1 
ATOM   1227 C CB  . TYR A 1 142 ? 6.159   3.384   11.878  1.00 11.81 ? 148 TYR B CB  1 
ATOM   1228 C CG  . TYR A 1 142 ? 5.250   4.367   12.564  1.00 12.35 ? 148 TYR B CG  1 
ATOM   1229 C CD1 . TYR A 1 142 ? 5.738   5.393   13.353  1.00 13.11 ? 148 TYR B CD1 1 
ATOM   1230 C CD2 . TYR A 1 142 ? 3.879   4.335   12.333  1.00 13.34 ? 148 TYR B CD2 1 
ATOM   1231 C CE1 . TYR A 1 142 ? 4.901   6.359   13.901  1.00 13.45 ? 148 TYR B CE1 1 
ATOM   1232 C CE2 . TYR A 1 142 ? 3.021   5.266   12.888  1.00 14.08 ? 148 TYR B CE2 1 
ATOM   1233 C CZ  . TYR A 1 142 ? 3.538   6.279   13.679  1.00 13.70 ? 148 TYR B CZ  1 
ATOM   1234 O OH  . TYR A 1 142 ? 2.696   7.231   14.226  1.00 16.28 ? 148 TYR B OH  1 
ATOM   1235 N N   . ASN A 1 143 ? 9.036   3.208   10.333  1.00 12.92 ? 149 ASN B N   1 
ATOM   1236 C CA  . ASN A 1 143 ? 10.205  2.412   9.860   1.00 12.94 ? 149 ASN B CA  1 
ATOM   1237 C C   . ASN A 1 143 ? 10.449  1.318   10.897  1.00 12.70 ? 149 ASN B C   1 
ATOM   1238 O O   . ASN A 1 143 ? 11.121  1.588   11.948  1.00 14.99 ? 149 ASN B O   1 
ATOM   1239 C CB  . ASN A 1 143 ? 11.412  3.323   9.671   1.00 13.38 ? 149 ASN B CB  1 
ATOM   1240 C CG  . ASN A 1 143 ? 12.621  2.609   9.084   1.00 13.16 ? 149 ASN B CG  1 
ATOM   1241 O OD1 . ASN A 1 143 ? 12.672  1.378   9.143   1.00 15.06 ? 149 ASN B OD1 1 
ATOM   1242 N ND2 . ASN A 1 143 ? 13.503  3.358   8.516   1.00 14.61 ? 149 ASN B ND2 1 
ATOM   1243 N N   . ILE A 1 144 ? 9.983   0.089   10.700  1.00 14.05 ? 150 ILE B N   1 
ATOM   1244 C CA  . ILE A 1 144 ? 10.088  -0.955  11.745  1.00 14.88 ? 150 ILE B CA  1 
ATOM   1245 C C   . ILE A 1 144 ? 11.571  -1.355  11.865  1.00 16.47 ? 150 ILE B C   1 
ATOM   1246 O O   . ILE A 1 144 ? 11.985  -1.717  12.983  1.00 18.82 ? 150 ILE B O   1 
ATOM   1247 C CB  . ILE A 1 144 ? 9.190   -2.153  11.395  1.00 15.98 ? 150 ILE B CB  1 
ATOM   1248 C CG1 . ILE A 1 144 ? 7.727   -1.728  11.175  1.00 16.96 ? 150 ILE B CG1 1 
ATOM   1249 C CG2 . ILE A 1 144 ? 9.284   -3.287  12.418  1.00 18.19 ? 150 ILE B CG2 1 
ATOM   1250 C CD1 . ILE A 1 144 ? 7.201   -0.813  12.242  1.00 20.08 ? 150 ILE B CD1 1 
ATOM   1251 N N   . THR A 1 145 ? 12.341  -1.304  10.802  1.00 15.82 ? 151 THR B N   1 
ATOM   1252 C CA  . THR A 1 145 ? 13.795  -1.668  10.777  1.00 16.52 ? 151 THR B CA  1 
ATOM   1253 C C   . THR A 1 145 ? 14.525  -0.707  11.722  1.00 18.85 ? 151 THR B C   1 
ATOM   1254 O O   . THR A 1 145 ? 15.481  -1.166  12.417  1.00 22.76 ? 151 THR B O   1 
ATOM   1255 C CB  . THR A 1 145 ? 14.334  -1.611  9.341   1.00 15.83 ? 151 THR B CB  1 
ATOM   1256 O OG1 . THR A 1 145 ? 13.503  -2.428  8.526   1.00 15.96 ? 151 THR B OG1 1 
ATOM   1257 C CG2 . THR A 1 145 ? 15.767  -2.104  9.277   1.00 17.18 ? 151 THR B CG2 1 
ATOM   1258 N N   . ASP A 1 146 ? 14.116  0.556   11.819  1.00 18.74 ? 152 ASP B N   1 
ATOM   1259 C CA  . ASP A 1 146 ? 14.757  1.579   12.689  1.00 19.29 ? 152 ASP B CA  1 
ATOM   1260 C C   . ASP A 1 146 ? 13.927  1.853   13.949  1.00 18.91 ? 152 ASP B C   1 
ATOM   1261 O O   . ASP A 1 146 ? 13.597  3.027   14.177  1.00 20.03 ? 152 ASP B O   1 
ATOM   1262 C CB  . ASP A 1 146 ? 15.025  2.797   11.844  1.00 19.36 ? 152 ASP B CB  1 
ATOM   1263 C CG  . ASP A 1 146 ? 15.728  3.921   12.568  1.00 23.38 ? 152 ASP B CG  1 
ATOM   1264 O OD1 . ASP A 1 146 ? 16.706  3.619   13.299  1.00 24.36 ? 152 ASP B OD1 1 
ATOM   1265 O OD2 . ASP A 1 146 ? 15.304  5.071   12.387  1.00 22.98 ? 152 ASP B OD2 1 
ATOM   1266 N N   . HIS A 1 147 ? 13.540  0.825   14.689  1.00 22.00 ? 153 HIS B N   1 
ATOM   1267 C CA  . HIS A 1 147 ? 12.937  0.964   16.041  1.00 25.11 ? 153 HIS B CA  1 
ATOM   1268 C C   . HIS A 1 147 ? 11.618  1.743   15.927  1.00 23.74 ? 153 HIS B C   1 
ATOM   1269 O O   . HIS A 1 147 ? 11.233  2.414   16.878  1.00 25.98 ? 153 HIS B O   1 
ATOM   1270 C CB  . HIS A 1 147 ? 13.850  1.706   17.038  1.00 30.46 ? 153 HIS B CB  1 
ATOM   1271 C CG  . HIS A 1 147 ? 15.267  1.238   17.165  1.00 38.77 ? 153 HIS B CG  1 
ATOM   1272 N ND1 . HIS A 1 147 ? 15.613  0.071   17.823  1.00 44.90 ? 153 HIS B ND1 1 
ATOM   1273 C CD2 . HIS A 1 147 ? 16.429  1.824   16.794  1.00 43.68 ? 153 HIS B CD2 1 
ATOM   1274 C CE1 . HIS A 1 147 ? 16.925  -0.068  17.812  1.00 47.41 ? 153 HIS B CE1 1 
ATOM   1275 N NE2 . HIS A 1 147 ? 17.453  0.999   17.188  1.00 46.07 ? 153 HIS B NE2 1 
ATOM   1276 N N   . GLY A 1 148 ? 10.908  1.651   14.794  1.00 19.38 ? 154 GLY B N   1 
ATOM   1277 C CA  . GLY A 1 148 ? 9.580   2.288   14.673  1.00 17.06 ? 154 GLY B CA  1 
ATOM   1278 C C   . GLY A 1 148 ? 9.641   3.775   14.425  1.00 15.52 ? 154 GLY B C   1 
ATOM   1279 O O   . GLY A 1 148 ? 8.645   4.401   14.717  1.00 15.68 ? 154 GLY B O   1 
ATOM   1280 N N   . SER A 1 149 ? 10.724  4.331   13.937  1.00 14.12 ? 155 SER B N   1 
ATOM   1281 C CA  . SER A 1 149 ? 10.822  5.788   13.736  1.00 12.83 ? 155 SER B CA  1 
ATOM   1282 C C   . SER A 1 149 ? 9.767   6.280   12.734  1.00 13.25 ? 155 SER B C   1 
ATOM   1283 O O   . SER A 1 149 ? 9.451   5.570   11.729  1.00 13.16 ? 155 SER B O   1 
ATOM   1284 C CB  . SER A 1 149 ? 12.214  6.186   13.325  1.00 14.53 ? 155 SER B CB  1 
ATOM   1285 O OG  . SER A 1 149 ? 12.652  5.545   12.136  1.00 15.78 ? 155 SER B OG  1 
ATOM   1286 N N   . LEU A 1 150 ? 9.264   7.470   12.915  1.00 11.96 ? 156 LEU B N   1 
ATOM   1287 C CA  . LEU A 1 150 ? 8.251   8.052   12.002  1.00 11.38 ? 156 LEU B CA  1 
ATOM   1288 C C   . LEU A 1 150 ? 8.886   8.335   10.659  1.00 11.00 ? 156 LEU B C   1 
ATOM   1289 O O   . LEU A 1 150 ? 9.970   8.961   10.527  1.00 11.87 ? 156 LEU B O   1 
ATOM   1290 C CB  . LEU A 1 150 ? 7.724   9.351   12.609  1.00 11.91 ? 156 LEU B CB  1 
ATOM   1291 C CG  . LEU A 1 150 ? 6.651   10.060  11.777  1.00 11.58 ? 156 LEU B CG  1 
ATOM   1292 C CD1 . LEU A 1 150 ? 5.365   9.262   11.704  1.00 11.92 ? 156 LEU B CD1 1 
ATOM   1293 C CD2 . LEU A 1 150 ? 6.349   11.440  12.403  1.00 12.76 ? 156 LEU B CD2 1 
ATOM   1294 N N   . ILE A 1 151 ? 8.177   7.929   9.593   1.00 10.70 ? 157 ILE B N   1 
ATOM   1295 C CA  . ILE A 1 151 ? 8.499   8.264   8.204   1.00 10.41 ? 157 ILE B CA  1 
ATOM   1296 C C   . ILE A 1 151 ? 7.701   9.466   7.716   1.00 9.81  ? 157 ILE B C   1 
ATOM   1297 O O   . ILE A 1 151 ? 8.194   10.395  7.130   1.00 10.20 ? 157 ILE B O   1 
ATOM   1298 C CB  . ILE A 1 151 ? 8.299   7.027   7.285   1.00 10.71 ? 157 ILE B CB  1 
ATOM   1299 C CG1 . ILE A 1 151 ? 9.278   5.916   7.643   1.00 12.23 ? 157 ILE B CG1 1 
ATOM   1300 C CG2 . ILE A 1 151 ? 8.432   7.419   5.828   1.00 11.01 ? 157 ILE B CG2 1 
ATOM   1301 C CD1 . ILE A 1 151 ? 8.959   4.590   6.945   1.00 12.17 ? 157 ILE B CD1 1 
ATOM   1302 N N   . TYR A 1 152 ? 6.369   9.407   7.891   1.00 9.78  ? 158 TYR B N   1 
ATOM   1303 C CA  . TYR A 1 152 ? 5.478   10.458  7.340   1.00 9.81  ? 158 TYR B CA  1 
ATOM   1304 C C   . TYR A 1 152 ? 4.110   10.365  8.021   1.00 9.33  ? 158 TYR B C   1 
ATOM   1305 O O   . TYR A 1 152 ? 3.616   9.262   8.264   1.00 9.93  ? 158 TYR B O   1 
ATOM   1306 C CB  . TYR A 1 152 ? 5.288   10.292  5.801   1.00 9.46  ? 158 TYR B CB  1 
ATOM   1307 C CG  . TYR A 1 152 ? 4.654   11.496  5.186   1.00 9.35  ? 158 TYR B CG  1 
ATOM   1308 C CD1 . TYR A 1 152 ? 5.395   12.626  4.859   1.00 10.19 ? 158 TYR B CD1 1 
ATOM   1309 C CD2 . TYR A 1 152 ? 3.288   11.514  4.889   1.00 9.65  ? 158 TYR B CD2 1 
ATOM   1310 C CE1 . TYR A 1 152 ? 4.796   13.747  4.320   1.00 11.03 ? 158 TYR B CE1 1 
ATOM   1311 C CE2 . TYR A 1 152 ? 2.688   12.632  4.376   1.00 10.61 ? 158 TYR B CE2 1 
ATOM   1312 C CZ  . TYR A 1 152 ? 3.433   13.758  4.111   1.00 10.58 ? 158 TYR B CZ  1 
ATOM   1313 O OH  . TYR A 1 152 ? 2.835   14.893  3.622   1.00 13.16 ? 158 TYR B OH  1 
ATOM   1314 N N   . THR A 1 153 ? 3.485   11.528  8.235   1.00 9.42  ? 159 THR B N   1 
ATOM   1315 C CA  . THR A 1 153 ? 2.072   11.656  8.672   1.00 9.84  ? 159 THR B CA  1 
ATOM   1316 C C   . THR A 1 153 ? 1.301   12.544  7.727   1.00 9.24  ? 159 THR B C   1 
ATOM   1317 O O   . THR A 1 153 ? 1.623   13.706  7.545   1.00 10.53 ? 159 THR B O   1 
ATOM   1318 C CB  . THR A 1 153 ? 1.995   12.206  10.116  1.00 10.59 ? 159 THR B CB  1 
ATOM   1319 O OG1 . THR A 1 153 ? 2.543   11.213  10.972  1.00 11.14 ? 159 THR B OG1 1 
ATOM   1320 C CG2 . THR A 1 153 ? 0.561   12.540  10.518  1.00 12.07 ? 159 THR B CG2 1 
ATOM   1321 N N   . PHE A 1 154 ? 0.238   11.954  7.130   1.00 9.73  ? 160 PHE B N   1 
ATOM   1322 C CA  . PHE A 1 154 ? -0.856  12.722  6.494   1.00 10.02 ? 160 PHE B CA  1 
ATOM   1323 C C   . PHE A 1 154 ? -1.860  13.065  7.609   1.00 10.22 ? 160 PHE B C   1 
ATOM   1324 O O   . PHE A 1 154 ? -2.354  12.202  8.283   1.00 10.95 ? 160 PHE B O   1 
ATOM   1325 C CB  . PHE A 1 154 ? -1.627  11.903  5.459   1.00 10.27 ? 160 PHE B CB  1 
ATOM   1326 C CG  . PHE A 1 154 ? -0.862  11.515  4.202   1.00 8.97  ? 160 PHE B CG  1 
ATOM   1327 C CD1 . PHE A 1 154 ? -0.098  10.362  4.133   1.00 8.87  ? 160 PHE B CD1 1 
ATOM   1328 C CD2 . PHE A 1 154 ? -0.959  12.293  3.079   1.00 9.60  ? 160 PHE B CD2 1 
ATOM   1329 C CE1 . PHE A 1 154 ? 0.530   10.003  2.937   1.00 9.47  ? 160 PHE B CE1 1 
ATOM   1330 C CE2 . PHE A 1 154 ? -0.315  11.936  1.882   1.00 10.04 ? 160 PHE B CE2 1 
ATOM   1331 C CZ  . PHE A 1 154 ? 0.424   10.774  1.826   1.00 9.29  ? 160 PHE B CZ  1 
ATOM   1332 N N   . SER A 1 155 ? -2.093  14.372  7.775   1.00 11.95 ? 161 SER B N   1 
ATOM   1333 C CA  . SER A 1 155 ? -3.115  14.820  8.747   1.00 13.35 ? 161 SER B CA  1 
ATOM   1334 C C   . SER A 1 155 ? -4.131  15.651  8.003   1.00 13.39 ? 161 SER B C   1 
ATOM   1335 O O   . SER A 1 155 ? -3.966  15.989  6.839   1.00 15.33 ? 161 SER B O   1 
ATOM   1336 C CB  . SER A 1 155 ? -2.448  15.532  9.877   1.00 14.55 ? 161 SER B CB  1 
ATOM   1337 O OG  . SER A 1 155 ? -1.931  16.760  9.466   1.00 18.88 ? 161 SER B OG  1 
ATOM   1338 N N   . GLU A 1 156 ? -5.250  15.940  8.684   1.00 16.10 ? 162 GLU B N   1 
ATOM   1339 C CA  . GLU A 1 156 ? -6.402  16.646  8.050   1.00 17.76 ? 162 GLU B CA  1 
ATOM   1340 C C   . GLU A 1 156 ? -6.871  15.866  6.826   1.00 15.37 ? 162 GLU B C   1 
ATOM   1341 O O   . GLU A 1 156 ? -7.279  16.492  5.794   1.00 17.26 ? 162 GLU B O   1 
ATOM   1342 C CB  . GLU A 1 156 ? -6.040  18.074  7.623   1.00 20.98 ? 162 GLU B CB  1 
ATOM   1343 C CG  . GLU A 1 156 ? -5.304  18.907  8.655   1.00 25.85 ? 162 GLU B CG  1 
ATOM   1344 C CD  . GLU A 1 156 ? -5.215  20.325  8.131   1.00 35.54 ? 162 GLU B CD  1 
ATOM   1345 O OE1 . GLU A 1 156 ? -4.279  20.619  7.343   1.00 38.67 ? 162 GLU B OE1 1 
ATOM   1346 O OE2 . GLU A 1 156 ? -6.150  21.092  8.406   1.00 42.19 ? 162 GLU B OE2 1 
ATOM   1347 N N   . CYS A 1 157 ? -6.817  14.539  6.906   1.00 14.52 ? 163 CYS B N   1 
ATOM   1348 C CA  . CYS A 1 157 ? -7.258  13.727  5.761   1.00 13.57 ? 163 CYS B CA  1 
ATOM   1349 C C   . CYS A 1 157 ? -8.772  13.855  5.577   1.00 14.34 ? 163 CYS B C   1 
ATOM   1350 O O   . CYS A 1 157 ? -9.499  13.803  6.620   1.00 16.69 ? 163 CYS B O   1 
ATOM   1351 C CB  . CYS A 1 157 ? -6.901  12.245  5.922   1.00 12.17 ? 163 CYS B CB  1 
ATOM   1352 S SG  . CYS A 1 157 ? -5.120  11.922  5.975   1.00 12.41 ? 163 CYS B SG  1 
ATOM   1353 N N   . VAL A 1 158 ? -9.199  13.893  4.342   1.00 14.18 ? 164 VAL B N   1 
ATOM   1354 C CA  . VAL A 1 158 ? -10.650 13.936  4.040   1.00 14.67 ? 164 VAL B CA  1 
ATOM   1355 C C   . VAL A 1 158 ? -10.922 12.613  3.321   1.00 13.16 ? 164 VAL B C   1 
ATOM   1356 O O   . VAL A 1 158 ? -10.843 12.533  2.090   1.00 16.05 ? 164 VAL B O   1 
ATOM   1357 C CB  . VAL A 1 158 ? -11.025 15.264  3.317   1.00 16.73 ? 164 VAL B CB  1 
ATOM   1358 C CG1 . VAL A 1 158 ? -12.514 15.218  2.947   1.00 17.35 ? 164 VAL B CG1 1 
ATOM   1359 C CG2 . VAL A 1 158 ? -10.707 16.513  4.151   1.00 18.52 ? 164 VAL B CG2 1 
ATOM   1360 N N   . PHE A 1 159 ? -11.128 11.527  4.063   1.00 12.62 ? 165 PHE B N   1 
ATOM   1361 C CA  . PHE A 1 159 ? -11.249 10.162  3.539   1.00 12.69 ? 165 PHE B CA  1 
ATOM   1362 C C   . PHE A 1 159 ? -12.431 10.097  2.585   1.00 13.55 ? 165 PHE B C   1 
ATOM   1363 O O   . PHE A 1 159 ? -12.312 9.498   1.489   1.00 15.36 ? 165 PHE B O   1 
ATOM   1364 C CB  . PHE A 1 159 ? -11.296 9.130   4.649   1.00 12.09 ? 165 PHE B CB  1 
ATOM   1365 C CG  . PHE A 1 159 ? -10.034 9.056   5.490   1.00 11.62 ? 165 PHE B CG  1 
ATOM   1366 C CD1 . PHE A 1 159 ? -8.764  8.980   4.882   1.00 11.35 ? 165 PHE B CD1 1 
ATOM   1367 C CD2 . PHE A 1 159 ? -10.082 9.058   6.871   1.00 12.52 ? 165 PHE B CD2 1 
ATOM   1368 C CE1 . PHE A 1 159 ? -7.595  8.933   5.657   1.00 11.48 ? 165 PHE B CE1 1 
ATOM   1369 C CE2 . PHE A 1 159 ? -8.920  9.009   7.642   1.00 12.50 ? 165 PHE B CE2 1 
ATOM   1370 C CZ  . PHE A 1 159 ? -7.678  8.899   7.030   1.00 12.23 ? 165 PHE B CZ  1 
ATOM   1371 N N   . ALA A 1 160 ? -13.615 10.589  3.018   1.00 13.11 ? 166 ALA B N   1 
ATOM   1372 C CA  . ALA A 1 160 ? -14.822 10.737  2.173   1.00 13.83 ? 166 ALA B CA  1 
ATOM   1373 C C   . ALA A 1 160 ? -15.346 9.401   1.721   1.00 13.44 ? 166 ALA B C   1 
ATOM   1374 O O   . ALA A 1 160 ? -16.041 9.358   0.643   1.00 15.25 ? 166 ALA B O   1 
ATOM   1375 C CB  . ALA A 1 160 ? -14.564 11.662  1.050   1.00 14.45 ? 166 ALA B CB  1 
ATOM   1376 N N   . GLY A 1 161 ? -15.164 8.371   2.485   1.00 13.92 ? 167 GLY B N   1 
ATOM   1377 C CA  . GLY A 1 161 ? -15.629 7.020   2.158   1.00 14.93 ? 167 GLY B CA  1 
ATOM   1378 C C   . GLY A 1 161 ? -14.967 5.951   2.999   1.00 12.95 ? 167 GLY B C   1 
ATOM   1379 O O   . GLY A 1 161 ? -14.010 6.284   3.761   1.00 13.06 ? 167 GLY B O   1 
ATOM   1380 N N   . PRO A 1 162 ? -15.379 4.700   2.873   1.00 11.97 ? 168 PRO B N   1 
ATOM   1381 C CA  . PRO A 1 162 ? -14.637 3.596   3.456   1.00 12.23 ? 168 PRO B CA  1 
ATOM   1382 C C   . PRO A 1 162 ? -13.212 3.521   2.871   1.00 11.66 ? 168 PRO B C   1 
ATOM   1383 O O   . PRO A 1 162 ? -13.023 3.845   1.703   1.00 11.92 ? 168 PRO B O   1 
ATOM   1384 C CB  . PRO A 1 162 ? -15.421 2.325   3.083   1.00 12.95 ? 168 PRO B CB  1 
ATOM   1385 C CG  . PRO A 1 162 ? -16.785 2.881   2.608   1.00 13.37 ? 168 PRO B CG  1 
ATOM   1386 C CD  . PRO A 1 162 ? -16.490 4.209   2.030   1.00 12.51 ? 168 PRO B CD  1 
ATOM   1387 N N   . LEU A 1 163 ? -12.296 3.055   3.700   1.00 11.42 ? 169 LEU B N   1 
ATOM   1388 C CA  . LEU A 1 163 ? -10.854 2.892   3.317   1.00 10.90 ? 169 LEU B CA  1 
ATOM   1389 C C   . LEU A 1 163 ? -10.535 1.426   3.131   1.00 11.33 ? 169 LEU B C   1 
ATOM   1390 O O   . LEU A 1 163 ? -11.007 0.571   3.861   1.00 12.88 ? 169 LEU B O   1 
ATOM   1391 C CB  . LEU A 1 163 ? -9.937  3.502   4.381   1.00 11.99 ? 169 LEU B CB  1 
ATOM   1392 C CG  . LEU A 1 163 ? -9.965  5.022   4.514   1.00 13.41 ? 169 LEU B CG  1 
ATOM   1393 C CD1 . LEU A 1 163 ? -9.109  5.423   5.694   1.00 12.99 ? 169 LEU B CD1 1 
ATOM   1394 C CD2 . LEU A 1 163 ? -9.529  5.710   3.224   1.00 13.67 ? 169 LEU B CD2 1 
ATOM   1395 N N   . ARG A 1 164 ? -9.623  1.158   2.193   1.00 10.25 ? 170 ARG B N   1 
ATOM   1396 C CA  . ARG A 1 164 ? -9.033  -0.167  1.982   1.00 10.56 ? 170 ARG B CA  1 
ATOM   1397 C C   . ARG A 1 164 ? -7.506  -0.094  2.027   1.00 9.02  ? 170 ARG B C   1 
ATOM   1398 O O   . ARG A 1 164 ? -6.925  0.843   1.494   1.00 9.63  ? 170 ARG B O   1 
ATOM   1399 C CB  . ARG A 1 164 ? -9.500  -0.752  0.650   1.00 11.75 ? 170 ARG B CB  1 
ATOM   1400 C CG  . ARG A 1 164 ? -11.030 -0.929  0.660   1.00 14.88 ? 170 ARG B CG  1 
ATOM   1401 C CD  . ARG A 1 164 ? -11.630 -1.567  -0.566  1.00 15.87 ? 170 ARG B CD  1 
ATOM   1402 N NE  . ARG A 1 164 ? -11.209 -2.940  -0.614  1.00 16.06 ? 170 ARG B NE  1 
ATOM   1403 C CZ  . ARG A 1 164 ? -11.629 -3.768  -1.555  1.00 16.64 ? 170 ARG B CZ  1 
ATOM   1404 N NH1 . ARG A 1 164 ? -12.542 -3.372  -2.410  1.00 17.08 ? 170 ARG B NH1 1 
ATOM   1405 N NH2 . ARG A 1 164 ? -11.170 -4.988  -1.588  1.00 14.95 ? 170 ARG B NH2 1 
ATOM   1406 N N   . PRO A 1 165 ? -6.845  -1.118  2.585   1.00 8.76  ? 171 PRO B N   1 
ATOM   1407 C CA  . PRO A 1 165 ? -5.379  -1.203  2.441   1.00 9.00  ? 171 PRO B CA  1 
ATOM   1408 C C   . PRO A 1 165 ? -5.014  -1.264  0.945   1.00 8.93  ? 171 PRO B C   1 
ATOM   1409 O O   . PRO A 1 165 ? -5.702  -1.878  0.151   1.00 9.47  ? 171 PRO B O   1 
ATOM   1410 C CB  . PRO A 1 165 ? -5.011  -2.504  3.153   1.00 9.63  ? 171 PRO B CB  1 
ATOM   1411 C CG  . PRO A 1 165 ? -6.195  -2.743  4.125   1.00 11.09 ? 171 PRO B CG  1 
ATOM   1412 C CD  . PRO A 1 165 ? -7.387  -2.246  3.356   1.00 10.94 ? 171 PRO B CD  1 
ATOM   1413 N N   . PHE A 1 166 ? -3.944  -0.558  0.597   1.00 8.21  ? 172 PHE B N   1 
ATOM   1414 C CA  . PHE A 1 166 ? -3.515  -0.374  -0.793  1.00 8.73  ? 172 PHE B CA  1 
ATOM   1415 C C   . PHE A 1 166 ? -2.056  -0.823  -0.949  1.00 8.20  ? 172 PHE B C   1 
ATOM   1416 O O   . PHE A 1 166 ? -1.178  -0.491  -0.133  1.00 8.56  ? 172 PHE B O   1 
ATOM   1417 C CB  . PHE A 1 166 ? -3.634  1.097   -1.192  1.00 9.20  ? 172 PHE B CB  1 
ATOM   1418 C CG  . PHE A 1 166 ? -3.078  1.416   -2.557  1.00 9.08  ? 172 PHE B CG  1 
ATOM   1419 C CD1 . PHE A 1 166 ? -3.825  1.135   -3.694  1.00 10.16 ? 172 PHE B CD1 1 
ATOM   1420 C CD2 . PHE A 1 166 ? -1.819  1.962   -2.716  1.00 10.11 ? 172 PHE B CD2 1 
ATOM   1421 C CE1 . PHE A 1 166 ? -3.304  1.377   -4.951  1.00 10.59 ? 172 PHE B CE1 1 
ATOM   1422 C CE2 . PHE A 1 166 ? -1.308  2.160   -3.991  1.00 10.39 ? 172 PHE B CE2 1 
ATOM   1423 C CZ  . PHE A 1 166 ? -2.054  1.878   -5.094  1.00 11.00 ? 172 PHE B CZ  1 
ATOM   1424 N N   . PHE A 1 167 ? -1.780  -1.511  -2.068  1.00 8.17  ? 173 PHE B N   1 
ATOM   1425 C CA  . PHE A 1 167 ? -0.448  -2.095  -2.365  1.00 8.49  ? 173 PHE B CA  1 
ATOM   1426 C C   . PHE A 1 167 ? -0.124  -1.938  -3.853  1.00 8.99  ? 173 PHE B C   1 
ATOM   1427 O O   . PHE A 1 167 ? -1.014  -2.208  -4.699  1.00 9.43  ? 173 PHE B O   1 
ATOM   1428 C CB  . PHE A 1 167 ? -0.429  -3.596  -2.040  1.00 9.14  ? 173 PHE B CB  1 
ATOM   1429 C CG  . PHE A 1 167 ? -0.913  -3.934  -0.644  1.00 9.07  ? 173 PHE B CG  1 
ATOM   1430 C CD1 . PHE A 1 167 ? -2.257  -4.142  -0.386  1.00 9.07  ? 173 PHE B CD1 1 
ATOM   1431 C CD2 . PHE A 1 167 ? -0.016  -4.095  0.409   1.00 10.40 ? 173 PHE B CD2 1 
ATOM   1432 C CE1 . PHE A 1 167 ? -2.715  -4.373  0.902   1.00 9.78  ? 173 PHE B CE1 1 
ATOM   1433 C CE2 . PHE A 1 167 ? -0.475  -4.380  1.693   1.00 10.87 ? 173 PHE B CE2 1 
ATOM   1434 C CZ  . PHE A 1 167 ? -1.819  -4.546  1.918   1.00 10.49 ? 173 PHE B CZ  1 
ATOM   1435 N N   . ASN A 1 168 ? 1.132   -1.656  -4.164  1.00 8.83  ? 174 ASN B N   1 
ATOM   1436 C CA  . ASN A 1 168 ? 1.673   -1.725  -5.532  1.00 8.49  ? 174 ASN B CA  1 
ATOM   1437 C C   . ASN A 1 168 ? 3.005   -2.434  -5.411  1.00 8.33  ? 174 ASN B C   1 
ATOM   1438 O O   . ASN A 1 168 ? 3.927   -1.913  -4.764  1.00 8.68  ? 174 ASN B O   1 
ATOM   1439 C CB  . ASN A 1 168 ? 1.820   -0.345  -6.141  1.00 8.95  ? 174 ASN B CB  1 
ATOM   1440 C CG  . ASN A 1 168 ? 2.228   -0.389  -7.602  1.00 10.17 ? 174 ASN B CG  1 
ATOM   1441 O OD1 . ASN A 1 168 ? 2.508   -1.434  -8.185  1.00 11.11 ? 174 ASN B OD1 1 
ATOM   1442 N ND2 . ASN A 1 168 ? 2.281   0.759   -8.248  1.00 11.76 ? 174 ASN B ND2 1 
ATOM   1443 N N   . VAL A 1 169 ? 3.154   -3.604  -6.053  1.00 8.61  ? 175 VAL B N   1 
ATOM   1444 C CA  . VAL A 1 169 ? 4.442   -4.341  -6.038  1.00 9.45  ? 175 VAL B CA  1 
ATOM   1445 C C   . VAL A 1 169 ? 5.455   -3.718  -6.988  1.00 8.89  ? 175 VAL B C   1 
ATOM   1446 O O   . VAL A 1 169 ? 6.621   -4.135  -6.917  1.00 10.19 ? 175 VAL B O   1 
ATOM   1447 C CB  . VAL A 1 169 ? 4.275   -5.848  -6.344  1.00 9.60  ? 175 VAL B CB  1 
ATOM   1448 C CG1 . VAL A 1 169 ? 3.402   -6.553  -5.326  1.00 10.89 ? 175 VAL B CG1 1 
ATOM   1449 C CG2 . VAL A 1 169 ? 3.734   -6.093  -7.743  1.00 10.17 ? 175 VAL B CG2 1 
ATOM   1450 N N   . GLY A 1 170 ? 5.030   -2.824  -7.864  1.00 9.57  ? 176 GLY B N   1 
ATOM   1451 C CA  . GLY A 1 170 ? 5.916   -2.227  -8.881  1.00 9.89  ? 176 GLY B CA  1 
ATOM   1452 C C   . GLY A 1 170 ? 6.196   -3.147  -10.042 1.00 9.54  ? 176 GLY B C   1 
ATOM   1453 O O   . GLY A 1 170 ? 5.979   -4.337  -10.006 1.00 9.72  ? 176 GLY B O   1 
ATOM   1454 N N   . PHE A 1 171 ? 6.572   -2.516  -11.143 1.00 10.82 ? 177 PHE B N   1 
ATOM   1455 C CA  . PHE A 1 171 ? 7.061   -3.240  -12.335 1.00 10.27 ? 177 PHE B CA  1 
ATOM   1456 C C   . PHE A 1 171 ? 8.412   -3.894  -12.048 1.00 10.02 ? 177 PHE B C   1 
ATOM   1457 O O   . PHE A 1 171 ? 9.081   -3.586  -11.075 1.00 10.22 ? 177 PHE B O   1 
ATOM   1458 C CB  . PHE A 1 171 ? 7.098   -2.326  -13.569 1.00 11.61 ? 177 PHE B CB  1 
ATOM   1459 C CG  . PHE A 1 171 ? 5.734   -1.903  -14.070 1.00 12.16 ? 177 PHE B CG  1 
ATOM   1460 C CD1 . PHE A 1 171 ? 4.957   -2.780  -14.790 1.00 14.71 ? 177 PHE B CD1 1 
ATOM   1461 C CD2 . PHE A 1 171 ? 5.220   -0.648  -13.805 1.00 13.86 ? 177 PHE B CD2 1 
ATOM   1462 C CE1 . PHE A 1 171 ? 3.683   -2.411  -15.234 1.00 15.58 ? 177 PHE B CE1 1 
ATOM   1463 C CE2 . PHE A 1 171 ? 3.958   -0.286  -14.284 1.00 15.30 ? 177 PHE B CE2 1 
ATOM   1464 C CZ  . PHE A 1 171 ? 3.226   -1.160  -14.995 1.00 15.61 ? 177 PHE B CZ  1 
ATOM   1465 N N   . ASN A 1 172 ? 8.801   -4.787  -12.943 1.00 10.51 ? 178 ASN B N   1 
ATOM   1466 C CA  . ASN A 1 172 ? 10.110  -5.460  -12.820 1.00 9.88  ? 178 ASN B CA  1 
ATOM   1467 C C   . ASN A 1 172 ? 10.796  -5.373  -14.191 1.00 10.03 ? 178 ASN B C   1 
ATOM   1468 O O   . ASN A 1 172 ? 11.316  -6.395  -14.700 1.00 11.93 ? 178 ASN B O   1 
ATOM   1469 C CB  . ASN A 1 172 ? 9.951   -6.885  -12.318 1.00 10.62 ? 178 ASN B CB  1 
ATOM   1470 C CG  . ASN A 1 172 ? 11.266  -7.544  -12.035 1.00 10.28 ? 178 ASN B CG  1 
ATOM   1471 O OD1 . ASN A 1 172 ? 12.252  -6.899  -11.731 1.00 10.67 ? 178 ASN B OD1 1 
ATOM   1472 N ND2 . ASN A 1 172 ? 11.266  -8.860  -12.115 1.00 12.47 ? 178 ASN B ND2 1 
ATOM   1473 N N   . TYR A 1 173 ? 10.929  -4.208  -14.743 1.00 10.84 ? 179 TYR B N   1 
ATOM   1474 C CA  . TYR A 1 173 ? 11.721  -3.992  -15.986 1.00 10.85 ? 179 TYR B CA  1 
ATOM   1475 C C   . TYR A 1 173 ? 13.190  -4.291  -15.722 1.00 11.37 ? 179 TYR B C   1 
ATOM   1476 O O   . TYR A 1 173 ? 13.927  -4.723  -16.691 1.00 12.15 ? 179 TYR B O   1 
ATOM   1477 C CB  . TYR A 1 173 ? 11.562  -2.551  -16.497 1.00 11.51 ? 179 TYR B CB  1 
ATOM   1478 C CG  . TYR A 1 173 ? 10.183  -2.179  -16.979 1.00 13.56 ? 179 TYR B CG  1 
ATOM   1479 C CD1 . TYR A 1 173 ? 9.708   -2.597  -18.220 1.00 17.10 ? 179 TYR B CD1 1 
ATOM   1480 C CD2 . TYR A 1 173 ? 9.403   -1.315  -16.226 1.00 15.45 ? 179 TYR B CD2 1 
ATOM   1481 C CE1 . TYR A 1 173 ? 8.419   -2.271  -18.633 1.00 17.50 ? 179 TYR B CE1 1 
ATOM   1482 C CE2 . TYR A 1 173 ? 8.109   -0.978  -16.647 1.00 16.07 ? 179 TYR B CE2 1 
ATOM   1483 C CZ  . TYR A 1 173 ? 7.639   -1.465  -17.836 1.00 18.34 ? 179 TYR B CZ  1 
ATOM   1484 O OH  . TYR A 1 173 ? 6.382   -1.126  -18.303 1.00 23.96 ? 179 TYR B OH  1 
ATOM   1485 N N   . SER A 1 174 ? 13.733  -4.050  -14.543 1.00 10.67 ? 180 SER B N   1 
ATOM   1486 C CA  . SER A 1 174 ? 15.174  -4.154  -14.238 1.00 12.04 ? 180 SER B CA  1 
ATOM   1487 C C   . SER A 1 174 ? 15.607  -5.600  -13.960 1.00 11.97 ? 180 SER B C   1 
ATOM   1488 O O   . SER A 1 174 ? 16.824  -5.894  -13.941 1.00 13.60 ? 180 SER B O   1 
ATOM   1489 C CB  . SER A 1 174 ? 15.530  -3.332  -13.048 1.00 12.44 ? 180 SER B CB  1 
ATOM   1490 O OG  . SER A 1 174 ? 14.854  -3.885  -11.892 1.00 12.39 ? 180 SER B OG  1 
ATOM   1491 N N   . GLY A 1 175 ? 14.677  -6.489  -13.653 1.00 10.79 ? 181 GLY B N   1 
ATOM   1492 C CA  . GLY A 1 175 ? 15.028  -7.808  -13.121 1.00 11.57 ? 181 GLY B CA  1 
ATOM   1493 C C   . GLY A 1 175 ? 15.443  -7.768  -11.675 1.00 11.89 ? 181 GLY B C   1 
ATOM   1494 O O   . GLY A 1 175 ? 15.807  -8.837  -11.149 1.00 14.53 ? 181 GLY B O   1 
ATOM   1495 N N   . GLY A 1 176 ? 15.427  -6.620  -11.003 1.00 11.01 ? 182 GLY B N   1 
ATOM   1496 C CA  . GLY A 1 176 ? 15.816  -6.515  -9.593  1.00 11.48 ? 182 GLY B CA  1 
ATOM   1497 C C   . GLY A 1 176 ? 14.623  -6.266  -8.661  1.00 11.16 ? 182 GLY B C   1 
ATOM   1498 O O   . GLY A 1 176 ? 14.863  -6.056  -7.463  1.00 13.25 ? 182 GLY B O   1 
ATOM   1499 N N   . ASN A 1 177 ? 13.405  -6.325  -9.146  1.00 9.75  ? 183 ASN B N   1 
ATOM   1500 C CA  . ASN A 1 177 ? 12.209  -5.986  -8.341  1.00 9.57  ? 183 ASN B CA  1 
ATOM   1501 C C   . ASN A 1 177 ? 11.202  -7.133  -8.302  1.00 10.10 ? 183 ASN B C   1 
ATOM   1502 O O   . ASN A 1 177 ? 10.040  -6.857  -8.042  1.00 11.21 ? 183 ASN B O   1 
ATOM   1503 C CB  . ASN A 1 177 ? 11.539  -4.695  -8.828  1.00 9.48  ? 183 ASN B CB  1 
ATOM   1504 C CG  . ASN A 1 177 ? 10.628  -4.096  -7.764  1.00 9.51  ? 183 ASN B CG  1 
ATOM   1505 O OD1 . ASN A 1 177 ? 10.942  -4.183  -6.566  1.00 10.38 ? 183 ASN B OD1 1 
ATOM   1506 N ND2 . ASN A 1 177 ? 9.498   -3.557  -8.199  1.00 9.10  ? 183 ASN B ND2 1 
ATOM   1507 N N   . ALA A 1 178 ? 11.632  -8.387  -8.391  1.00 10.15 ? 184 ALA B N   1 
ATOM   1508 C CA  . ALA A 1 178 ? 10.689  -9.522  -8.404  1.00 11.30 ? 184 ALA B CA  1 
ATOM   1509 C C   . ALA A 1 178 ? 10.163  -9.856  -7.002  1.00 11.09 ? 184 ALA B C   1 
ATOM   1510 O O   . ALA A 1 178 ? 9.159   -10.541 -6.914  1.00 12.56 ? 184 ALA B O   1 
ATOM   1511 C CB  . ALA A 1 178 ? 11.386  -10.759 -9.015  1.00 12.89 ? 184 ALA B CB  1 
ATOM   1512 N N   . ALA A 1 179 ? 10.851  -9.432  -5.964  1.00 10.43 ? 185 ALA B N   1 
ATOM   1513 C CA  . ALA A 1 179 ? 10.483  -9.863  -4.590  1.00 11.01 ? 185 ALA B CA  1 
ATOM   1514 C C   . ALA A 1 179 ? 9.043   -9.464  -4.247  1.00 10.57 ? 185 ALA B C   1 
ATOM   1515 O O   . ALA A 1 179 ? 8.507   -8.442  -4.700  1.00 10.54 ? 185 ALA B O   1 
ATOM   1516 C CB  . ALA A 1 179 ? 11.456  -9.338  -3.567  1.00 11.66 ? 185 ALA B CB  1 
ATOM   1517 N N   . PRO A 1 180 ? 8.375   -10.260 -3.401  1.00 10.75 ? 186 PRO B N   1 
ATOM   1518 C CA  . PRO A 1 180 ? 6.993   -9.956  -3.002  1.00 10.92 ? 186 PRO B CA  1 
ATOM   1519 C C   . PRO A 1 180 ? 6.849   -8.826  -1.945  1.00 10.08 ? 186 PRO B C   1 
ATOM   1520 O O   . PRO A 1 180 ? 7.803   -8.505  -1.256  1.00 11.22 ? 186 PRO B O   1 
ATOM   1521 C CB  . PRO A 1 180 ? 6.534   -11.279 -2.340  1.00 11.69 ? 186 PRO B CB  1 
ATOM   1522 C CG  . PRO A 1 180 ? 7.804   -11.850 -1.761  1.00 13.78 ? 186 PRO B CG  1 
ATOM   1523 C CD  . PRO A 1 180 ? 8.861   -11.514 -2.805  1.00 12.48 ? 186 PRO B CD  1 
ATOM   1524 N N   . LEU A 1 181 ? 5.657   -8.265  -1.865  1.00 9.82  ? 187 LEU B N   1 
ATOM   1525 C CA  . LEU A 1 181 ? 5.182   -7.615  -0.624  1.00 10.03 ? 187 LEU B CA  1 
ATOM   1526 C C   . LEU A 1 181 ? 4.597   -8.697  0.262   1.00 10.28 ? 187 LEU B C   1 
ATOM   1527 O O   . LEU A 1 181 ? 3.795   -9.518  -0.236  1.00 12.40 ? 187 LEU B O   1 
ATOM   1528 C CB  . LEU A 1 181 ? 4.152   -6.559  -0.958  1.00 10.12 ? 187 LEU B CB  1 
ATOM   1529 C CG  . LEU A 1 181 ? 4.681   -5.348  -1.730  1.00 11.02 ? 187 LEU B CG  1 
ATOM   1530 C CD1 . LEU A 1 181 ? 3.558   -4.410  -2.160  1.00 11.57 ? 187 LEU B CD1 1 
ATOM   1531 C CD2 . LEU A 1 181 ? 5.732   -4.553  -0.985  1.00 12.23 ? 187 LEU B CD2 1 
ATOM   1532 N N   . LYS A 1 182 ? 4.871   -8.649  1.562   1.00 10.43 ? 188 LYS B N   1 
ATOM   1533 C CA  . LYS A 1 182 ? 4.324   -9.664  2.489   1.00 11.41 ? 188 LYS B CA  1 
ATOM   1534 C C   . LYS A 1 182 ? 3.695   -8.954  3.677   1.00 11.47 ? 188 LYS B C   1 
ATOM   1535 O O   . LYS A 1 182 ? 4.359   -8.123  4.330   1.00 12.25 ? 188 LYS B O   1 
ATOM   1536 C CB  . LYS A 1 182 ? 5.388   -10.650 2.998   1.00 13.40 ? 188 LYS B CB  1 
ATOM   1537 C CG  . LYS A 1 182 ? 6.247   -11.339 1.957   1.00 15.33 ? 188 LYS B CG  1 
ATOM   1538 C CD  . LYS A 1 182 ? 7.174   -12.383 2.579   1.00 19.35 ? 188 LYS B CD  1 
ATOM   1539 C CE  . LYS A 1 182 ? 8.221   -12.939 1.655   1.00 22.74 ? 188 LYS B CE  1 
ATOM   1540 N NZ  . LYS A 1 182 ? 9.108   -13.854 2.424   1.00 28.48 ? 188 LYS B NZ  1 
ATOM   1541 N N   . LEU A 1 183 ? 2.511   -9.341  4.049   1.00 11.08 ? 189 LEU B N   1 
ATOM   1542 C CA  . LEU A 1 183 ? 1.889   -8.853  5.314   1.00 11.30 ? 189 LEU B CA  1 
ATOM   1543 C C   . LEU A 1 183 ? 2.534   -9.606  6.468   1.00 12.79 ? 189 LEU B C   1 
ATOM   1544 O O   . LEU A 1 183 ? 2.454   -10.879 6.493   1.00 16.15 ? 189 LEU B O   1 
ATOM   1545 C CB  . LEU A 1 183 ? 0.375   -9.059  5.239   1.00 12.46 ? 189 LEU B CB  1 
ATOM   1546 C CG  . LEU A 1 183 ? -0.318  -7.976  4.409   1.00 13.57 ? 189 LEU B CG  1 
ATOM   1547 C CD1 . LEU A 1 183 ? -1.607  -8.400  3.742   1.00 17.20 ? 189 LEU B CD1 1 
ATOM   1548 C CD2 . LEU A 1 183 ? -0.445  -6.656  5.187   1.00 12.13 ? 189 LEU B CD2 1 
ATOM   1549 N N   . CYS A 1 184 ? 3.119   -8.877  7.400   1.00 13.81 ? 190 CYS B N   1 
ATOM   1550 C CA  . CYS A 1 184 ? 3.868   -9.473  8.541   1.00 15.97 ? 190 CYS B CA  1 
ATOM   1551 C C   . CYS A 1 184 ? 2.932   -9.928  9.636   1.00 17.03 ? 190 CYS B C   1 
ATOM   1552 O O   . CYS A 1 184 ? 1.914   -9.322  9.923   1.00 17.64 ? 190 CYS B O   1 
ATOM   1553 C CB  . CYS A 1 184 ? 4.731   -8.421  9.193   1.00 17.00 ? 190 CYS B CB  1 
ATOM   1554 S SG  . CYS A 1 184 ? 5.825   -7.553  8.072   1.00 19.76 ? 190 CYS B SG  1 
ATOM   1555 N N   . PRO A 1 185 ? 3.299   -11.024 10.343  1.00 22.23 ? 191 PRO B N   1 
ATOM   1556 C CA  . PRO A 1 185 ? 2.505   -11.499 11.462  1.00 25.32 ? 191 PRO B CA  1 
ATOM   1557 C C   . PRO A 1 185 ? 2.519   -10.474 12.598  1.00 24.90 ? 191 PRO B C   1 
ATOM   1558 O O   . PRO A 1 185 ? 3.520   -9.829  12.815  1.00 26.03 ? 191 PRO B O   1 
ATOM   1559 C CB  . PRO A 1 185 ? 3.182   -12.841 11.807  1.00 25.98 ? 191 PRO B CB  1 
ATOM   1560 C CG  . PRO A 1 185 ? 4.597   -12.686 11.366  1.00 27.27 ? 191 PRO B CG  1 
ATOM   1561 C CD  . PRO A 1 185 ? 4.504   -11.843 10.110  1.00 24.54 ? 191 PRO B CD  1 
ATOM   1562 N N   . LEU A 1 186 ? 1.382   -10.399 13.284  1.00 30.50 ? 192 LEU B N   1 
ATOM   1563 C CA  . LEU A 1 186 ? 1.135   -9.720  14.579  1.00 34.70 ? 192 LEU B CA  1 
ATOM   1564 C C   . LEU A 1 186 ? 2.016   -10.330 15.672  1.00 39.20 ? 192 LEU B C   1 
ATOM   1565 O O   . LEU A 1 186 ? 2.235   -9.633  16.669  1.00 44.82 ? 192 LEU B O   1 
ATOM   1566 C CB  . LEU A 1 186 ? -0.340  -9.912  14.951  1.00 37.09 ? 192 LEU B CB  1 
HETATM 1567 C C1  . EDO B 2 .   ? 7.785   -5.410  -16.266 1.00 25.42 ? 201 EDO B C1  1 
HETATM 1568 O O1  . EDO B 2 .   ? 7.281   -5.849  -15.006 1.00 19.02 ? 201 EDO B O1  1 
HETATM 1569 C C2  . EDO B 2 .   ? 6.826   -5.211  -17.384 1.00 32.84 ? 201 EDO B C2  1 
HETATM 1570 O O2  . EDO B 2 .   ? 5.891   -6.260  -17.524 1.00 38.94 ? 201 EDO B O2  1 
HETATM 1571 N N1  . LV4 C 3 .   ? -1.476  -1.914  -18.829 0.85 40.17 ? 202 LV4 B N1  1 
HETATM 1572 C C4  . LV4 C 3 .   ? 0.857   -3.143  -17.675 0.85 39.32 ? 202 LV4 B C4  1 
HETATM 1573 C C5  . LV4 C 3 .   ? 0.210   -3.338  -16.466 0.85 39.03 ? 202 LV4 B C5  1 
HETATM 1574 C C6  . LV4 C 3 .   ? -0.292  -1.326  -18.932 0.85 39.62 ? 202 LV4 B C6  1 
HETATM 1575 C C7  . LV4 C 3 .   ? 3.603   -4.007  -19.506 0.85 51.63 ? 202 LV4 B C7  1 
HETATM 1576 N N   . LV4 C 3 .   ? 0.792   -1.962  -18.452 0.85 39.29 ? 202 LV4 B N   1 
HETATM 1577 C C   . LV4 C 3 .   ? 0.345   -4.543  -15.789 0.85 38.34 ? 202 LV4 B C   1 
HETATM 1578 O O   . LV4 C 3 .   ? 2.275   -3.927  -19.413 0.85 46.93 ? 202 LV4 B O   1 
HETATM 1579 C C1  . LV4 C 3 .   ? 1.128   -5.549  -16.307 0.85 36.48 ? 202 LV4 B C1  1 
HETATM 1580 C C2  . LV4 C 3 .   ? 1.790   -5.375  -17.508 0.85 37.05 ? 202 LV4 B C2  1 
HETATM 1581 C C3  . LV4 C 3 .   ? 1.669   -4.171  -18.197 0.85 40.64 ? 202 LV4 B C3  1 
HETATM 1582 F F   . LV4 C 3 .   ? 4.018   -3.546  -20.676 0.85 49.17 ? 202 LV4 B F   1 
HETATM 1583 F F1  . LV4 C 3 .   ? 4.027   -5.256  -19.410 0.85 55.09 ? 202 LV4 B F1  1 
HETATM 1584 F F2  . LV4 C 3 .   ? 4.216   -3.309  -18.566 0.85 49.96 ? 202 LV4 B F2  1 
HETATM 1585 S S   . LV4 C 3 .   ? -0.142  0.199   -19.663 0.85 42.25 ? 202 LV4 B S   1 
HETATM 1586 C C1  . EDO D 2 .   ? -4.519  4.140   -24.229 1.00 33.37 ? 203 EDO B C1  1 
HETATM 1587 O O1  . EDO D 2 .   ? -4.720  3.584   -22.945 1.00 26.72 ? 203 EDO B O1  1 
HETATM 1588 C C2  . EDO D 2 .   ? -3.292  4.930   -24.307 1.00 35.99 ? 203 EDO B C2  1 
HETATM 1589 O O2  . EDO D 2 .   ? -2.172  4.092   -24.187 1.00 44.02 ? 203 EDO B O2  1 
HETATM 1590 S S   . SO4 E 4 .   ? -4.173  12.716  -12.366 1.00 37.87 ? 204 SO4 B S   1 
HETATM 1591 O O1  . SO4 E 4 .   ? -4.726  11.465  -11.953 1.00 23.67 ? 204 SO4 B O1  1 
HETATM 1592 O O2  . SO4 E 4 .   ? -4.993  13.309  -13.394 1.00 42.85 ? 204 SO4 B O2  1 
HETATM 1593 O O3  . SO4 E 4 .   ? -4.131  13.609  -11.220 1.00 43.38 ? 204 SO4 B O3  1 
HETATM 1594 O O4  . SO4 E 4 .   ? -2.826  12.523  -12.867 1.00 39.92 ? 204 SO4 B O4  1 
HETATM 1595 O O   . HOH F 5 .   ? -3.662  -14.566 -7.359  1.00 18.70 ? 301 HOH B O   1 
HETATM 1596 O O   . HOH F 5 .   ? 9.883   -16.231 -16.148 1.00 36.28 ? 302 HOH B O   1 
HETATM 1597 O O   . HOH F 5 .   ? 13.419  -7.833  -5.755  1.00 15.68 ? 303 HOH B O   1 
HETATM 1598 O O   . HOH F 5 .   ? 7.980   -12.008 -8.923  1.00 16.96 ? 304 HOH B O   1 
HETATM 1599 O O   . HOH F 5 .   ? 1.223   12.515  -6.098  1.00 25.69 ? 305 HOH B O   1 
HETATM 1600 O O   . HOH F 5 .   ? -13.861 0.193   -12.997 1.00 28.07 ? 306 HOH B O   1 
HETATM 1601 O O   . HOH F 5 .   ? -8.718  9.356   -10.137 1.00 28.34 ? 307 HOH B O   1 
HETATM 1602 O O   . HOH F 5 .   ? 12.777  -5.456  -18.999 1.00 23.08 ? 308 HOH B O   1 
HETATM 1603 O O   . HOH F 5 .   ? 1.459   1.677   -16.766 1.00 26.48 ? 309 HOH B O   1 
HETATM 1604 O O   . HOH F 5 .   ? -7.866  -5.064  -15.991 1.00 24.79 ? 310 HOH B O   1 
HETATM 1605 O O   . HOH F 5 .   ? 7.596   -6.524  -9.210  1.00 13.51 ? 311 HOH B O   1 
HETATM 1606 O O   . HOH F 5 .   ? -5.125  1.446   -13.767 1.00 13.97 ? 312 HOH B O   1 
HETATM 1607 O O   . HOH F 5 .   ? -8.812  -19.511 -15.266 1.00 25.82 ? 313 HOH B O   1 
HETATM 1608 O O   . HOH F 5 .   ? -9.602  7.884   -7.942  1.00 17.73 ? 314 HOH B O   1 
HETATM 1609 O O   . HOH F 5 .   ? 3.057   4.562   -8.576  1.00 31.87 ? 315 HOH B O   1 
HETATM 1610 O O   . HOH F 5 .   ? -8.021  -10.913 -18.060 1.00 20.30 ? 316 HOH B O   1 
HETATM 1611 O O   . HOH F 5 .   ? 6.799   -8.381  -7.270  1.00 12.87 ? 317 HOH B O   1 
HETATM 1612 O O   . HOH F 5 .   ? -12.605 -11.837 -12.521 1.00 21.10 ? 318 HOH B O   1 
HETATM 1613 O O   . HOH F 5 .   ? -4.217  4.544   -20.315 1.00 15.69 ? 319 HOH B O   1 
HETATM 1614 O O   . HOH F 5 .   ? -8.828  -13.440 -9.427  1.00 25.69 ? 320 HOH B O   1 
HETATM 1615 O O   . HOH F 5 .   ? 8.785   -10.291 -12.317 1.00 28.08 ? 321 HOH B O   1 
HETATM 1616 O O   . HOH F 5 .   ? -5.732  6.873   -19.016 1.00 22.16 ? 322 HOH B O   1 
HETATM 1617 O O   . HOH F 5 .   ? -11.004 -15.839 -13.531 1.00 33.56 ? 323 HOH B O   1 
HETATM 1618 O O   . HOH F 5 .   ? 7.043   -8.717  -14.913 1.00 26.15 ? 324 HOH B O   1 
HETATM 1619 O O   . HOH F 5 .   ? -0.128  3.789   -17.653 1.00 33.61 ? 325 HOH B O   1 
HETATM 1620 O O   . HOH F 5 .   ? 2.712   -14.619 -3.929  1.00 21.80 ? 326 HOH B O   1 
HETATM 1621 O O   . HOH F 5 .   ? 13.323  2.139   -9.330  1.00 19.17 ? 327 HOH B O   1 
HETATM 1622 O O   . HOH F 5 .   ? 14.427  -9.419  -8.599  1.00 14.58 ? 328 HOH B O   1 
HETATM 1623 O O   . HOH F 5 .   ? 3.436   1.456   -10.902 1.00 29.83 ? 329 HOH B O   1 
HETATM 1624 O O   . HOH F 5 .   ? -10.018 -3.588  -17.877 1.00 24.30 ? 330 HOH B O   1 
HETATM 1625 O O   . HOH F 5 .   ? -5.559  -6.136  -14.867 1.00 20.79 ? 331 HOH B O   1 
HETATM 1626 O O   . HOH F 5 .   ? 13.358  -11.002 -12.765 1.00 19.60 ? 332 HOH B O   1 
HETATM 1627 O O   . HOH F 5 .   ? 7.725   0.346   -10.869 1.00 13.06 ? 333 HOH B O   1 
HETATM 1628 O O   . HOH F 5 .   ? -11.841 -1.718  -18.686 1.00 38.93 ? 334 HOH B O   1 
HETATM 1629 O O   . HOH F 5 .   ? 3.905   3.318   -12.803 1.00 26.41 ? 335 HOH B O   1 
# 
